data_2VUV
# 
_entry.id   2VUV 
# 
_audit_conform.dict_name       mmcif_pdbx.dic 
_audit_conform.dict_version    5.391 
_audit_conform.dict_location   http://mmcif.pdb.org/dictionaries/ascii/mmcif_pdbx.dic 
# 
loop_
_database_2.database_id 
_database_2.database_code 
_database_2.pdbx_database_accession 
_database_2.pdbx_DOI 
PDB   2VUV         pdb_00002vuv 10.2210/pdb2vuv/pdb 
PDBE  EBI-36423    ?            ?                   
WWPDB D_1290036423 ?            ?                   
# 
loop_
_pdbx_audit_revision_history.ordinal 
_pdbx_audit_revision_history.data_content_type 
_pdbx_audit_revision_history.major_revision 
_pdbx_audit_revision_history.minor_revision 
_pdbx_audit_revision_history.revision_date 
1 'Structure model' 1 0 2008-08-05 
2 'Structure model' 1 1 2011-05-08 
3 'Structure model' 1 2 2011-07-13 
4 'Structure model' 1 3 2024-05-01 
# 
_pdbx_audit_revision_details.ordinal             1 
_pdbx_audit_revision_details.revision_ordinal    1 
_pdbx_audit_revision_details.data_content_type   'Structure model' 
_pdbx_audit_revision_details.provider            repository 
_pdbx_audit_revision_details.type                'Initial release' 
_pdbx_audit_revision_details.description         ? 
_pdbx_audit_revision_details.details             ? 
# 
loop_
_pdbx_audit_revision_group.ordinal 
_pdbx_audit_revision_group.revision_ordinal 
_pdbx_audit_revision_group.data_content_type 
_pdbx_audit_revision_group.group 
1 2 'Structure model' 'Version format compliance' 
2 3 'Structure model' 'Version format compliance' 
3 4 'Structure model' 'Data collection'           
4 4 'Structure model' 'Database references'       
5 4 'Structure model' 'Derived calculations'      
6 4 'Structure model' Other                       
7 4 'Structure model' 'Refinement description'    
# 
loop_
_pdbx_audit_revision_category.ordinal 
_pdbx_audit_revision_category.revision_ordinal 
_pdbx_audit_revision_category.data_content_type 
_pdbx_audit_revision_category.category 
1 4 'Structure model' chem_comp_atom                
2 4 'Structure model' chem_comp_bond                
3 4 'Structure model' database_2                    
4 4 'Structure model' pdbx_database_status          
5 4 'Structure model' pdbx_initial_refinement_model 
6 4 'Structure model' pdbx_struct_conn_angle        
7 4 'Structure model' struct_conn                   
8 4 'Structure model' struct_site                   
# 
loop_
_pdbx_audit_revision_item.ordinal 
_pdbx_audit_revision_item.revision_ordinal 
_pdbx_audit_revision_item.data_content_type 
_pdbx_audit_revision_item.item 
1  4 'Structure model' '_database_2.pdbx_DOI'                        
2  4 'Structure model' '_database_2.pdbx_database_accession'         
3  4 'Structure model' '_pdbx_database_status.status_code_sf'        
4  4 'Structure model' '_pdbx_struct_conn_angle.ptnr1_auth_comp_id'  
5  4 'Structure model' '_pdbx_struct_conn_angle.ptnr1_auth_seq_id'   
6  4 'Structure model' '_pdbx_struct_conn_angle.ptnr1_label_asym_id' 
7  4 'Structure model' '_pdbx_struct_conn_angle.ptnr1_label_atom_id' 
8  4 'Structure model' '_pdbx_struct_conn_angle.ptnr1_label_comp_id' 
9  4 'Structure model' '_pdbx_struct_conn_angle.ptnr1_label_seq_id'  
10 4 'Structure model' '_pdbx_struct_conn_angle.ptnr3_auth_comp_id'  
11 4 'Structure model' '_pdbx_struct_conn_angle.ptnr3_auth_seq_id'   
12 4 'Structure model' '_pdbx_struct_conn_angle.ptnr3_label_asym_id' 
13 4 'Structure model' '_pdbx_struct_conn_angle.ptnr3_label_atom_id' 
14 4 'Structure model' '_pdbx_struct_conn_angle.ptnr3_label_comp_id' 
15 4 'Structure model' '_pdbx_struct_conn_angle.ptnr3_label_seq_id'  
16 4 'Structure model' '_pdbx_struct_conn_angle.value'               
17 4 'Structure model' '_struct_conn.pdbx_dist_value'                
18 4 'Structure model' '_struct_conn.pdbx_leaving_atom_flag'         
19 4 'Structure model' '_struct_conn.ptnr1_auth_comp_id'             
20 4 'Structure model' '_struct_conn.ptnr1_auth_seq_id'              
21 4 'Structure model' '_struct_conn.ptnr1_label_asym_id'            
22 4 'Structure model' '_struct_conn.ptnr1_label_atom_id'            
23 4 'Structure model' '_struct_conn.ptnr1_label_comp_id'            
24 4 'Structure model' '_struct_conn.ptnr1_label_seq_id'             
25 4 'Structure model' '_struct_conn.ptnr2_auth_comp_id'             
26 4 'Structure model' '_struct_conn.ptnr2_auth_seq_id'              
27 4 'Structure model' '_struct_conn.ptnr2_label_asym_id'            
28 4 'Structure model' '_struct_conn.ptnr2_label_atom_id'            
29 4 'Structure model' '_struct_conn.ptnr2_label_comp_id'            
30 4 'Structure model' '_struct_conn.ptnr2_label_seq_id'             
31 4 'Structure model' '_struct_site.pdbx_auth_asym_id'              
32 4 'Structure model' '_struct_site.pdbx_auth_comp_id'              
33 4 'Structure model' '_struct_site.pdbx_auth_seq_id'               
# 
_pdbx_database_status.status_code                     REL 
_pdbx_database_status.entry_id                        2VUV 
_pdbx_database_status.deposit_site                    PDBE 
_pdbx_database_status.process_site                    PDBE 
_pdbx_database_status.SG_entry                        . 
_pdbx_database_status.recvd_initial_deposition_date   2008-05-30 
_pdbx_database_status.pdb_format_compatible           Y 
_pdbx_database_status.status_code_sf                  REL 
_pdbx_database_status.status_code_mr                  ? 
_pdbx_database_status.status_code_cs                  ? 
_pdbx_database_status.methods_development_category    ? 
_pdbx_database_status.status_code_nmr_data            ? 
# 
_pdbx_database_related.db_name        PDB 
_pdbx_database_related.db_id          2VUZ 
_pdbx_database_related.content_type   unspecified 
_pdbx_database_related.details        'CRYSTAL STRUCTURE OF CODAKINE IN COMPLEX WITH BIANTENNARY NONASACCHARIDE AT 1.7A RESOLUTION' 
# 
loop_
_audit_author.name 
_audit_author.pdbx_ordinal 
'Gourdine, J.P.'    1 
'Cioci, G.C.'       2 
'Miguet, L.'        3 
'Unverzagt, C.'     4 
'Varrot, A.'        5 
'Gauthier, C.'      6 
'Smith-Ravin, E.J.' 7 
'Imberty, A.'       8 
# 
_citation.id                        primary 
_citation.title                     
;High Affinity Interaction between a Bivalve C-Type Lectin and a Biantennary Complex-Type N-Glycan Revealed by Crystallography and Microcalorimetry.
;
_citation.journal_abbrev            J.Biol.Chem. 
_citation.journal_volume            283 
_citation.page_first                30112 
_citation.page_last                 ? 
_citation.year                      2008 
_citation.journal_id_ASTM           JBCHA3 
_citation.country                   US 
_citation.journal_id_ISSN           0021-9258 
_citation.journal_id_CSD            0071 
_citation.book_publisher            ? 
_citation.pdbx_database_id_PubMed   18687680 
_citation.pdbx_database_id_DOI      10.1074/JBC.M804353200 
# 
loop_
_citation_author.citation_id 
_citation_author.name 
_citation_author.ordinal 
_citation_author.identifier_ORCID 
primary 'Gourdine, J.P.'    1 ? 
primary 'Cioci, G.C.'       2 ? 
primary 'Miguet, L.'        3 ? 
primary 'Unverzagt, C.'     4 ? 
primary 'Silva, D.V.'       5 ? 
primary 'Varrot, A.'        6 ? 
primary 'Gautier, C.'       7 ? 
primary 'Smith-Ravin, E.J.' 8 ? 
primary 'Imberty, A.'       9 ? 
# 
loop_
_entity.id 
_entity.type 
_entity.src_method 
_entity.pdbx_description 
_entity.formula_weight 
_entity.pdbx_number_of_molecules 
_entity.pdbx_ec 
_entity.pdbx_mutation 
_entity.pdbx_fragment 
_entity.details 
1 polymer     nat CODAKINE      14187.471 1   ? ? 'RESIDUES 20-148' ? 
2 non-polymer syn 'CALCIUM ION' 40.078    1   ? ? ?                 ? 
3 non-polymer syn GLYCEROL      92.094    2   ? ? ?                 ? 
4 non-polymer syn 'CITRIC ACID' 192.124   1   ? ? ?                 ? 
5 water       nat water         18.015    174 ? ? ?                 ? 
# 
_entity_poly.entity_id                      1 
_entity_poly.type                           'polypeptide(L)' 
_entity_poly.nstd_linkage                   no 
_entity_poly.nstd_monomer                   yes 
_entity_poly.pdbx_seq_one_letter_code       
;GCPDGWTQFLDLCYIYQSAKASWASAQSSCQALGGILAEPDTACENEVLIHMCKENGDAGSFGPWLGGQKVGGAWQWSSS
GAAFDYLRWG(HYP)NEPNNSGGNEDCLHYNWLSWNDLRCHYQASYLCQRAAE
;
_entity_poly.pdbx_seq_one_letter_code_can   
;GCPDGWTQFLDLCYIYQSAKASWASAQSSCQALGGILAEPDTACENEVLIHMCKENGDAGSFGPWLGGQKVGGAWQWSSS
GAAFDYLRWGPNEPNNSGGNEDCLHYNWLSWNDLRCHYQASYLCQRAAE
;
_entity_poly.pdbx_strand_id                 A 
_entity_poly.pdbx_target_identifier         ? 
# 
loop_
_pdbx_entity_nonpoly.entity_id 
_pdbx_entity_nonpoly.name 
_pdbx_entity_nonpoly.comp_id 
2 'CALCIUM ION' CA  
3 GLYCEROL      GOL 
4 'CITRIC ACID' CIT 
5 water         HOH 
# 
loop_
_entity_poly_seq.entity_id 
_entity_poly_seq.num 
_entity_poly_seq.mon_id 
_entity_poly_seq.hetero 
1 1   GLY n 
1 2   CYS n 
1 3   PRO n 
1 4   ASP n 
1 5   GLY n 
1 6   TRP n 
1 7   THR n 
1 8   GLN n 
1 9   PHE n 
1 10  LEU n 
1 11  ASP n 
1 12  LEU n 
1 13  CYS n 
1 14  TYR n 
1 15  ILE n 
1 16  TYR n 
1 17  GLN n 
1 18  SER n 
1 19  ALA n 
1 20  LYS n 
1 21  ALA n 
1 22  SER n 
1 23  TRP n 
1 24  ALA n 
1 25  SER n 
1 26  ALA n 
1 27  GLN n 
1 28  SER n 
1 29  SER n 
1 30  CYS n 
1 31  GLN n 
1 32  ALA n 
1 33  LEU n 
1 34  GLY n 
1 35  GLY n 
1 36  ILE n 
1 37  LEU n 
1 38  ALA n 
1 39  GLU n 
1 40  PRO n 
1 41  ASP n 
1 42  THR n 
1 43  ALA n 
1 44  CYS n 
1 45  GLU n 
1 46  ASN n 
1 47  GLU n 
1 48  VAL n 
1 49  LEU n 
1 50  ILE n 
1 51  HIS n 
1 52  MET n 
1 53  CYS n 
1 54  LYS n 
1 55  GLU n 
1 56  ASN n 
1 57  GLY n 
1 58  ASP n 
1 59  ALA n 
1 60  GLY n 
1 61  SER n 
1 62  PHE n 
1 63  GLY n 
1 64  PRO n 
1 65  TRP n 
1 66  LEU n 
1 67  GLY n 
1 68  GLY n 
1 69  GLN n 
1 70  LYS n 
1 71  VAL n 
1 72  GLY n 
1 73  GLY n 
1 74  ALA n 
1 75  TRP n 
1 76  GLN n 
1 77  TRP n 
1 78  SER n 
1 79  SER n 
1 80  SER n 
1 81  GLY n 
1 82  ALA n 
1 83  ALA n 
1 84  PHE n 
1 85  ASP n 
1 86  TYR n 
1 87  LEU n 
1 88  ARG n 
1 89  TRP n 
1 90  GLY n 
1 91  HYP n 
1 92  ASN n 
1 93  GLU n 
1 94  PRO n 
1 95  ASN n 
1 96  ASN n 
1 97  SER n 
1 98  GLY n 
1 99  GLY n 
1 100 ASN n 
1 101 GLU n 
1 102 ASP n 
1 103 CYS n 
1 104 LEU n 
1 105 HIS n 
1 106 TYR n 
1 107 ASN n 
1 108 TRP n 
1 109 LEU n 
1 110 SER n 
1 111 TRP n 
1 112 ASN n 
1 113 ASP n 
1 114 LEU n 
1 115 ARG n 
1 116 CYS n 
1 117 HIS n 
1 118 TYR n 
1 119 GLN n 
1 120 ALA n 
1 121 SER n 
1 122 TYR n 
1 123 LEU n 
1 124 CYS n 
1 125 GLN n 
1 126 ARG n 
1 127 ALA n 
1 128 ALA n 
1 129 GLU n 
# 
_entity_src_nat.entity_id                  1 
_entity_src_nat.pdbx_src_id                1 
_entity_src_nat.pdbx_alt_source_flag       sample 
_entity_src_nat.pdbx_beg_seq_num           ? 
_entity_src_nat.pdbx_end_seq_num           ? 
_entity_src_nat.common_name                ? 
_entity_src_nat.pdbx_organism_scientific   'CODAKIA ORBICULARIS' 
_entity_src_nat.pdbx_ncbi_taxonomy_id      13016 
_entity_src_nat.genus                      ? 
_entity_src_nat.species                    ? 
_entity_src_nat.strain                     ? 
_entity_src_nat.tissue                     ? 
_entity_src_nat.tissue_fraction            ? 
_entity_src_nat.pdbx_secretion             ? 
_entity_src_nat.pdbx_fragment              ? 
_entity_src_nat.pdbx_variant               ? 
_entity_src_nat.pdbx_cell_line             ? 
_entity_src_nat.pdbx_atcc                  ? 
_entity_src_nat.pdbx_cellular_location     ? 
_entity_src_nat.pdbx_organ                 ? 
_entity_src_nat.pdbx_organelle             ? 
_entity_src_nat.pdbx_cell                  ? 
_entity_src_nat.pdbx_plasmid_name          ? 
_entity_src_nat.pdbx_plasmid_details       ? 
_entity_src_nat.details                    ? 
# 
loop_
_chem_comp.id 
_chem_comp.type 
_chem_comp.mon_nstd_flag 
_chem_comp.name 
_chem_comp.pdbx_synonyms 
_chem_comp.formula 
_chem_comp.formula_weight 
ALA 'L-peptide linking' y ALANINE          ?                               'C3 H7 N O2'     89.093  
ARG 'L-peptide linking' y ARGININE         ?                               'C6 H15 N4 O2 1' 175.209 
ASN 'L-peptide linking' y ASPARAGINE       ?                               'C4 H8 N2 O3'    132.118 
ASP 'L-peptide linking' y 'ASPARTIC ACID'  ?                               'C4 H7 N O4'     133.103 
CA  non-polymer         . 'CALCIUM ION'    ?                               'Ca 2'           40.078  
CIT non-polymer         . 'CITRIC ACID'    ?                               'C6 H8 O7'       192.124 
CYS 'L-peptide linking' y CYSTEINE         ?                               'C3 H7 N O2 S'   121.158 
GLN 'L-peptide linking' y GLUTAMINE        ?                               'C5 H10 N2 O3'   146.144 
GLU 'L-peptide linking' y 'GLUTAMIC ACID'  ?                               'C5 H9 N O4'     147.129 
GLY 'peptide linking'   y GLYCINE          ?                               'C2 H5 N O2'     75.067  
GOL non-polymer         . GLYCEROL         'GLYCERIN; PROPANE-1,2,3-TRIOL' 'C3 H8 O3'       92.094  
HIS 'L-peptide linking' y HISTIDINE        ?                               'C6 H10 N3 O2 1' 156.162 
HOH non-polymer         . WATER            ?                               'H2 O'           18.015  
HYP 'L-peptide linking' n 4-HYDROXYPROLINE HYDROXYPROLINE                  'C5 H9 N O3'     131.130 
ILE 'L-peptide linking' y ISOLEUCINE       ?                               'C6 H13 N O2'    131.173 
LEU 'L-peptide linking' y LEUCINE          ?                               'C6 H13 N O2'    131.173 
LYS 'L-peptide linking' y LYSINE           ?                               'C6 H15 N2 O2 1' 147.195 
MET 'L-peptide linking' y METHIONINE       ?                               'C5 H11 N O2 S'  149.211 
PHE 'L-peptide linking' y PHENYLALANINE    ?                               'C9 H11 N O2'    165.189 
PRO 'L-peptide linking' y PROLINE          ?                               'C5 H9 N O2'     115.130 
SER 'L-peptide linking' y SERINE           ?                               'C3 H7 N O3'     105.093 
THR 'L-peptide linking' y THREONINE        ?                               'C4 H9 N O3'     119.119 
TRP 'L-peptide linking' y TRYPTOPHAN       ?                               'C11 H12 N2 O2'  204.225 
TYR 'L-peptide linking' y TYROSINE         ?                               'C9 H11 N O3'    181.189 
VAL 'L-peptide linking' y VALINE           ?                               'C5 H11 N O2'    117.146 
# 
loop_
_pdbx_poly_seq_scheme.asym_id 
_pdbx_poly_seq_scheme.entity_id 
_pdbx_poly_seq_scheme.seq_id 
_pdbx_poly_seq_scheme.mon_id 
_pdbx_poly_seq_scheme.ndb_seq_num 
_pdbx_poly_seq_scheme.pdb_seq_num 
_pdbx_poly_seq_scheme.auth_seq_num 
_pdbx_poly_seq_scheme.pdb_mon_id 
_pdbx_poly_seq_scheme.auth_mon_id 
_pdbx_poly_seq_scheme.pdb_strand_id 
_pdbx_poly_seq_scheme.pdb_ins_code 
_pdbx_poly_seq_scheme.hetero 
A 1 1   GLY 1   1   1   GLY GLY A . n 
A 1 2   CYS 2   2   2   CYS CYS A . n 
A 1 3   PRO 3   3   3   PRO PRO A . n 
A 1 4   ASP 4   4   4   ASP ASP A . n 
A 1 5   GLY 5   5   5   GLY GLY A . n 
A 1 6   TRP 6   6   6   TRP TRP A . n 
A 1 7   THR 7   7   7   THR THR A . n 
A 1 8   GLN 8   8   8   GLN GLN A . n 
A 1 9   PHE 9   9   9   PHE PHE A . n 
A 1 10  LEU 10  10  10  LEU LEU A . n 
A 1 11  ASP 11  11  11  ASP ASP A . n 
A 1 12  LEU 12  12  12  LEU LEU A . n 
A 1 13  CYS 13  13  13  CYS CYS A . n 
A 1 14  TYR 14  14  14  TYR TYR A . n 
A 1 15  ILE 15  15  15  ILE ILE A . n 
A 1 16  TYR 16  16  16  TYR TYR A . n 
A 1 17  GLN 17  17  17  GLN GLN A . n 
A 1 18  SER 18  18  18  SER SER A . n 
A 1 19  ALA 19  19  19  ALA ALA A . n 
A 1 20  LYS 20  20  20  LYS LYS A . n 
A 1 21  ALA 21  21  21  ALA ALA A . n 
A 1 22  SER 22  22  22  SER SER A . n 
A 1 23  TRP 23  23  23  TRP TRP A . n 
A 1 24  ALA 24  24  24  ALA ALA A . n 
A 1 25  SER 25  25  25  SER SER A . n 
A 1 26  ALA 26  26  26  ALA ALA A . n 
A 1 27  GLN 27  27  27  GLN GLN A . n 
A 1 28  SER 28  28  28  SER SER A . n 
A 1 29  SER 29  29  29  SER SER A . n 
A 1 30  CYS 30  30  30  CYS CYS A . n 
A 1 31  GLN 31  31  31  GLN GLN A . n 
A 1 32  ALA 32  32  32  ALA ALA A . n 
A 1 33  LEU 33  33  33  LEU LEU A . n 
A 1 34  GLY 34  34  34  GLY GLY A . n 
A 1 35  GLY 35  35  35  GLY GLY A . n 
A 1 36  ILE 36  36  36  ILE ILE A . n 
A 1 37  LEU 37  37  37  LEU LEU A . n 
A 1 38  ALA 38  38  38  ALA ALA A . n 
A 1 39  GLU 39  39  39  GLU GLU A . n 
A 1 40  PRO 40  40  40  PRO PRO A . n 
A 1 41  ASP 41  41  41  ASP ASP A . n 
A 1 42  THR 42  42  42  THR THR A . n 
A 1 43  ALA 43  43  43  ALA ALA A . n 
A 1 44  CYS 44  44  44  CYS CYS A . n 
A 1 45  GLU 45  45  45  GLU GLU A . n 
A 1 46  ASN 46  46  46  ASN ASN A . n 
A 1 47  GLU 47  47  47  GLU GLU A . n 
A 1 48  VAL 48  48  48  VAL VAL A . n 
A 1 49  LEU 49  49  49  LEU LEU A . n 
A 1 50  ILE 50  50  50  ILE ILE A . n 
A 1 51  HIS 51  51  51  HIS HIS A . n 
A 1 52  MET 52  52  52  MET MET A . n 
A 1 53  CYS 53  53  53  CYS CYS A . n 
A 1 54  LYS 54  54  54  LYS LYS A . n 
A 1 55  GLU 55  55  55  GLU GLU A . n 
A 1 56  ASN 56  56  56  ASN ASN A . n 
A 1 57  GLY 57  57  57  GLY GLY A . n 
A 1 58  ASP 58  58  58  ASP ASP A . n 
A 1 59  ALA 59  59  59  ALA ALA A . n 
A 1 60  GLY 60  60  60  GLY GLY A . n 
A 1 61  SER 61  61  61  SER SER A . n 
A 1 62  PHE 62  62  62  PHE PHE A . n 
A 1 63  GLY 63  63  63  GLY GLY A . n 
A 1 64  PRO 64  64  64  PRO PRO A . n 
A 1 65  TRP 65  65  65  TRP TRP A . n 
A 1 66  LEU 66  66  66  LEU LEU A . n 
A 1 67  GLY 67  67  67  GLY GLY A . n 
A 1 68  GLY 68  68  68  GLY GLY A . n 
A 1 69  GLN 69  69  69  GLN GLN A . n 
A 1 70  LYS 70  70  70  LYS LYS A . n 
A 1 71  VAL 71  71  71  VAL VAL A . n 
A 1 72  GLY 72  72  72  GLY GLY A . n 
A 1 73  GLY 73  73  73  GLY GLY A . n 
A 1 74  ALA 74  74  74  ALA ALA A . n 
A 1 75  TRP 75  75  75  TRP TRP A . n 
A 1 76  GLN 76  76  76  GLN GLN A . n 
A 1 77  TRP 77  77  77  TRP TRP A . n 
A 1 78  SER 78  78  78  SER SER A . n 
A 1 79  SER 79  79  79  SER SER A . n 
A 1 80  SER 80  80  80  SER SER A . n 
A 1 81  GLY 81  81  81  GLY GLY A . n 
A 1 82  ALA 82  82  82  ALA ALA A . n 
A 1 83  ALA 83  83  83  ALA ALA A . n 
A 1 84  PHE 84  84  84  PHE PHE A . n 
A 1 85  ASP 85  85  85  ASP ASP A . n 
A 1 86  TYR 86  86  86  TYR TYR A . n 
A 1 87  LEU 87  87  87  LEU LEU A . n 
A 1 88  ARG 88  88  88  ARG ARG A . n 
A 1 89  TRP 89  89  89  TRP TRP A . n 
A 1 90  GLY 90  90  90  GLY GLY A . n 
A 1 91  HYP 91  91  91  HYP HYP A . n 
A 1 92  ASN 92  92  92  ASN ASN A . n 
A 1 93  GLU 93  93  93  GLU GLU A . n 
A 1 94  PRO 94  94  94  PRO PRO A . n 
A 1 95  ASN 95  95  95  ASN ASN A . n 
A 1 96  ASN 96  96  96  ASN ASN A . n 
A 1 97  SER 97  97  97  SER SER A . n 
A 1 98  GLY 98  98  98  GLY GLY A . n 
A 1 99  GLY 99  99  99  GLY GLY A . n 
A 1 100 ASN 100 100 100 ASN ASN A . n 
A 1 101 GLU 101 101 101 GLU GLU A . n 
A 1 102 ASP 102 102 102 ASP ASP A . n 
A 1 103 CYS 103 103 103 CYS CYS A . n 
A 1 104 LEU 104 104 104 LEU LEU A . n 
A 1 105 HIS 105 105 105 HIS HIS A . n 
A 1 106 TYR 106 106 106 TYR TYR A . n 
A 1 107 ASN 107 107 107 ASN ASN A . n 
A 1 108 TRP 108 108 108 TRP TRP A . n 
A 1 109 LEU 109 109 109 LEU LEU A . n 
A 1 110 SER 110 110 110 SER SER A . n 
A 1 111 TRP 111 111 111 TRP TRP A . n 
A 1 112 ASN 112 112 112 ASN ASN A . n 
A 1 113 ASP 113 113 113 ASP ASP A . n 
A 1 114 LEU 114 114 114 LEU LEU A . n 
A 1 115 ARG 115 115 115 ARG ARG A . n 
A 1 116 CYS 116 116 116 CYS CYS A . n 
A 1 117 HIS 117 117 117 HIS HIS A . n 
A 1 118 TYR 118 118 118 TYR TYR A . n 
A 1 119 GLN 119 119 119 GLN GLN A . n 
A 1 120 ALA 120 120 120 ALA ALA A . n 
A 1 121 SER 121 121 121 SER SER A . n 
A 1 122 TYR 122 122 122 TYR TYR A . n 
A 1 123 LEU 123 123 123 LEU LEU A . n 
A 1 124 CYS 124 124 124 CYS CYS A . n 
A 1 125 GLN 125 125 125 GLN GLN A . n 
A 1 126 ARG 126 126 126 ARG ARG A . n 
A 1 127 ALA 127 127 127 ALA ALA A . n 
A 1 128 ALA 128 128 128 ALA ALA A . n 
A 1 129 GLU 129 129 129 GLU GLU A . n 
# 
loop_
_pdbx_nonpoly_scheme.asym_id 
_pdbx_nonpoly_scheme.entity_id 
_pdbx_nonpoly_scheme.mon_id 
_pdbx_nonpoly_scheme.ndb_seq_num 
_pdbx_nonpoly_scheme.pdb_seq_num 
_pdbx_nonpoly_scheme.auth_seq_num 
_pdbx_nonpoly_scheme.pdb_mon_id 
_pdbx_nonpoly_scheme.auth_mon_id 
_pdbx_nonpoly_scheme.pdb_strand_id 
_pdbx_nonpoly_scheme.pdb_ins_code 
B 2 CA  1   200  200  CA  CA  A . 
C 3 GOL 1   300  300  GOL GOL A . 
D 3 GOL 1   400  400  GOL GOL A . 
E 4 CIT 1   500  500  CIT CIT A . 
F 5 HOH 1   2001 2001 HOH HOH A . 
F 5 HOH 2   2002 2002 HOH HOH A . 
F 5 HOH 3   2003 2003 HOH HOH A . 
F 5 HOH 4   2004 2004 HOH HOH A . 
F 5 HOH 5   2005 2005 HOH HOH A . 
F 5 HOH 6   2006 2006 HOH HOH A . 
F 5 HOH 7   2007 2007 HOH HOH A . 
F 5 HOH 8   2008 2008 HOH HOH A . 
F 5 HOH 9   2009 2009 HOH HOH A . 
F 5 HOH 10  2010 2010 HOH HOH A . 
F 5 HOH 11  2011 2011 HOH HOH A . 
F 5 HOH 12  2012 2012 HOH HOH A . 
F 5 HOH 13  2013 2013 HOH HOH A . 
F 5 HOH 14  2014 2014 HOH HOH A . 
F 5 HOH 15  2015 2015 HOH HOH A . 
F 5 HOH 16  2016 2016 HOH HOH A . 
F 5 HOH 17  2017 2017 HOH HOH A . 
F 5 HOH 18  2018 2018 HOH HOH A . 
F 5 HOH 19  2019 2019 HOH HOH A . 
F 5 HOH 20  2020 2020 HOH HOH A . 
F 5 HOH 21  2021 2021 HOH HOH A . 
F 5 HOH 22  2022 2022 HOH HOH A . 
F 5 HOH 23  2023 2023 HOH HOH A . 
F 5 HOH 24  2024 2024 HOH HOH A . 
F 5 HOH 25  2025 2025 HOH HOH A . 
F 5 HOH 26  2026 2026 HOH HOH A . 
F 5 HOH 27  2027 2027 HOH HOH A . 
F 5 HOH 28  2028 2028 HOH HOH A . 
F 5 HOH 29  2029 2029 HOH HOH A . 
F 5 HOH 30  2030 2030 HOH HOH A . 
F 5 HOH 31  2031 2031 HOH HOH A . 
F 5 HOH 32  2032 2032 HOH HOH A . 
F 5 HOH 33  2033 2033 HOH HOH A . 
F 5 HOH 34  2034 2034 HOH HOH A . 
F 5 HOH 35  2035 2035 HOH HOH A . 
F 5 HOH 36  2036 2036 HOH HOH A . 
F 5 HOH 37  2037 2037 HOH HOH A . 
F 5 HOH 38  2038 2038 HOH HOH A . 
F 5 HOH 39  2039 2039 HOH HOH A . 
F 5 HOH 40  2040 2040 HOH HOH A . 
F 5 HOH 41  2041 2041 HOH HOH A . 
F 5 HOH 42  2042 2042 HOH HOH A . 
F 5 HOH 43  2043 2043 HOH HOH A . 
F 5 HOH 44  2044 2044 HOH HOH A . 
F 5 HOH 45  2045 2045 HOH HOH A . 
F 5 HOH 46  2046 2046 HOH HOH A . 
F 5 HOH 47  2047 2047 HOH HOH A . 
F 5 HOH 48  2048 2048 HOH HOH A . 
F 5 HOH 49  2049 2049 HOH HOH A . 
F 5 HOH 50  2050 2050 HOH HOH A . 
F 5 HOH 51  2051 2051 HOH HOH A . 
F 5 HOH 52  2052 2052 HOH HOH A . 
F 5 HOH 53  2053 2053 HOH HOH A . 
F 5 HOH 54  2054 2054 HOH HOH A . 
F 5 HOH 55  2055 2055 HOH HOH A . 
F 5 HOH 56  2056 2056 HOH HOH A . 
F 5 HOH 57  2057 2057 HOH HOH A . 
F 5 HOH 58  2058 2058 HOH HOH A . 
F 5 HOH 59  2059 2059 HOH HOH A . 
F 5 HOH 60  2060 2060 HOH HOH A . 
F 5 HOH 61  2061 2061 HOH HOH A . 
F 5 HOH 62  2062 2062 HOH HOH A . 
F 5 HOH 63  2063 2063 HOH HOH A . 
F 5 HOH 64  2064 2064 HOH HOH A . 
F 5 HOH 65  2065 2065 HOH HOH A . 
F 5 HOH 66  2066 2066 HOH HOH A . 
F 5 HOH 67  2067 2067 HOH HOH A . 
F 5 HOH 68  2068 2068 HOH HOH A . 
F 5 HOH 69  2069 2069 HOH HOH A . 
F 5 HOH 70  2070 2070 HOH HOH A . 
F 5 HOH 71  2071 2071 HOH HOH A . 
F 5 HOH 72  2072 2072 HOH HOH A . 
F 5 HOH 73  2073 2073 HOH HOH A . 
F 5 HOH 74  2074 2074 HOH HOH A . 
F 5 HOH 75  2075 2075 HOH HOH A . 
F 5 HOH 76  2076 2076 HOH HOH A . 
F 5 HOH 77  2077 2077 HOH HOH A . 
F 5 HOH 78  2078 2078 HOH HOH A . 
F 5 HOH 79  2079 2079 HOH HOH A . 
F 5 HOH 80  2080 2080 HOH HOH A . 
F 5 HOH 81  2081 2081 HOH HOH A . 
F 5 HOH 82  2082 2082 HOH HOH A . 
F 5 HOH 83  2083 2083 HOH HOH A . 
F 5 HOH 84  2084 2084 HOH HOH A . 
F 5 HOH 85  2085 2085 HOH HOH A . 
F 5 HOH 86  2086 2086 HOH HOH A . 
F 5 HOH 87  2087 2087 HOH HOH A . 
F 5 HOH 88  2088 2088 HOH HOH A . 
F 5 HOH 89  2089 2089 HOH HOH A . 
F 5 HOH 90  2090 2090 HOH HOH A . 
F 5 HOH 91  2091 2091 HOH HOH A . 
F 5 HOH 92  2092 2092 HOH HOH A . 
F 5 HOH 93  2093 2093 HOH HOH A . 
F 5 HOH 94  2094 2094 HOH HOH A . 
F 5 HOH 95  2095 2095 HOH HOH A . 
F 5 HOH 96  2096 2096 HOH HOH A . 
F 5 HOH 97  2097 2097 HOH HOH A . 
F 5 HOH 98  2098 2098 HOH HOH A . 
F 5 HOH 99  2099 2099 HOH HOH A . 
F 5 HOH 100 2100 2100 HOH HOH A . 
F 5 HOH 101 2101 2101 HOH HOH A . 
F 5 HOH 102 2102 2102 HOH HOH A . 
F 5 HOH 103 2103 2103 HOH HOH A . 
F 5 HOH 104 2104 2104 HOH HOH A . 
F 5 HOH 105 2105 2105 HOH HOH A . 
F 5 HOH 106 2106 2106 HOH HOH A . 
F 5 HOH 107 2107 2107 HOH HOH A . 
F 5 HOH 108 2108 2108 HOH HOH A . 
F 5 HOH 109 2109 2109 HOH HOH A . 
F 5 HOH 110 2110 2110 HOH HOH A . 
F 5 HOH 111 2111 2111 HOH HOH A . 
F 5 HOH 112 2112 2112 HOH HOH A . 
F 5 HOH 113 2113 2113 HOH HOH A . 
F 5 HOH 114 2114 2114 HOH HOH A . 
F 5 HOH 115 2115 2115 HOH HOH A . 
F 5 HOH 116 2116 2116 HOH HOH A . 
F 5 HOH 117 2117 2117 HOH HOH A . 
F 5 HOH 118 2118 2118 HOH HOH A . 
F 5 HOH 119 2119 2119 HOH HOH A . 
F 5 HOH 120 2120 2120 HOH HOH A . 
F 5 HOH 121 2121 2121 HOH HOH A . 
F 5 HOH 122 2122 2122 HOH HOH A . 
F 5 HOH 123 2123 2123 HOH HOH A . 
F 5 HOH 124 2124 2124 HOH HOH A . 
F 5 HOH 125 2125 2125 HOH HOH A . 
F 5 HOH 126 2126 2126 HOH HOH A . 
F 5 HOH 127 2127 2127 HOH HOH A . 
F 5 HOH 128 2128 2128 HOH HOH A . 
F 5 HOH 129 2129 2129 HOH HOH A . 
F 5 HOH 130 2130 2130 HOH HOH A . 
F 5 HOH 131 2131 2131 HOH HOH A . 
F 5 HOH 132 2132 2132 HOH HOH A . 
F 5 HOH 133 2133 2133 HOH HOH A . 
F 5 HOH 134 2134 2134 HOH HOH A . 
F 5 HOH 135 2135 2135 HOH HOH A . 
F 5 HOH 136 2136 2136 HOH HOH A . 
F 5 HOH 137 2137 2137 HOH HOH A . 
F 5 HOH 138 2138 2138 HOH HOH A . 
F 5 HOH 139 2139 2139 HOH HOH A . 
F 5 HOH 140 2140 2140 HOH HOH A . 
F 5 HOH 141 2141 2141 HOH HOH A . 
F 5 HOH 142 2142 2142 HOH HOH A . 
F 5 HOH 143 2143 2143 HOH HOH A . 
F 5 HOH 144 2144 2144 HOH HOH A . 
F 5 HOH 145 2145 2145 HOH HOH A . 
F 5 HOH 146 2146 2146 HOH HOH A . 
F 5 HOH 147 2147 2147 HOH HOH A . 
F 5 HOH 148 2148 2148 HOH HOH A . 
F 5 HOH 149 2149 2149 HOH HOH A . 
F 5 HOH 150 2150 2150 HOH HOH A . 
F 5 HOH 151 2151 2151 HOH HOH A . 
F 5 HOH 152 2152 2152 HOH HOH A . 
F 5 HOH 153 2153 2153 HOH HOH A . 
F 5 HOH 154 2154 2154 HOH HOH A . 
F 5 HOH 155 2155 2155 HOH HOH A . 
F 5 HOH 156 2156 2156 HOH HOH A . 
F 5 HOH 157 2157 2157 HOH HOH A . 
F 5 HOH 158 2158 2158 HOH HOH A . 
F 5 HOH 159 2159 2159 HOH HOH A . 
F 5 HOH 160 2160 2160 HOH HOH A . 
F 5 HOH 161 2161 2161 HOH HOH A . 
F 5 HOH 162 2162 2162 HOH HOH A . 
F 5 HOH 163 2163 2163 HOH HOH A . 
F 5 HOH 164 2164 2164 HOH HOH A . 
F 5 HOH 165 2165 2165 HOH HOH A . 
F 5 HOH 166 2166 2166 HOH HOH A . 
F 5 HOH 167 2167 2167 HOH HOH A . 
F 5 HOH 168 2168 2168 HOH HOH A . 
F 5 HOH 169 2169 2169 HOH HOH A . 
F 5 HOH 170 2170 2170 HOH HOH A . 
F 5 HOH 171 2171 2171 HOH HOH A . 
F 5 HOH 172 2172 2172 HOH HOH A . 
F 5 HOH 173 2173 2173 HOH HOH A . 
F 5 HOH 174 2174 2174 HOH HOH A . 
# 
loop_
_pdbx_unobs_or_zero_occ_atoms.id 
_pdbx_unobs_or_zero_occ_atoms.PDB_model_num 
_pdbx_unobs_or_zero_occ_atoms.polymer_flag 
_pdbx_unobs_or_zero_occ_atoms.occupancy_flag 
_pdbx_unobs_or_zero_occ_atoms.auth_asym_id 
_pdbx_unobs_or_zero_occ_atoms.auth_comp_id 
_pdbx_unobs_or_zero_occ_atoms.auth_seq_id 
_pdbx_unobs_or_zero_occ_atoms.PDB_ins_code 
_pdbx_unobs_or_zero_occ_atoms.auth_atom_id 
_pdbx_unobs_or_zero_occ_atoms.label_alt_id 
_pdbx_unobs_or_zero_occ_atoms.label_asym_id 
_pdbx_unobs_or_zero_occ_atoms.label_comp_id 
_pdbx_unobs_or_zero_occ_atoms.label_seq_id 
_pdbx_unobs_or_zero_occ_atoms.label_atom_id 
1 1 Y 1 A GLU 129 ? CG  ? A GLU 129 CG  
2 1 Y 1 A GLU 129 ? CD  ? A GLU 129 CD  
3 1 Y 1 A GLU 129 ? OE1 ? A GLU 129 OE1 
4 1 Y 1 A GLU 129 ? OE2 ? A GLU 129 OE2 
# 
loop_
_software.name 
_software.classification 
_software.version 
_software.citation_id 
_software.pdbx_ordinal 
REFMAC refinement       5.2.0019 ? 1 
MOSFLM 'data reduction' .        ? 2 
SCALA  'data scaling'   .        ? 3 
ACORN  phasing          .        ? 4 
# 
_cell.entry_id           2VUV 
_cell.length_a           82.908 
_cell.length_b           30.395 
_cell.length_c           67.088 
_cell.angle_alpha        90.00 
_cell.angle_beta         133.86 
_cell.angle_gamma        90.00 
_cell.Z_PDB              4 
_cell.pdbx_unique_axis   ? 
# 
_symmetry.entry_id                         2VUV 
_symmetry.space_group_name_H-M             'C 1 2 1' 
_symmetry.pdbx_full_space_group_name_H-M   ? 
_symmetry.cell_setting                     ? 
_symmetry.Int_Tables_number                5 
# 
_exptl.entry_id          2VUV 
_exptl.method            'X-RAY DIFFRACTION' 
_exptl.crystals_number   1 
# 
_exptl_crystal.id                    1 
_exptl_crystal.density_meas          ? 
_exptl_crystal.density_Matthews      2.1 
_exptl_crystal.density_percent_sol   41 
_exptl_crystal.description           NONE 
# 
_exptl_crystal_grow.crystal_id      1 
_exptl_crystal_grow.method          ? 
_exptl_crystal_grow.temp            ? 
_exptl_crystal_grow.temp_details    ? 
_exptl_crystal_grow.pH              ? 
_exptl_crystal_grow.pdbx_pH_range   ? 
_exptl_crystal_grow.pdbx_details    '0.2 M DI-AMMONIUM CITRATE PH 5, 20% W/V PEG 3350' 
# 
_diffrn.id                     1 
_diffrn.ambient_temp           100 
_diffrn.ambient_temp_details   ? 
_diffrn.crystal_id             1 
# 
_diffrn_detector.diffrn_id              1 
_diffrn_detector.detector               CCD 
_diffrn_detector.type                   'ADSC CCD' 
_diffrn_detector.pdbx_collection_date   ? 
_diffrn_detector.details                MIRRORS 
# 
_diffrn_radiation.diffrn_id                        1 
_diffrn_radiation.wavelength_id                    1 
_diffrn_radiation.pdbx_monochromatic_or_laue_m_l   M 
_diffrn_radiation.monochromator                    DIAMOND 
_diffrn_radiation.pdbx_diffrn_protocol             'SINGLE WAVELENGTH' 
_diffrn_radiation.pdbx_scattering_type             x-ray 
# 
_diffrn_radiation_wavelength.id           1 
_diffrn_radiation_wavelength.wavelength   0.931 
_diffrn_radiation_wavelength.wt           1.0 
# 
_diffrn_source.diffrn_id                   1 
_diffrn_source.source                      SYNCHROTRON 
_diffrn_source.type                        'ESRF BEAMLINE ID14-1' 
_diffrn_source.pdbx_synchrotron_site       ESRF 
_diffrn_source.pdbx_synchrotron_beamline   ID14-1 
_diffrn_source.pdbx_wavelength             0.931 
_diffrn_source.pdbx_wavelength_list        ? 
# 
_reflns.pdbx_diffrn_id               1 
_reflns.pdbx_ordinal                 1 
_reflns.entry_id                     2VUV 
_reflns.observed_criterion_sigma_I   2.0 
_reflns.observed_criterion_sigma_F   ? 
_reflns.d_resolution_low             33.11 
_reflns.d_resolution_high            1.30 
_reflns.number_obs                   26746 
_reflns.number_all                   ? 
_reflns.percent_possible_obs         89.7 
_reflns.pdbx_Rmerge_I_obs            0.03 
_reflns.pdbx_Rsym_value              ? 
_reflns.pdbx_netI_over_sigmaI        12.10 
_reflns.B_iso_Wilson_estimate        10.39 
_reflns.pdbx_redundancy              3.3 
# 
_reflns_shell.pdbx_diffrn_id         1 
_reflns_shell.pdbx_ordinal           1 
_reflns_shell.d_res_high             1.30 
_reflns_shell.d_res_low              1.37 
_reflns_shell.percent_possible_all   52.5 
_reflns_shell.Rmerge_I_obs           0.32 
_reflns_shell.pdbx_Rsym_value        ? 
_reflns_shell.meanI_over_sigI_obs    2.10 
_reflns_shell.pdbx_redundancy        2.1 
# 
_refine.pdbx_refine_id                           'X-RAY DIFFRACTION' 
_refine.entry_id                                 2VUV 
_refine.pdbx_diffrn_id                           1 
_refine.pdbx_TLS_residual_ADP_flag               ? 
_refine.ls_number_reflns_obs                     26746 
_refine.ls_number_reflns_all                     ? 
_refine.pdbx_ls_sigma_I                          ? 
_refine.pdbx_ls_sigma_F                          2.000 
_refine.pdbx_data_cutoff_high_absF               ? 
_refine.pdbx_data_cutoff_low_absF                ? 
_refine.pdbx_data_cutoff_high_rms_absF           ? 
_refine.ls_d_res_low                             27.63 
_refine.ls_d_res_high                            1.30 
_refine.ls_percent_reflns_obs                    89.2 
_refine.ls_R_factor_obs                          0.145 
_refine.ls_R_factor_all                          ? 
_refine.ls_R_factor_R_work                       0.144 
_refine.ls_R_factor_R_free                       0.161 
_refine.ls_R_factor_R_free_error                 ? 
_refine.ls_R_factor_R_free_error_details         ? 
_refine.ls_percent_reflns_R_free                 5.120 
_refine.ls_number_reflns_R_free                  1370 
_refine.ls_number_parameters                     ? 
_refine.ls_number_restraints                     ? 
_refine.occupancy_min                            ? 
_refine.occupancy_max                            ? 
_refine.correlation_coeff_Fo_to_Fc               0.973 
_refine.correlation_coeff_Fo_to_Fc_free          0.969 
_refine.B_iso_mean                               8.84 
_refine.aniso_B[1][1]                            0.94300 
_refine.aniso_B[2][2]                            -0.30600 
_refine.aniso_B[3][3]                            0.12900 
_refine.aniso_B[1][2]                            0.00000 
_refine.aniso_B[1][3]                            0.55200 
_refine.aniso_B[2][3]                            0.00000 
_refine.solvent_model_details                    'MASK BULK SOLVENT' 
_refine.solvent_model_param_ksol                 ? 
_refine.solvent_model_param_bsol                 ? 
_refine.pdbx_solvent_vdw_probe_radii             1.20 
_refine.pdbx_solvent_ion_probe_radii             0.80 
_refine.pdbx_solvent_shrinkage_radii             ? 
_refine.pdbx_ls_cross_valid_method               THROUGHOUT 
_refine.details                                  'HYDROGENS HAVE BEEN ADDED IN THE RIDING POSITIONS.' 
_refine.pdbx_starting_model                      'HOMOLOGY MODEL' 
_refine.pdbx_method_to_determine_struct          'MOLECULAR REPLACEMENT' 
_refine.pdbx_isotropic_thermal_model             ? 
_refine.pdbx_stereochemistry_target_values       'MAXIMUM LIKELIHOOD' 
_refine.pdbx_stereochem_target_val_spec_case     ? 
_refine.pdbx_R_Free_selection_details            RANDOM 
_refine.pdbx_overall_ESU_R                       0.049 
_refine.pdbx_overall_ESU_R_Free                  0.049 
_refine.overall_SU_ML                            0.028 
_refine.pdbx_overall_phase_error                 ? 
_refine.overall_SU_B                             0.641 
_refine.overall_SU_R_Cruickshank_DPI             ? 
_refine.pdbx_overall_SU_R_free_Cruickshank_DPI   ? 
_refine.pdbx_overall_SU_R_Blow_DPI               ? 
_refine.pdbx_overall_SU_R_free_Blow_DPI          ? 
# 
_refine_hist.pdbx_refine_id                   'X-RAY DIFFRACTION' 
_refine_hist.cycle_id                         LAST 
_refine_hist.pdbx_number_atoms_protein        992 
_refine_hist.pdbx_number_atoms_nucleic_acid   0 
_refine_hist.pdbx_number_atoms_ligand         26 
_refine_hist.number_atoms_solvent             174 
_refine_hist.number_atoms_total               1192 
_refine_hist.d_res_high                       1.30 
_refine_hist.d_res_low                        27.63 
# 
loop_
_refine_ls_restr.type 
_refine_ls_restr.dev_ideal 
_refine_ls_restr.dev_ideal_target 
_refine_ls_restr.weight 
_refine_ls_restr.number 
_refine_ls_restr.pdbx_refine_id 
_refine_ls_restr.pdbx_restraint_function 
r_bond_refined_d             0.019  0.021  ? 1122 'X-RAY DIFFRACTION' ? 
r_bond_other_d               0.002  0.020  ? 724  'X-RAY DIFFRACTION' ? 
r_angle_refined_deg          1.724  1.924  ? 1541 'X-RAY DIFFRACTION' ? 
r_angle_other_deg            0.955  3.007  ? 1749 'X-RAY DIFFRACTION' ? 
r_dihedral_angle_1_deg       6.361  5.000  ? 145  'X-RAY DIFFRACTION' ? 
r_dihedral_angle_2_deg       38.215 25.357 ? 56   'X-RAY DIFFRACTION' ? 
r_dihedral_angle_3_deg       11.517 15.000 ? 150  'X-RAY DIFFRACTION' ? 
r_dihedral_angle_4_deg       16.083 15.000 ? 3    'X-RAY DIFFRACTION' ? 
r_chiral_restr               0.118  0.200  ? 142  'X-RAY DIFFRACTION' ? 
r_gen_planes_refined         0.010  0.020  ? 1350 'X-RAY DIFFRACTION' ? 
r_gen_planes_other           0.002  0.020  ? 237  'X-RAY DIFFRACTION' ? 
r_nbd_refined                0.226  0.200  ? 238  'X-RAY DIFFRACTION' ? 
r_nbd_other                  0.187  0.200  ? 787  'X-RAY DIFFRACTION' ? 
r_nbtor_refined              0.192  0.200  ? 564  'X-RAY DIFFRACTION' ? 
r_nbtor_other                0.089  0.200  ? 535  'X-RAY DIFFRACTION' ? 
r_xyhbond_nbd_refined        0.137  0.200  ? 116  'X-RAY DIFFRACTION' ? 
r_xyhbond_nbd_other          ?      ?      ? ?    'X-RAY DIFFRACTION' ? 
r_metal_ion_refined          ?      ?      ? ?    'X-RAY DIFFRACTION' ? 
r_metal_ion_other            ?      ?      ? ?    'X-RAY DIFFRACTION' ? 
r_symmetry_vdw_refined       0.554  0.200  ? 10   'X-RAY DIFFRACTION' ? 
r_symmetry_vdw_other         0.360  0.200  ? 20   'X-RAY DIFFRACTION' ? 
r_symmetry_hbond_refined     0.176  0.200  ? 21   'X-RAY DIFFRACTION' ? 
r_symmetry_hbond_other       ?      ?      ? ?    'X-RAY DIFFRACTION' ? 
r_symmetry_metal_ion_refined ?      ?      ? ?    'X-RAY DIFFRACTION' ? 
r_symmetry_metal_ion_other   ?      ?      ? ?    'X-RAY DIFFRACTION' ? 
r_mcbond_it                  1.187  1.500  ? 704  'X-RAY DIFFRACTION' ? 
r_mcbond_other               ?      ?      ? ?    'X-RAY DIFFRACTION' ? 
r_mcangle_it                 1.664  2.000  ? 1089 'X-RAY DIFFRACTION' ? 
r_mcangle_other              ?      ?      ? ?    'X-RAY DIFFRACTION' ? 
r_scbond_it                  2.421  3.000  ? 513  'X-RAY DIFFRACTION' ? 
r_scbond_other               ?      ?      ? ?    'X-RAY DIFFRACTION' ? 
r_scangle_it                 3.518  4.500  ? 452  'X-RAY DIFFRACTION' ? 
r_scangle_other              ?      ?      ? ?    'X-RAY DIFFRACTION' ? 
r_long_range_B_refined       ?      ?      ? ?    'X-RAY DIFFRACTION' ? 
r_long_range_B_other         ?      ?      ? ?    'X-RAY DIFFRACTION' ? 
r_rigid_bond_restr           ?      ?      ? ?    'X-RAY DIFFRACTION' ? 
r_sphericity_free            ?      ?      ? ?    'X-RAY DIFFRACTION' ? 
r_sphericity_bonded          ?      ?      ? ?    'X-RAY DIFFRACTION' ? 
# 
_refine_ls_shell.pdbx_refine_id                   'X-RAY DIFFRACTION' 
_refine_ls_shell.pdbx_total_number_of_bins_used   20 
_refine_ls_shell.d_res_high                       1.30 
_refine_ls_shell.d_res_low                        1.34 
_refine_ls_shell.number_reflns_R_work             945 
_refine_ls_shell.R_factor_R_work                  0.2200 
_refine_ls_shell.percent_reflns_obs               ? 
_refine_ls_shell.R_factor_R_free                  0.2300 
_refine_ls_shell.R_factor_R_free_error            ? 
_refine_ls_shell.percent_reflns_R_free            ? 
_refine_ls_shell.number_reflns_R_free             58 
_refine_ls_shell.number_reflns_all                ? 
_refine_ls_shell.R_factor_all                     ? 
# 
_struct.entry_id                  2VUV 
_struct.title                     'Crystal structure of Codakine at 1.3A resolution' 
_struct.pdbx_model_details        ? 
_struct.pdbx_CASP_flag            ? 
_struct.pdbx_model_type_details   ? 
# 
_struct_keywords.entry_id        2VUV 
_struct_keywords.pdbx_keywords   'SUGAR BINDING PROTEIN' 
_struct_keywords.text            'SUGAR-BINDING PROTEIN, C-TYPE, LECTIN, MANNOSE, CODAKINE, INVERTEBRATE, SUGAR BINDING PROTEIN' 
# 
loop_
_struct_asym.id 
_struct_asym.pdbx_blank_PDB_chainid_flag 
_struct_asym.pdbx_modified 
_struct_asym.entity_id 
_struct_asym.details 
A N N 1 ? 
B N N 2 ? 
C N N 3 ? 
D N N 3 ? 
E N N 4 ? 
F N N 5 ? 
# 
_struct_ref.id                         1 
_struct_ref.db_name                    UNP 
_struct_ref.db_code                    Q3KVL7_9BIVA 
_struct_ref.entity_id                  1 
_struct_ref.pdbx_seq_one_letter_code   ? 
_struct_ref.pdbx_align_begin           ? 
_struct_ref.pdbx_db_accession          Q3KVL7 
_struct_ref.pdbx_db_isoform            ? 
# 
_struct_ref_seq.align_id                      1 
_struct_ref_seq.ref_id                        1 
_struct_ref_seq.pdbx_PDB_id_code              2VUV 
_struct_ref_seq.pdbx_strand_id                A 
_struct_ref_seq.seq_align_beg                 1 
_struct_ref_seq.pdbx_seq_align_beg_ins_code   ? 
_struct_ref_seq.seq_align_end                 129 
_struct_ref_seq.pdbx_seq_align_end_ins_code   ? 
_struct_ref_seq.pdbx_db_accession             Q3KVL7 
_struct_ref_seq.db_align_beg                  20 
_struct_ref_seq.pdbx_db_align_beg_ins_code    ? 
_struct_ref_seq.db_align_end                  148 
_struct_ref_seq.pdbx_db_align_end_ins_code    ? 
_struct_ref_seq.pdbx_auth_seq_align_beg       1 
_struct_ref_seq.pdbx_auth_seq_align_end       129 
# 
_struct_ref_seq_dif.align_id                     1 
_struct_ref_seq_dif.pdbx_pdb_id_code             2VUV 
_struct_ref_seq_dif.mon_id                       LYS 
_struct_ref_seq_dif.pdbx_pdb_strand_id           A 
_struct_ref_seq_dif.seq_num                      54 
_struct_ref_seq_dif.pdbx_pdb_ins_code            ? 
_struct_ref_seq_dif.pdbx_seq_db_name             UNP 
_struct_ref_seq_dif.pdbx_seq_db_accession_code   Q3KVL7 
_struct_ref_seq_dif.db_mon_id                    ARG 
_struct_ref_seq_dif.pdbx_seq_db_seq_num          73 
_struct_ref_seq_dif.details                      conflict 
_struct_ref_seq_dif.pdbx_auth_seq_num            54 
_struct_ref_seq_dif.pdbx_ordinal                 1 
# 
_pdbx_struct_assembly.id                   1 
_pdbx_struct_assembly.details              author_and_software_defined_assembly 
_pdbx_struct_assembly.method_details       PQS 
_pdbx_struct_assembly.oligomeric_details   monomeric 
_pdbx_struct_assembly.oligomeric_count     1 
# 
_pdbx_struct_assembly_gen.assembly_id       1 
_pdbx_struct_assembly_gen.oper_expression   1 
_pdbx_struct_assembly_gen.asym_id_list      A,B,C,D,E,F 
# 
_pdbx_struct_oper_list.id                   1 
_pdbx_struct_oper_list.type                 'identity operation' 
_pdbx_struct_oper_list.name                 1_555 
_pdbx_struct_oper_list.symmetry_operation   x,y,z 
_pdbx_struct_oper_list.matrix[1][1]         1.0000000000 
_pdbx_struct_oper_list.matrix[1][2]         0.0000000000 
_pdbx_struct_oper_list.matrix[1][3]         0.0000000000 
_pdbx_struct_oper_list.vector[1]            0.0000000000 
_pdbx_struct_oper_list.matrix[2][1]         0.0000000000 
_pdbx_struct_oper_list.matrix[2][2]         1.0000000000 
_pdbx_struct_oper_list.matrix[2][3]         0.0000000000 
_pdbx_struct_oper_list.vector[2]            0.0000000000 
_pdbx_struct_oper_list.matrix[3][1]         0.0000000000 
_pdbx_struct_oper_list.matrix[3][2]         0.0000000000 
_pdbx_struct_oper_list.matrix[3][3]         1.0000000000 
_pdbx_struct_oper_list.vector[3]            0.0000000000 
# 
_struct_biol.id   1 
# 
loop_
_struct_conf.conf_type_id 
_struct_conf.id 
_struct_conf.pdbx_PDB_helix_id 
_struct_conf.beg_label_comp_id 
_struct_conf.beg_label_asym_id 
_struct_conf.beg_label_seq_id 
_struct_conf.pdbx_beg_PDB_ins_code 
_struct_conf.end_label_comp_id 
_struct_conf.end_label_asym_id 
_struct_conf.end_label_seq_id 
_struct_conf.pdbx_end_PDB_ins_code 
_struct_conf.beg_auth_comp_id 
_struct_conf.beg_auth_asym_id 
_struct_conf.beg_auth_seq_id 
_struct_conf.end_auth_comp_id 
_struct_conf.end_auth_asym_id 
_struct_conf.end_auth_seq_id 
_struct_conf.pdbx_PDB_helix_class 
_struct_conf.details 
_struct_conf.pdbx_PDB_helix_length 
HELX_P HELX_P1 1 SER A 22 ? LEU A 33 ? SER A 22 LEU A 33 1 ? 12 
HELX_P HELX_P2 2 THR A 42 ? ASN A 56 ? THR A 42 ASN A 56 1 ? 15 
# 
_struct_conf_type.id          HELX_P 
_struct_conf_type.criteria    ? 
_struct_conf_type.reference   ? 
# 
loop_
_struct_conn.id 
_struct_conn.conn_type_id 
_struct_conn.pdbx_leaving_atom_flag 
_struct_conn.pdbx_PDB_id 
_struct_conn.ptnr1_label_asym_id 
_struct_conn.ptnr1_label_comp_id 
_struct_conn.ptnr1_label_seq_id 
_struct_conn.ptnr1_label_atom_id 
_struct_conn.pdbx_ptnr1_label_alt_id 
_struct_conn.pdbx_ptnr1_PDB_ins_code 
_struct_conn.pdbx_ptnr1_standard_comp_id 
_struct_conn.ptnr1_symmetry 
_struct_conn.ptnr2_label_asym_id 
_struct_conn.ptnr2_label_comp_id 
_struct_conn.ptnr2_label_seq_id 
_struct_conn.ptnr2_label_atom_id 
_struct_conn.pdbx_ptnr2_label_alt_id 
_struct_conn.pdbx_ptnr2_PDB_ins_code 
_struct_conn.ptnr1_auth_asym_id 
_struct_conn.ptnr1_auth_comp_id 
_struct_conn.ptnr1_auth_seq_id 
_struct_conn.ptnr2_auth_asym_id 
_struct_conn.ptnr2_auth_comp_id 
_struct_conn.ptnr2_auth_seq_id 
_struct_conn.ptnr2_symmetry 
_struct_conn.pdbx_ptnr3_label_atom_id 
_struct_conn.pdbx_ptnr3_label_seq_id 
_struct_conn.pdbx_ptnr3_label_comp_id 
_struct_conn.pdbx_ptnr3_label_asym_id 
_struct_conn.pdbx_ptnr3_label_alt_id 
_struct_conn.pdbx_ptnr3_PDB_ins_code 
_struct_conn.details 
_struct_conn.pdbx_dist_value 
_struct_conn.pdbx_value_order 
_struct_conn.pdbx_role 
disulf1 disulf ?    ? A CYS 2   SG  ? ? ? 1_555 A CYS 13  SG ? ? A CYS 2   A CYS 13  1_555 ? ? ? ? ? ? ? 2.048 ? ? 
disulf2 disulf ?    ? A CYS 30  SG  ? ? ? 1_555 A CYS 124 SG ? ? A CYS 30  A CYS 124 1_555 ? ? ? ? ? ? ? 2.057 ? ? 
disulf3 disulf ?    ? A CYS 44  SG  ? ? ? 1_555 A CYS 44  SG ? ? A CYS 44  A CYS 44  2_556 ? ? ? ? ? ? ? 2.049 ? ? 
disulf4 disulf ?    ? A CYS 103 SG  ? ? ? 1_555 A CYS 116 SG ? ? A CYS 103 A CYS 116 1_555 ? ? ? ? ? ? ? 2.080 ? ? 
covale1 covale both ? A GLY 90  C   ? ? ? 1_555 A HYP 91  N  ? ? A GLY 90  A HYP 91  1_555 ? ? ? ? ? ? ? 1.346 ? ? 
covale2 covale both ? A HYP 91  C   ? ? ? 1_555 A ASN 92  N  ? ? A HYP 91  A ASN 92  1_555 ? ? ? ? ? ? ? 1.312 ? ? 
metalc1 metalc ?    ? A GLU 93  OE1 ? ? ? 1_555 B CA  .   CA ? ? A GLU 93  A CA  200 1_555 ? ? ? ? ? ? ? 2.601 ? ? 
metalc2 metalc ?    ? A ASN 95  OD1 ? ? ? 1_555 B CA  .   CA ? ? A ASN 95  A CA  200 1_555 ? ? ? ? ? ? ? 2.405 ? ? 
metalc3 metalc ?    ? A GLU 101 OE1 ? ? ? 1_555 B CA  .   CA ? ? A GLU 101 A CA  200 1_555 ? ? ? ? ? ? ? 2.433 ? ? 
metalc4 metalc ?    ? A ASN 112 OD1 ? ? ? 1_555 B CA  .   CA ? ? A ASN 112 A CA  200 1_555 ? ? ? ? ? ? ? 2.428 ? ? 
metalc5 metalc ?    ? A ASP 113 OD1 ? ? ? 1_555 B CA  .   CA ? ? A ASP 113 A CA  200 1_555 ? ? ? ? ? ? ? 2.362 ? ? 
metalc6 metalc ?    ? A ASP 113 O   ? ? ? 1_555 B CA  .   CA ? ? A ASP 113 A CA  200 1_555 ? ? ? ? ? ? ? 2.609 ? ? 
metalc7 metalc ?    ? B CA  .   CA  ? ? ? 1_555 C GOL .   O3 ? ? A CA  200 A GOL 300 1_555 ? ? ? ? ? ? ? 2.490 ? ? 
metalc8 metalc ?    ? B CA  .   CA  ? ? ? 1_555 C GOL .   O2 ? ? A CA  200 A GOL 300 1_555 ? ? ? ? ? ? ? 2.497 ? ? 
# 
loop_
_struct_conn_type.id 
_struct_conn_type.criteria 
_struct_conn_type.reference 
disulf ? ? 
covale ? ? 
metalc ? ? 
# 
loop_
_pdbx_struct_conn_angle.id 
_pdbx_struct_conn_angle.ptnr1_label_atom_id 
_pdbx_struct_conn_angle.ptnr1_label_alt_id 
_pdbx_struct_conn_angle.ptnr1_label_asym_id 
_pdbx_struct_conn_angle.ptnr1_label_comp_id 
_pdbx_struct_conn_angle.ptnr1_label_seq_id 
_pdbx_struct_conn_angle.ptnr1_auth_atom_id 
_pdbx_struct_conn_angle.ptnr1_auth_asym_id 
_pdbx_struct_conn_angle.ptnr1_auth_comp_id 
_pdbx_struct_conn_angle.ptnr1_auth_seq_id 
_pdbx_struct_conn_angle.ptnr1_PDB_ins_code 
_pdbx_struct_conn_angle.ptnr1_symmetry 
_pdbx_struct_conn_angle.ptnr2_label_atom_id 
_pdbx_struct_conn_angle.ptnr2_label_alt_id 
_pdbx_struct_conn_angle.ptnr2_label_asym_id 
_pdbx_struct_conn_angle.ptnr2_label_comp_id 
_pdbx_struct_conn_angle.ptnr2_label_seq_id 
_pdbx_struct_conn_angle.ptnr2_auth_atom_id 
_pdbx_struct_conn_angle.ptnr2_auth_asym_id 
_pdbx_struct_conn_angle.ptnr2_auth_comp_id 
_pdbx_struct_conn_angle.ptnr2_auth_seq_id 
_pdbx_struct_conn_angle.ptnr2_PDB_ins_code 
_pdbx_struct_conn_angle.ptnr2_symmetry 
_pdbx_struct_conn_angle.ptnr3_label_atom_id 
_pdbx_struct_conn_angle.ptnr3_label_alt_id 
_pdbx_struct_conn_angle.ptnr3_label_asym_id 
_pdbx_struct_conn_angle.ptnr3_label_comp_id 
_pdbx_struct_conn_angle.ptnr3_label_seq_id 
_pdbx_struct_conn_angle.ptnr3_auth_atom_id 
_pdbx_struct_conn_angle.ptnr3_auth_asym_id 
_pdbx_struct_conn_angle.ptnr3_auth_comp_id 
_pdbx_struct_conn_angle.ptnr3_auth_seq_id 
_pdbx_struct_conn_angle.ptnr3_PDB_ins_code 
_pdbx_struct_conn_angle.ptnr3_symmetry 
_pdbx_struct_conn_angle.value 
_pdbx_struct_conn_angle.value_esd 
1  OE1 ? A GLU 93  ? A GLU 93  ? 1_555 CA ? B CA . ? A CA 200 ? 1_555 OD1 ? A ASN 95  ? A ASN 95  ? 1_555 71.6  ? 
2  OE1 ? A GLU 93  ? A GLU 93  ? 1_555 CA ? B CA . ? A CA 200 ? 1_555 OE1 ? A GLU 101 ? A GLU 101 ? 1_555 142.4 ? 
3  OD1 ? A ASN 95  ? A ASN 95  ? 1_555 CA ? B CA . ? A CA 200 ? 1_555 OE1 ? A GLU 101 ? A GLU 101 ? 1_555 75.3  ? 
4  OE1 ? A GLU 93  ? A GLU 93  ? 1_555 CA ? B CA . ? A CA 200 ? 1_555 OD1 ? A ASN 112 ? A ASN 112 ? 1_555 66.9  ? 
5  OD1 ? A ASN 95  ? A ASN 95  ? 1_555 CA ? B CA . ? A CA 200 ? 1_555 OD1 ? A ASN 112 ? A ASN 112 ? 1_555 137.9 ? 
6  OE1 ? A GLU 101 ? A GLU 101 ? 1_555 CA ? B CA . ? A CA 200 ? 1_555 OD1 ? A ASN 112 ? A ASN 112 ? 1_555 146.0 ? 
7  OE1 ? A GLU 93  ? A GLU 93  ? 1_555 CA ? B CA . ? A CA 200 ? 1_555 OD1 ? A ASP 113 ? A ASP 113 ? 1_555 72.1  ? 
8  OD1 ? A ASN 95  ? A ASN 95  ? 1_555 CA ? B CA . ? A CA 200 ? 1_555 OD1 ? A ASP 113 ? A ASP 113 ? 1_555 89.1  ? 
9  OE1 ? A GLU 101 ? A GLU 101 ? 1_555 CA ? B CA . ? A CA 200 ? 1_555 OD1 ? A ASP 113 ? A ASP 113 ? 1_555 90.1  ? 
10 OD1 ? A ASN 112 ? A ASN 112 ? 1_555 CA ? B CA . ? A CA 200 ? 1_555 OD1 ? A ASP 113 ? A ASP 113 ? 1_555 84.9  ? 
11 OE1 ? A GLU 93  ? A GLU 93  ? 1_555 CA ? B CA . ? A CA 200 ? 1_555 O   ? A ASP 113 ? A ASP 113 ? 1_555 130.7 ? 
12 OD1 ? A ASN 95  ? A ASN 95  ? 1_555 CA ? B CA . ? A CA 200 ? 1_555 O   ? A ASP 113 ? A ASP 113 ? 1_555 141.3 ? 
13 OE1 ? A GLU 101 ? A GLU 101 ? 1_555 CA ? B CA . ? A CA 200 ? 1_555 O   ? A ASP 113 ? A ASP 113 ? 1_555 70.5  ? 
14 OD1 ? A ASN 112 ? A ASN 112 ? 1_555 CA ? B CA . ? A CA 200 ? 1_555 O   ? A ASP 113 ? A ASP 113 ? 1_555 75.9  ? 
15 OD1 ? A ASP 113 ? A ASP 113 ? 1_555 CA ? B CA . ? A CA 200 ? 1_555 O   ? A ASP 113 ? A ASP 113 ? 1_555 73.6  ? 
16 OE1 ? A GLU 93  ? A GLU 93  ? 1_555 CA ? B CA . ? A CA 200 ? 1_555 O3  ? C GOL .   ? A GOL 300 ? 1_555 74.8  ? 
17 OD1 ? A ASN 95  ? A ASN 95  ? 1_555 CA ? B CA . ? A CA 200 ? 1_555 O3  ? C GOL .   ? A GOL 300 ? 1_555 79.1  ? 
18 OE1 ? A GLU 101 ? A GLU 101 ? 1_555 CA ? B CA . ? A CA 200 ? 1_555 O3  ? C GOL .   ? A GOL 300 ? 1_555 116.0 ? 
19 OD1 ? A ASN 112 ? A ASN 112 ? 1_555 CA ? B CA . ? A CA 200 ? 1_555 O3  ? C GOL .   ? A GOL 300 ? 1_555 83.5  ? 
20 OD1 ? A ASP 113 ? A ASP 113 ? 1_555 CA ? B CA . ? A CA 200 ? 1_555 O3  ? C GOL .   ? A GOL 300 ? 1_555 146.9 ? 
21 O   ? A ASP 113 ? A ASP 113 ? 1_555 CA ? B CA . ? A CA 200 ? 1_555 O3  ? C GOL .   ? A GOL 300 ? 1_555 132.4 ? 
22 OE1 ? A GLU 93  ? A GLU 93  ? 1_555 CA ? B CA . ? A CA 200 ? 1_555 O2  ? C GOL .   ? A GOL 300 ? 1_555 135.0 ? 
23 OD1 ? A ASN 95  ? A ASN 95  ? 1_555 CA ? B CA . ? A CA 200 ? 1_555 O2  ? C GOL .   ? A GOL 300 ? 1_555 120.6 ? 
24 OE1 ? A GLU 101 ? A GLU 101 ? 1_555 CA ? B CA . ? A CA 200 ? 1_555 O2  ? C GOL .   ? A GOL 300 ? 1_555 78.0  ? 
25 OD1 ? A ASN 112 ? A ASN 112 ? 1_555 CA ? B CA . ? A CA 200 ? 1_555 O2  ? C GOL .   ? A GOL 300 ? 1_555 85.9  ? 
26 OD1 ? A ASP 113 ? A ASP 113 ? 1_555 CA ? B CA . ? A CA 200 ? 1_555 O2  ? C GOL .   ? A GOL 300 ? 1_555 142.9 ? 
27 O   ? A ASP 113 ? A ASP 113 ? 1_555 CA ? B CA . ? A CA 200 ? 1_555 O2  ? C GOL .   ? A GOL 300 ? 1_555 69.3  ? 
28 O3  ? C GOL .   ? A GOL 300 ? 1_555 CA ? B CA . ? A CA 200 ? 1_555 O2  ? C GOL .   ? A GOL 300 ? 1_555 66.8  ? 
# 
_struct_mon_prot_cis.pdbx_id                1 
_struct_mon_prot_cis.label_comp_id          GLU 
_struct_mon_prot_cis.label_seq_id           93 
_struct_mon_prot_cis.label_asym_id          A 
_struct_mon_prot_cis.label_alt_id           . 
_struct_mon_prot_cis.pdbx_PDB_ins_code      ? 
_struct_mon_prot_cis.auth_comp_id           GLU 
_struct_mon_prot_cis.auth_seq_id            93 
_struct_mon_prot_cis.auth_asym_id           A 
_struct_mon_prot_cis.pdbx_label_comp_id_2   PRO 
_struct_mon_prot_cis.pdbx_label_seq_id_2    94 
_struct_mon_prot_cis.pdbx_label_asym_id_2   A 
_struct_mon_prot_cis.pdbx_PDB_ins_code_2    ? 
_struct_mon_prot_cis.pdbx_auth_comp_id_2    PRO 
_struct_mon_prot_cis.pdbx_auth_seq_id_2     94 
_struct_mon_prot_cis.pdbx_auth_asym_id_2    A 
_struct_mon_prot_cis.pdbx_PDB_model_num     1 
_struct_mon_prot_cis.pdbx_omega_angle       -1.82 
# 
loop_
_struct_sheet.id 
_struct_sheet.type 
_struct_sheet.number_strands 
_struct_sheet.details 
AA ? 4 ? 
AB ? 4 ? 
# 
loop_
_struct_sheet_order.sheet_id 
_struct_sheet_order.range_id_1 
_struct_sheet_order.range_id_2 
_struct_sheet_order.offset 
_struct_sheet_order.sense 
AA 1 2 ? anti-parallel 
AA 2 3 ? anti-parallel 
AA 3 4 ? anti-parallel 
AB 1 2 ? anti-parallel 
AB 2 3 ? anti-parallel 
AB 3 4 ? anti-parallel 
# 
loop_
_struct_sheet_range.sheet_id 
_struct_sheet_range.id 
_struct_sheet_range.beg_label_comp_id 
_struct_sheet_range.beg_label_asym_id 
_struct_sheet_range.beg_label_seq_id 
_struct_sheet_range.pdbx_beg_PDB_ins_code 
_struct_sheet_range.end_label_comp_id 
_struct_sheet_range.end_label_asym_id 
_struct_sheet_range.end_label_seq_id 
_struct_sheet_range.pdbx_end_PDB_ins_code 
_struct_sheet_range.beg_auth_comp_id 
_struct_sheet_range.beg_auth_asym_id 
_struct_sheet_range.beg_auth_seq_id 
_struct_sheet_range.end_auth_comp_id 
_struct_sheet_range.end_auth_asym_id 
_struct_sheet_range.end_auth_seq_id 
AA 1 THR A 7   ? PHE A 9   ? THR A 7   PHE A 9   
AA 2 LEU A 12  ? ALA A 21  ? LEU A 12  ALA A 21  
AA 3 ALA A 120 ? ALA A 127 ? ALA A 120 ALA A 127 
AA 4 ILE A 36  ? LEU A 37  ? ILE A 36  LEU A 37  
AB 1 ALA A 74  ? TRP A 77  ? ALA A 74  TRP A 77  
AB 2 TRP A 65  ? VAL A 71  ? TRP A 65  VAL A 71  
AB 3 CYS A 103 ? ASN A 107 ? CYS A 103 ASN A 107 
AB 4 SER A 110 ? LEU A 114 ? SER A 110 LEU A 114 
# 
loop_
_pdbx_struct_sheet_hbond.sheet_id 
_pdbx_struct_sheet_hbond.range_id_1 
_pdbx_struct_sheet_hbond.range_id_2 
_pdbx_struct_sheet_hbond.range_1_label_atom_id 
_pdbx_struct_sheet_hbond.range_1_label_comp_id 
_pdbx_struct_sheet_hbond.range_1_label_asym_id 
_pdbx_struct_sheet_hbond.range_1_label_seq_id 
_pdbx_struct_sheet_hbond.range_1_PDB_ins_code 
_pdbx_struct_sheet_hbond.range_1_auth_atom_id 
_pdbx_struct_sheet_hbond.range_1_auth_comp_id 
_pdbx_struct_sheet_hbond.range_1_auth_asym_id 
_pdbx_struct_sheet_hbond.range_1_auth_seq_id 
_pdbx_struct_sheet_hbond.range_2_label_atom_id 
_pdbx_struct_sheet_hbond.range_2_label_comp_id 
_pdbx_struct_sheet_hbond.range_2_label_asym_id 
_pdbx_struct_sheet_hbond.range_2_label_seq_id 
_pdbx_struct_sheet_hbond.range_2_PDB_ins_code 
_pdbx_struct_sheet_hbond.range_2_auth_atom_id 
_pdbx_struct_sheet_hbond.range_2_auth_comp_id 
_pdbx_struct_sheet_hbond.range_2_auth_asym_id 
_pdbx_struct_sheet_hbond.range_2_auth_seq_id 
AA 1 2 N PHE A 9   ? N PHE A 9   O LEU A 12  ? O LEU A 12  
AA 2 3 N ALA A 21  ? N ALA A 21  O ALA A 120 ? O ALA A 120 
AA 3 4 N GLN A 125 ? N GLN A 125 O ILE A 36  ? O ILE A 36  
AB 1 2 N GLN A 76  ? N GLN A 76  O GLN A 69  ? O GLN A 69  
AB 2 3 N LEU A 66  ? N LEU A 66  O LEU A 104 ? O LEU A 104 
AB 3 4 N ASN A 107 ? N ASN A 107 O SER A 110 ? O SER A 110 
# 
loop_
_struct_site.id 
_struct_site.pdbx_evidence_code 
_struct_site.pdbx_auth_asym_id 
_struct_site.pdbx_auth_comp_id 
_struct_site.pdbx_auth_seq_id 
_struct_site.pdbx_auth_ins_code 
_struct_site.pdbx_num_residues 
_struct_site.details 
AC1 Software A CA  200 ? 6  'BINDING SITE FOR RESIDUE CA A 200'  
AC2 Software A GOL 300 ? 7  'BINDING SITE FOR RESIDUE GOL A 300' 
AC3 Software A GOL 400 ? 7  'BINDING SITE FOR RESIDUE GOL A 400' 
AC4 Software A CIT 500 ? 11 'BINDING SITE FOR RESIDUE CIT A 500' 
# 
loop_
_struct_site_gen.id 
_struct_site_gen.site_id 
_struct_site_gen.pdbx_num_res 
_struct_site_gen.label_comp_id 
_struct_site_gen.label_asym_id 
_struct_site_gen.label_seq_id 
_struct_site_gen.pdbx_auth_ins_code 
_struct_site_gen.auth_comp_id 
_struct_site_gen.auth_asym_id 
_struct_site_gen.auth_seq_id 
_struct_site_gen.label_atom_id 
_struct_site_gen.label_alt_id 
_struct_site_gen.symmetry 
_struct_site_gen.details 
1  AC1 6  GLU A 93  ? GLU A 93   . ? 1_555 ? 
2  AC1 6  ASN A 95  ? ASN A 95   . ? 1_555 ? 
3  AC1 6  GLU A 101 ? GLU A 101  . ? 1_555 ? 
4  AC1 6  ASN A 112 ? ASN A 112  . ? 1_555 ? 
5  AC1 6  ASP A 113 ? ASP A 113  . ? 1_555 ? 
6  AC1 6  GOL C .   ? GOL A 300  . ? 1_555 ? 
7  AC2 7  GLU A 93  ? GLU A 93   . ? 1_555 ? 
8  AC2 7  ASN A 95  ? ASN A 95   . ? 1_555 ? 
9  AC2 7  GLU A 101 ? GLU A 101  . ? 1_555 ? 
10 AC2 7  ASN A 112 ? ASN A 112  . ? 1_555 ? 
11 AC2 7  ASP A 113 ? ASP A 113  . ? 1_555 ? 
12 AC2 7  CA  B .   ? CA  A 200  . ? 1_555 ? 
13 AC2 7  HOH F .   ? HOH A 2169 . ? 1_555 ? 
14 AC3 7  LYS A 20  ? LYS A 20   . ? 1_555 ? 
15 AC3 7  ASN A 56  ? ASN A 56   . ? 1_555 ? 
16 AC3 7  GLY A 57  ? GLY A 57   . ? 1_555 ? 
17 AC3 7  ASP A 58  ? ASP A 58   . ? 1_555 ? 
18 AC3 7  HOH F .   ? HOH A 2033 . ? 1_555 ? 
19 AC3 7  HOH F .   ? HOH A 2152 . ? 1_555 ? 
20 AC3 7  HOH F .   ? HOH A 2170 . ? 1_555 ? 
21 AC4 11 ASN A 100 ? ASN A 100  . ? 1_555 ? 
22 AC4 11 ASP A 102 ? ASP A 102  . ? 1_555 ? 
23 AC4 11 ARG A 115 ? ARG A 115  . ? 1_555 ? 
24 AC4 11 CYS A 116 ? CYS A 116  . ? 1_555 ? 
25 AC4 11 HIS A 117 ? HIS A 117  . ? 1_555 ? 
26 AC4 11 HOH F .   ? HOH A 2102 . ? 1_555 ? 
27 AC4 11 HOH F .   ? HOH A 2148 . ? 1_555 ? 
28 AC4 11 HOH F .   ? HOH A 2171 . ? 1_555 ? 
29 AC4 11 HOH F .   ? HOH A 2172 . ? 1_555 ? 
30 AC4 11 HOH F .   ? HOH A 2173 . ? 1_555 ? 
31 AC4 11 HOH F .   ? HOH A 2174 . ? 1_555 ? 
# 
loop_
_pdbx_validate_torsion.id 
_pdbx_validate_torsion.PDB_model_num 
_pdbx_validate_torsion.auth_comp_id 
_pdbx_validate_torsion.auth_asym_id 
_pdbx_validate_torsion.auth_seq_id 
_pdbx_validate_torsion.PDB_ins_code 
_pdbx_validate_torsion.label_alt_id 
_pdbx_validate_torsion.phi 
_pdbx_validate_torsion.psi 
1 1 LEU A 10 ? ? 53.72   -125.76 
2 1 ASP A 85 ? A -117.49 -72.73  
3 1 ASP A 85 ? B -131.37 -58.85  
4 1 ARG A 88 ? ? -140.63 38.59   
# 
_pdbx_struct_mod_residue.id               1 
_pdbx_struct_mod_residue.label_asym_id    A 
_pdbx_struct_mod_residue.label_comp_id    HYP 
_pdbx_struct_mod_residue.label_seq_id     91 
_pdbx_struct_mod_residue.auth_asym_id     A 
_pdbx_struct_mod_residue.auth_comp_id     HYP 
_pdbx_struct_mod_residue.auth_seq_id      91 
_pdbx_struct_mod_residue.PDB_ins_code     ? 
_pdbx_struct_mod_residue.parent_comp_id   PRO 
_pdbx_struct_mod_residue.details          4-HYDROXYPROLINE 
# 
loop_
_pdbx_struct_special_symmetry.id 
_pdbx_struct_special_symmetry.PDB_model_num 
_pdbx_struct_special_symmetry.auth_asym_id 
_pdbx_struct_special_symmetry.auth_comp_id 
_pdbx_struct_special_symmetry.auth_seq_id 
_pdbx_struct_special_symmetry.PDB_ins_code 
_pdbx_struct_special_symmetry.label_asym_id 
_pdbx_struct_special_symmetry.label_comp_id 
_pdbx_struct_special_symmetry.label_seq_id 
1 1 A HOH 2015 ? F HOH . 
2 1 A HOH 2151 ? F HOH . 
3 1 A HOH 2172 ? F HOH . 
# 
loop_
_chem_comp_atom.comp_id 
_chem_comp_atom.atom_id 
_chem_comp_atom.type_symbol 
_chem_comp_atom.pdbx_aromatic_flag 
_chem_comp_atom.pdbx_stereo_config 
_chem_comp_atom.pdbx_ordinal 
ALA N    N  N N 1   
ALA CA   C  N S 2   
ALA C    C  N N 3   
ALA O    O  N N 4   
ALA CB   C  N N 5   
ALA OXT  O  N N 6   
ALA H    H  N N 7   
ALA H2   H  N N 8   
ALA HA   H  N N 9   
ALA HB1  H  N N 10  
ALA HB2  H  N N 11  
ALA HB3  H  N N 12  
ALA HXT  H  N N 13  
ARG N    N  N N 14  
ARG CA   C  N S 15  
ARG C    C  N N 16  
ARG O    O  N N 17  
ARG CB   C  N N 18  
ARG CG   C  N N 19  
ARG CD   C  N N 20  
ARG NE   N  N N 21  
ARG CZ   C  N N 22  
ARG NH1  N  N N 23  
ARG NH2  N  N N 24  
ARG OXT  O  N N 25  
ARG H    H  N N 26  
ARG H2   H  N N 27  
ARG HA   H  N N 28  
ARG HB2  H  N N 29  
ARG HB3  H  N N 30  
ARG HG2  H  N N 31  
ARG HG3  H  N N 32  
ARG HD2  H  N N 33  
ARG HD3  H  N N 34  
ARG HE   H  N N 35  
ARG HH11 H  N N 36  
ARG HH12 H  N N 37  
ARG HH21 H  N N 38  
ARG HH22 H  N N 39  
ARG HXT  H  N N 40  
ASN N    N  N N 41  
ASN CA   C  N S 42  
ASN C    C  N N 43  
ASN O    O  N N 44  
ASN CB   C  N N 45  
ASN CG   C  N N 46  
ASN OD1  O  N N 47  
ASN ND2  N  N N 48  
ASN OXT  O  N N 49  
ASN H    H  N N 50  
ASN H2   H  N N 51  
ASN HA   H  N N 52  
ASN HB2  H  N N 53  
ASN HB3  H  N N 54  
ASN HD21 H  N N 55  
ASN HD22 H  N N 56  
ASN HXT  H  N N 57  
ASP N    N  N N 58  
ASP CA   C  N S 59  
ASP C    C  N N 60  
ASP O    O  N N 61  
ASP CB   C  N N 62  
ASP CG   C  N N 63  
ASP OD1  O  N N 64  
ASP OD2  O  N N 65  
ASP OXT  O  N N 66  
ASP H    H  N N 67  
ASP H2   H  N N 68  
ASP HA   H  N N 69  
ASP HB2  H  N N 70  
ASP HB3  H  N N 71  
ASP HD2  H  N N 72  
ASP HXT  H  N N 73  
CA  CA   CA N N 74  
CIT C1   C  N N 75  
CIT O1   O  N N 76  
CIT O2   O  N N 77  
CIT C2   C  N N 78  
CIT C3   C  N N 79  
CIT O7   O  N N 80  
CIT C4   C  N N 81  
CIT C5   C  N N 82  
CIT O3   O  N N 83  
CIT O4   O  N N 84  
CIT C6   C  N N 85  
CIT O5   O  N N 86  
CIT O6   O  N N 87  
CIT HO2  H  N N 88  
CIT H21  H  N N 89  
CIT H22  H  N N 90  
CIT HO7  H  N N 91  
CIT H41  H  N N 92  
CIT H42  H  N N 93  
CIT HO4  H  N N 94  
CIT HO6  H  N N 95  
CYS N    N  N N 96  
CYS CA   C  N R 97  
CYS C    C  N N 98  
CYS O    O  N N 99  
CYS CB   C  N N 100 
CYS SG   S  N N 101 
CYS OXT  O  N N 102 
CYS H    H  N N 103 
CYS H2   H  N N 104 
CYS HA   H  N N 105 
CYS HB2  H  N N 106 
CYS HB3  H  N N 107 
CYS HG   H  N N 108 
CYS HXT  H  N N 109 
GLN N    N  N N 110 
GLN CA   C  N S 111 
GLN C    C  N N 112 
GLN O    O  N N 113 
GLN CB   C  N N 114 
GLN CG   C  N N 115 
GLN CD   C  N N 116 
GLN OE1  O  N N 117 
GLN NE2  N  N N 118 
GLN OXT  O  N N 119 
GLN H    H  N N 120 
GLN H2   H  N N 121 
GLN HA   H  N N 122 
GLN HB2  H  N N 123 
GLN HB3  H  N N 124 
GLN HG2  H  N N 125 
GLN HG3  H  N N 126 
GLN HE21 H  N N 127 
GLN HE22 H  N N 128 
GLN HXT  H  N N 129 
GLU N    N  N N 130 
GLU CA   C  N S 131 
GLU C    C  N N 132 
GLU O    O  N N 133 
GLU CB   C  N N 134 
GLU CG   C  N N 135 
GLU CD   C  N N 136 
GLU OE1  O  N N 137 
GLU OE2  O  N N 138 
GLU OXT  O  N N 139 
GLU H    H  N N 140 
GLU H2   H  N N 141 
GLU HA   H  N N 142 
GLU HB2  H  N N 143 
GLU HB3  H  N N 144 
GLU HG2  H  N N 145 
GLU HG3  H  N N 146 
GLU HE2  H  N N 147 
GLU HXT  H  N N 148 
GLY N    N  N N 149 
GLY CA   C  N N 150 
GLY C    C  N N 151 
GLY O    O  N N 152 
GLY OXT  O  N N 153 
GLY H    H  N N 154 
GLY H2   H  N N 155 
GLY HA2  H  N N 156 
GLY HA3  H  N N 157 
GLY HXT  H  N N 158 
GOL C1   C  N N 159 
GOL O1   O  N N 160 
GOL C2   C  N N 161 
GOL O2   O  N N 162 
GOL C3   C  N N 163 
GOL O3   O  N N 164 
GOL H11  H  N N 165 
GOL H12  H  N N 166 
GOL HO1  H  N N 167 
GOL H2   H  N N 168 
GOL HO2  H  N N 169 
GOL H31  H  N N 170 
GOL H32  H  N N 171 
GOL HO3  H  N N 172 
HIS N    N  N N 173 
HIS CA   C  N S 174 
HIS C    C  N N 175 
HIS O    O  N N 176 
HIS CB   C  N N 177 
HIS CG   C  Y N 178 
HIS ND1  N  Y N 179 
HIS CD2  C  Y N 180 
HIS CE1  C  Y N 181 
HIS NE2  N  Y N 182 
HIS OXT  O  N N 183 
HIS H    H  N N 184 
HIS H2   H  N N 185 
HIS HA   H  N N 186 
HIS HB2  H  N N 187 
HIS HB3  H  N N 188 
HIS HD1  H  N N 189 
HIS HD2  H  N N 190 
HIS HE1  H  N N 191 
HIS HE2  H  N N 192 
HIS HXT  H  N N 193 
HOH O    O  N N 194 
HOH H1   H  N N 195 
HOH H2   H  N N 196 
HYP N    N  N N 197 
HYP CA   C  N S 198 
HYP C    C  N N 199 
HYP O    O  N N 200 
HYP CB   C  N N 201 
HYP CG   C  N R 202 
HYP CD   C  N N 203 
HYP OD1  O  N N 204 
HYP OXT  O  N N 205 
HYP H    H  N N 206 
HYP HA   H  N N 207 
HYP HB2  H  N N 208 
HYP HB3  H  N N 209 
HYP HG   H  N N 210 
HYP HD22 H  N N 211 
HYP HD23 H  N N 212 
HYP HD1  H  N N 213 
HYP HXT  H  N N 214 
ILE N    N  N N 215 
ILE CA   C  N S 216 
ILE C    C  N N 217 
ILE O    O  N N 218 
ILE CB   C  N S 219 
ILE CG1  C  N N 220 
ILE CG2  C  N N 221 
ILE CD1  C  N N 222 
ILE OXT  O  N N 223 
ILE H    H  N N 224 
ILE H2   H  N N 225 
ILE HA   H  N N 226 
ILE HB   H  N N 227 
ILE HG12 H  N N 228 
ILE HG13 H  N N 229 
ILE HG21 H  N N 230 
ILE HG22 H  N N 231 
ILE HG23 H  N N 232 
ILE HD11 H  N N 233 
ILE HD12 H  N N 234 
ILE HD13 H  N N 235 
ILE HXT  H  N N 236 
LEU N    N  N N 237 
LEU CA   C  N S 238 
LEU C    C  N N 239 
LEU O    O  N N 240 
LEU CB   C  N N 241 
LEU CG   C  N N 242 
LEU CD1  C  N N 243 
LEU CD2  C  N N 244 
LEU OXT  O  N N 245 
LEU H    H  N N 246 
LEU H2   H  N N 247 
LEU HA   H  N N 248 
LEU HB2  H  N N 249 
LEU HB3  H  N N 250 
LEU HG   H  N N 251 
LEU HD11 H  N N 252 
LEU HD12 H  N N 253 
LEU HD13 H  N N 254 
LEU HD21 H  N N 255 
LEU HD22 H  N N 256 
LEU HD23 H  N N 257 
LEU HXT  H  N N 258 
LYS N    N  N N 259 
LYS CA   C  N S 260 
LYS C    C  N N 261 
LYS O    O  N N 262 
LYS CB   C  N N 263 
LYS CG   C  N N 264 
LYS CD   C  N N 265 
LYS CE   C  N N 266 
LYS NZ   N  N N 267 
LYS OXT  O  N N 268 
LYS H    H  N N 269 
LYS H2   H  N N 270 
LYS HA   H  N N 271 
LYS HB2  H  N N 272 
LYS HB3  H  N N 273 
LYS HG2  H  N N 274 
LYS HG3  H  N N 275 
LYS HD2  H  N N 276 
LYS HD3  H  N N 277 
LYS HE2  H  N N 278 
LYS HE3  H  N N 279 
LYS HZ1  H  N N 280 
LYS HZ2  H  N N 281 
LYS HZ3  H  N N 282 
LYS HXT  H  N N 283 
MET N    N  N N 284 
MET CA   C  N S 285 
MET C    C  N N 286 
MET O    O  N N 287 
MET CB   C  N N 288 
MET CG   C  N N 289 
MET SD   S  N N 290 
MET CE   C  N N 291 
MET OXT  O  N N 292 
MET H    H  N N 293 
MET H2   H  N N 294 
MET HA   H  N N 295 
MET HB2  H  N N 296 
MET HB3  H  N N 297 
MET HG2  H  N N 298 
MET HG3  H  N N 299 
MET HE1  H  N N 300 
MET HE2  H  N N 301 
MET HE3  H  N N 302 
MET HXT  H  N N 303 
PHE N    N  N N 304 
PHE CA   C  N S 305 
PHE C    C  N N 306 
PHE O    O  N N 307 
PHE CB   C  N N 308 
PHE CG   C  Y N 309 
PHE CD1  C  Y N 310 
PHE CD2  C  Y N 311 
PHE CE1  C  Y N 312 
PHE CE2  C  Y N 313 
PHE CZ   C  Y N 314 
PHE OXT  O  N N 315 
PHE H    H  N N 316 
PHE H2   H  N N 317 
PHE HA   H  N N 318 
PHE HB2  H  N N 319 
PHE HB3  H  N N 320 
PHE HD1  H  N N 321 
PHE HD2  H  N N 322 
PHE HE1  H  N N 323 
PHE HE2  H  N N 324 
PHE HZ   H  N N 325 
PHE HXT  H  N N 326 
PRO N    N  N N 327 
PRO CA   C  N S 328 
PRO C    C  N N 329 
PRO O    O  N N 330 
PRO CB   C  N N 331 
PRO CG   C  N N 332 
PRO CD   C  N N 333 
PRO OXT  O  N N 334 
PRO H    H  N N 335 
PRO HA   H  N N 336 
PRO HB2  H  N N 337 
PRO HB3  H  N N 338 
PRO HG2  H  N N 339 
PRO HG3  H  N N 340 
PRO HD2  H  N N 341 
PRO HD3  H  N N 342 
PRO HXT  H  N N 343 
SER N    N  N N 344 
SER CA   C  N S 345 
SER C    C  N N 346 
SER O    O  N N 347 
SER CB   C  N N 348 
SER OG   O  N N 349 
SER OXT  O  N N 350 
SER H    H  N N 351 
SER H2   H  N N 352 
SER HA   H  N N 353 
SER HB2  H  N N 354 
SER HB3  H  N N 355 
SER HG   H  N N 356 
SER HXT  H  N N 357 
THR N    N  N N 358 
THR CA   C  N S 359 
THR C    C  N N 360 
THR O    O  N N 361 
THR CB   C  N R 362 
THR OG1  O  N N 363 
THR CG2  C  N N 364 
THR OXT  O  N N 365 
THR H    H  N N 366 
THR H2   H  N N 367 
THR HA   H  N N 368 
THR HB   H  N N 369 
THR HG1  H  N N 370 
THR HG21 H  N N 371 
THR HG22 H  N N 372 
THR HG23 H  N N 373 
THR HXT  H  N N 374 
TRP N    N  N N 375 
TRP CA   C  N S 376 
TRP C    C  N N 377 
TRP O    O  N N 378 
TRP CB   C  N N 379 
TRP CG   C  Y N 380 
TRP CD1  C  Y N 381 
TRP CD2  C  Y N 382 
TRP NE1  N  Y N 383 
TRP CE2  C  Y N 384 
TRP CE3  C  Y N 385 
TRP CZ2  C  Y N 386 
TRP CZ3  C  Y N 387 
TRP CH2  C  Y N 388 
TRP OXT  O  N N 389 
TRP H    H  N N 390 
TRP H2   H  N N 391 
TRP HA   H  N N 392 
TRP HB2  H  N N 393 
TRP HB3  H  N N 394 
TRP HD1  H  N N 395 
TRP HE1  H  N N 396 
TRP HE3  H  N N 397 
TRP HZ2  H  N N 398 
TRP HZ3  H  N N 399 
TRP HH2  H  N N 400 
TRP HXT  H  N N 401 
TYR N    N  N N 402 
TYR CA   C  N S 403 
TYR C    C  N N 404 
TYR O    O  N N 405 
TYR CB   C  N N 406 
TYR CG   C  Y N 407 
TYR CD1  C  Y N 408 
TYR CD2  C  Y N 409 
TYR CE1  C  Y N 410 
TYR CE2  C  Y N 411 
TYR CZ   C  Y N 412 
TYR OH   O  N N 413 
TYR OXT  O  N N 414 
TYR H    H  N N 415 
TYR H2   H  N N 416 
TYR HA   H  N N 417 
TYR HB2  H  N N 418 
TYR HB3  H  N N 419 
TYR HD1  H  N N 420 
TYR HD2  H  N N 421 
TYR HE1  H  N N 422 
TYR HE2  H  N N 423 
TYR HH   H  N N 424 
TYR HXT  H  N N 425 
VAL N    N  N N 426 
VAL CA   C  N S 427 
VAL C    C  N N 428 
VAL O    O  N N 429 
VAL CB   C  N N 430 
VAL CG1  C  N N 431 
VAL CG2  C  N N 432 
VAL OXT  O  N N 433 
VAL H    H  N N 434 
VAL H2   H  N N 435 
VAL HA   H  N N 436 
VAL HB   H  N N 437 
VAL HG11 H  N N 438 
VAL HG12 H  N N 439 
VAL HG13 H  N N 440 
VAL HG21 H  N N 441 
VAL HG22 H  N N 442 
VAL HG23 H  N N 443 
VAL HXT  H  N N 444 
# 
loop_
_chem_comp_bond.comp_id 
_chem_comp_bond.atom_id_1 
_chem_comp_bond.atom_id_2 
_chem_comp_bond.value_order 
_chem_comp_bond.pdbx_aromatic_flag 
_chem_comp_bond.pdbx_stereo_config 
_chem_comp_bond.pdbx_ordinal 
ALA N   CA   sing N N 1   
ALA N   H    sing N N 2   
ALA N   H2   sing N N 3   
ALA CA  C    sing N N 4   
ALA CA  CB   sing N N 5   
ALA CA  HA   sing N N 6   
ALA C   O    doub N N 7   
ALA C   OXT  sing N N 8   
ALA CB  HB1  sing N N 9   
ALA CB  HB2  sing N N 10  
ALA CB  HB3  sing N N 11  
ALA OXT HXT  sing N N 12  
ARG N   CA   sing N N 13  
ARG N   H    sing N N 14  
ARG N   H2   sing N N 15  
ARG CA  C    sing N N 16  
ARG CA  CB   sing N N 17  
ARG CA  HA   sing N N 18  
ARG C   O    doub N N 19  
ARG C   OXT  sing N N 20  
ARG CB  CG   sing N N 21  
ARG CB  HB2  sing N N 22  
ARG CB  HB3  sing N N 23  
ARG CG  CD   sing N N 24  
ARG CG  HG2  sing N N 25  
ARG CG  HG3  sing N N 26  
ARG CD  NE   sing N N 27  
ARG CD  HD2  sing N N 28  
ARG CD  HD3  sing N N 29  
ARG NE  CZ   sing N N 30  
ARG NE  HE   sing N N 31  
ARG CZ  NH1  sing N N 32  
ARG CZ  NH2  doub N N 33  
ARG NH1 HH11 sing N N 34  
ARG NH1 HH12 sing N N 35  
ARG NH2 HH21 sing N N 36  
ARG NH2 HH22 sing N N 37  
ARG OXT HXT  sing N N 38  
ASN N   CA   sing N N 39  
ASN N   H    sing N N 40  
ASN N   H2   sing N N 41  
ASN CA  C    sing N N 42  
ASN CA  CB   sing N N 43  
ASN CA  HA   sing N N 44  
ASN C   O    doub N N 45  
ASN C   OXT  sing N N 46  
ASN CB  CG   sing N N 47  
ASN CB  HB2  sing N N 48  
ASN CB  HB3  sing N N 49  
ASN CG  OD1  doub N N 50  
ASN CG  ND2  sing N N 51  
ASN ND2 HD21 sing N N 52  
ASN ND2 HD22 sing N N 53  
ASN OXT HXT  sing N N 54  
ASP N   CA   sing N N 55  
ASP N   H    sing N N 56  
ASP N   H2   sing N N 57  
ASP CA  C    sing N N 58  
ASP CA  CB   sing N N 59  
ASP CA  HA   sing N N 60  
ASP C   O    doub N N 61  
ASP C   OXT  sing N N 62  
ASP CB  CG   sing N N 63  
ASP CB  HB2  sing N N 64  
ASP CB  HB3  sing N N 65  
ASP CG  OD1  doub N N 66  
ASP CG  OD2  sing N N 67  
ASP OD2 HD2  sing N N 68  
ASP OXT HXT  sing N N 69  
CIT C1  O1   doub N N 70  
CIT C1  O2   sing N N 71  
CIT C1  C2   sing N N 72  
CIT O2  HO2  sing N N 73  
CIT C2  C3   sing N N 74  
CIT C2  H21  sing N N 75  
CIT C2  H22  sing N N 76  
CIT C3  O7   sing N N 77  
CIT C3  C4   sing N N 78  
CIT C3  C6   sing N N 79  
CIT O7  HO7  sing N N 80  
CIT C4  C5   sing N N 81  
CIT C4  H41  sing N N 82  
CIT C4  H42  sing N N 83  
CIT C5  O3   doub N N 84  
CIT C5  O4   sing N N 85  
CIT O4  HO4  sing N N 86  
CIT C6  O5   doub N N 87  
CIT C6  O6   sing N N 88  
CIT O6  HO6  sing N N 89  
CYS N   CA   sing N N 90  
CYS N   H    sing N N 91  
CYS N   H2   sing N N 92  
CYS CA  C    sing N N 93  
CYS CA  CB   sing N N 94  
CYS CA  HA   sing N N 95  
CYS C   O    doub N N 96  
CYS C   OXT  sing N N 97  
CYS CB  SG   sing N N 98  
CYS CB  HB2  sing N N 99  
CYS CB  HB3  sing N N 100 
CYS SG  HG   sing N N 101 
CYS OXT HXT  sing N N 102 
GLN N   CA   sing N N 103 
GLN N   H    sing N N 104 
GLN N   H2   sing N N 105 
GLN CA  C    sing N N 106 
GLN CA  CB   sing N N 107 
GLN CA  HA   sing N N 108 
GLN C   O    doub N N 109 
GLN C   OXT  sing N N 110 
GLN CB  CG   sing N N 111 
GLN CB  HB2  sing N N 112 
GLN CB  HB3  sing N N 113 
GLN CG  CD   sing N N 114 
GLN CG  HG2  sing N N 115 
GLN CG  HG3  sing N N 116 
GLN CD  OE1  doub N N 117 
GLN CD  NE2  sing N N 118 
GLN NE2 HE21 sing N N 119 
GLN NE2 HE22 sing N N 120 
GLN OXT HXT  sing N N 121 
GLU N   CA   sing N N 122 
GLU N   H    sing N N 123 
GLU N   H2   sing N N 124 
GLU CA  C    sing N N 125 
GLU CA  CB   sing N N 126 
GLU CA  HA   sing N N 127 
GLU C   O    doub N N 128 
GLU C   OXT  sing N N 129 
GLU CB  CG   sing N N 130 
GLU CB  HB2  sing N N 131 
GLU CB  HB3  sing N N 132 
GLU CG  CD   sing N N 133 
GLU CG  HG2  sing N N 134 
GLU CG  HG3  sing N N 135 
GLU CD  OE1  doub N N 136 
GLU CD  OE2  sing N N 137 
GLU OE2 HE2  sing N N 138 
GLU OXT HXT  sing N N 139 
GLY N   CA   sing N N 140 
GLY N   H    sing N N 141 
GLY N   H2   sing N N 142 
GLY CA  C    sing N N 143 
GLY CA  HA2  sing N N 144 
GLY CA  HA3  sing N N 145 
GLY C   O    doub N N 146 
GLY C   OXT  sing N N 147 
GLY OXT HXT  sing N N 148 
GOL C1  O1   sing N N 149 
GOL C1  C2   sing N N 150 
GOL C1  H11  sing N N 151 
GOL C1  H12  sing N N 152 
GOL O1  HO1  sing N N 153 
GOL C2  O2   sing N N 154 
GOL C2  C3   sing N N 155 
GOL C2  H2   sing N N 156 
GOL O2  HO2  sing N N 157 
GOL C3  O3   sing N N 158 
GOL C3  H31  sing N N 159 
GOL C3  H32  sing N N 160 
GOL O3  HO3  sing N N 161 
HIS N   CA   sing N N 162 
HIS N   H    sing N N 163 
HIS N   H2   sing N N 164 
HIS CA  C    sing N N 165 
HIS CA  CB   sing N N 166 
HIS CA  HA   sing N N 167 
HIS C   O    doub N N 168 
HIS C   OXT  sing N N 169 
HIS CB  CG   sing N N 170 
HIS CB  HB2  sing N N 171 
HIS CB  HB3  sing N N 172 
HIS CG  ND1  sing Y N 173 
HIS CG  CD2  doub Y N 174 
HIS ND1 CE1  doub Y N 175 
HIS ND1 HD1  sing N N 176 
HIS CD2 NE2  sing Y N 177 
HIS CD2 HD2  sing N N 178 
HIS CE1 NE2  sing Y N 179 
HIS CE1 HE1  sing N N 180 
HIS NE2 HE2  sing N N 181 
HIS OXT HXT  sing N N 182 
HOH O   H1   sing N N 183 
HOH O   H2   sing N N 184 
HYP N   CA   sing N N 185 
HYP N   CD   sing N N 186 
HYP N   H    sing N N 187 
HYP CA  C    sing N N 188 
HYP CA  CB   sing N N 189 
HYP CA  HA   sing N N 190 
HYP C   O    doub N N 191 
HYP C   OXT  sing N N 192 
HYP CB  CG   sing N N 193 
HYP CB  HB2  sing N N 194 
HYP CB  HB3  sing N N 195 
HYP CG  CD   sing N N 196 
HYP CG  OD1  sing N N 197 
HYP CG  HG   sing N N 198 
HYP CD  HD22 sing N N 199 
HYP CD  HD23 sing N N 200 
HYP OD1 HD1  sing N N 201 
HYP OXT HXT  sing N N 202 
ILE N   CA   sing N N 203 
ILE N   H    sing N N 204 
ILE N   H2   sing N N 205 
ILE CA  C    sing N N 206 
ILE CA  CB   sing N N 207 
ILE CA  HA   sing N N 208 
ILE C   O    doub N N 209 
ILE C   OXT  sing N N 210 
ILE CB  CG1  sing N N 211 
ILE CB  CG2  sing N N 212 
ILE CB  HB   sing N N 213 
ILE CG1 CD1  sing N N 214 
ILE CG1 HG12 sing N N 215 
ILE CG1 HG13 sing N N 216 
ILE CG2 HG21 sing N N 217 
ILE CG2 HG22 sing N N 218 
ILE CG2 HG23 sing N N 219 
ILE CD1 HD11 sing N N 220 
ILE CD1 HD12 sing N N 221 
ILE CD1 HD13 sing N N 222 
ILE OXT HXT  sing N N 223 
LEU N   CA   sing N N 224 
LEU N   H    sing N N 225 
LEU N   H2   sing N N 226 
LEU CA  C    sing N N 227 
LEU CA  CB   sing N N 228 
LEU CA  HA   sing N N 229 
LEU C   O    doub N N 230 
LEU C   OXT  sing N N 231 
LEU CB  CG   sing N N 232 
LEU CB  HB2  sing N N 233 
LEU CB  HB3  sing N N 234 
LEU CG  CD1  sing N N 235 
LEU CG  CD2  sing N N 236 
LEU CG  HG   sing N N 237 
LEU CD1 HD11 sing N N 238 
LEU CD1 HD12 sing N N 239 
LEU CD1 HD13 sing N N 240 
LEU CD2 HD21 sing N N 241 
LEU CD2 HD22 sing N N 242 
LEU CD2 HD23 sing N N 243 
LEU OXT HXT  sing N N 244 
LYS N   CA   sing N N 245 
LYS N   H    sing N N 246 
LYS N   H2   sing N N 247 
LYS CA  C    sing N N 248 
LYS CA  CB   sing N N 249 
LYS CA  HA   sing N N 250 
LYS C   O    doub N N 251 
LYS C   OXT  sing N N 252 
LYS CB  CG   sing N N 253 
LYS CB  HB2  sing N N 254 
LYS CB  HB3  sing N N 255 
LYS CG  CD   sing N N 256 
LYS CG  HG2  sing N N 257 
LYS CG  HG3  sing N N 258 
LYS CD  CE   sing N N 259 
LYS CD  HD2  sing N N 260 
LYS CD  HD3  sing N N 261 
LYS CE  NZ   sing N N 262 
LYS CE  HE2  sing N N 263 
LYS CE  HE3  sing N N 264 
LYS NZ  HZ1  sing N N 265 
LYS NZ  HZ2  sing N N 266 
LYS NZ  HZ3  sing N N 267 
LYS OXT HXT  sing N N 268 
MET N   CA   sing N N 269 
MET N   H    sing N N 270 
MET N   H2   sing N N 271 
MET CA  C    sing N N 272 
MET CA  CB   sing N N 273 
MET CA  HA   sing N N 274 
MET C   O    doub N N 275 
MET C   OXT  sing N N 276 
MET CB  CG   sing N N 277 
MET CB  HB2  sing N N 278 
MET CB  HB3  sing N N 279 
MET CG  SD   sing N N 280 
MET CG  HG2  sing N N 281 
MET CG  HG3  sing N N 282 
MET SD  CE   sing N N 283 
MET CE  HE1  sing N N 284 
MET CE  HE2  sing N N 285 
MET CE  HE3  sing N N 286 
MET OXT HXT  sing N N 287 
PHE N   CA   sing N N 288 
PHE N   H    sing N N 289 
PHE N   H2   sing N N 290 
PHE CA  C    sing N N 291 
PHE CA  CB   sing N N 292 
PHE CA  HA   sing N N 293 
PHE C   O    doub N N 294 
PHE C   OXT  sing N N 295 
PHE CB  CG   sing N N 296 
PHE CB  HB2  sing N N 297 
PHE CB  HB3  sing N N 298 
PHE CG  CD1  doub Y N 299 
PHE CG  CD2  sing Y N 300 
PHE CD1 CE1  sing Y N 301 
PHE CD1 HD1  sing N N 302 
PHE CD2 CE2  doub Y N 303 
PHE CD2 HD2  sing N N 304 
PHE CE1 CZ   doub Y N 305 
PHE CE1 HE1  sing N N 306 
PHE CE2 CZ   sing Y N 307 
PHE CE2 HE2  sing N N 308 
PHE CZ  HZ   sing N N 309 
PHE OXT HXT  sing N N 310 
PRO N   CA   sing N N 311 
PRO N   CD   sing N N 312 
PRO N   H    sing N N 313 
PRO CA  C    sing N N 314 
PRO CA  CB   sing N N 315 
PRO CA  HA   sing N N 316 
PRO C   O    doub N N 317 
PRO C   OXT  sing N N 318 
PRO CB  CG   sing N N 319 
PRO CB  HB2  sing N N 320 
PRO CB  HB3  sing N N 321 
PRO CG  CD   sing N N 322 
PRO CG  HG2  sing N N 323 
PRO CG  HG3  sing N N 324 
PRO CD  HD2  sing N N 325 
PRO CD  HD3  sing N N 326 
PRO OXT HXT  sing N N 327 
SER N   CA   sing N N 328 
SER N   H    sing N N 329 
SER N   H2   sing N N 330 
SER CA  C    sing N N 331 
SER CA  CB   sing N N 332 
SER CA  HA   sing N N 333 
SER C   O    doub N N 334 
SER C   OXT  sing N N 335 
SER CB  OG   sing N N 336 
SER CB  HB2  sing N N 337 
SER CB  HB3  sing N N 338 
SER OG  HG   sing N N 339 
SER OXT HXT  sing N N 340 
THR N   CA   sing N N 341 
THR N   H    sing N N 342 
THR N   H2   sing N N 343 
THR CA  C    sing N N 344 
THR CA  CB   sing N N 345 
THR CA  HA   sing N N 346 
THR C   O    doub N N 347 
THR C   OXT  sing N N 348 
THR CB  OG1  sing N N 349 
THR CB  CG2  sing N N 350 
THR CB  HB   sing N N 351 
THR OG1 HG1  sing N N 352 
THR CG2 HG21 sing N N 353 
THR CG2 HG22 sing N N 354 
THR CG2 HG23 sing N N 355 
THR OXT HXT  sing N N 356 
TRP N   CA   sing N N 357 
TRP N   H    sing N N 358 
TRP N   H2   sing N N 359 
TRP CA  C    sing N N 360 
TRP CA  CB   sing N N 361 
TRP CA  HA   sing N N 362 
TRP C   O    doub N N 363 
TRP C   OXT  sing N N 364 
TRP CB  CG   sing N N 365 
TRP CB  HB2  sing N N 366 
TRP CB  HB3  sing N N 367 
TRP CG  CD1  doub Y N 368 
TRP CG  CD2  sing Y N 369 
TRP CD1 NE1  sing Y N 370 
TRP CD1 HD1  sing N N 371 
TRP CD2 CE2  doub Y N 372 
TRP CD2 CE3  sing Y N 373 
TRP NE1 CE2  sing Y N 374 
TRP NE1 HE1  sing N N 375 
TRP CE2 CZ2  sing Y N 376 
TRP CE3 CZ3  doub Y N 377 
TRP CE3 HE3  sing N N 378 
TRP CZ2 CH2  doub Y N 379 
TRP CZ2 HZ2  sing N N 380 
TRP CZ3 CH2  sing Y N 381 
TRP CZ3 HZ3  sing N N 382 
TRP CH2 HH2  sing N N 383 
TRP OXT HXT  sing N N 384 
TYR N   CA   sing N N 385 
TYR N   H    sing N N 386 
TYR N   H2   sing N N 387 
TYR CA  C    sing N N 388 
TYR CA  CB   sing N N 389 
TYR CA  HA   sing N N 390 
TYR C   O    doub N N 391 
TYR C   OXT  sing N N 392 
TYR CB  CG   sing N N 393 
TYR CB  HB2  sing N N 394 
TYR CB  HB3  sing N N 395 
TYR CG  CD1  doub Y N 396 
TYR CG  CD2  sing Y N 397 
TYR CD1 CE1  sing Y N 398 
TYR CD1 HD1  sing N N 399 
TYR CD2 CE2  doub Y N 400 
TYR CD2 HD2  sing N N 401 
TYR CE1 CZ   doub Y N 402 
TYR CE1 HE1  sing N N 403 
TYR CE2 CZ   sing Y N 404 
TYR CE2 HE2  sing N N 405 
TYR CZ  OH   sing N N 406 
TYR OH  HH   sing N N 407 
TYR OXT HXT  sing N N 408 
VAL N   CA   sing N N 409 
VAL N   H    sing N N 410 
VAL N   H2   sing N N 411 
VAL CA  C    sing N N 412 
VAL CA  CB   sing N N 413 
VAL CA  HA   sing N N 414 
VAL C   O    doub N N 415 
VAL C   OXT  sing N N 416 
VAL CB  CG1  sing N N 417 
VAL CB  CG2  sing N N 418 
VAL CB  HB   sing N N 419 
VAL CG1 HG11 sing N N 420 
VAL CG1 HG12 sing N N 421 
VAL CG1 HG13 sing N N 422 
VAL CG2 HG21 sing N N 423 
VAL CG2 HG22 sing N N 424 
VAL CG2 HG23 sing N N 425 
VAL OXT HXT  sing N N 426 
# 
_pdbx_initial_refinement_model.accession_code   ? 
_pdbx_initial_refinement_model.id               1 
_pdbx_initial_refinement_model.entity_id_list   ? 
_pdbx_initial_refinement_model.type             'in silico model' 
_pdbx_initial_refinement_model.source_name      Other 
_pdbx_initial_refinement_model.details          'HOMOLOGY MODEL' 
# 
_atom_sites.entry_id                    2VUV 
_atom_sites.fract_transf_matrix[1][1]   0.00423167 
_atom_sites.fract_transf_matrix[1][2]   -0.01571924 
_atom_sites.fract_transf_matrix[1][3]   -0.00385248 
_atom_sites.fract_transf_matrix[2][1]   0.01275183 
_atom_sites.fract_transf_matrix[2][2]   -0.00393713 
_atom_sites.fract_transf_matrix[2][3]   0.03007158 
_atom_sites.fract_transf_matrix[3][1]   -0.00959002 
_atom_sites.fract_transf_matrix[3][2]   -0.01823693 
_atom_sites.fract_transf_matrix[3][3]   0.00167897 
_atom_sites.fract_transf_vector[1]      0.003713 
_atom_sites.fract_transf_vector[2]      0.496453 
_atom_sites.fract_transf_vector[3]      0.257777 
# 
loop_
_atom_type.symbol 
C  
CA 
N  
O  
S  
# 
loop_
_atom_site.group_PDB 
_atom_site.id 
_atom_site.type_symbol 
_atom_site.label_atom_id 
_atom_site.label_alt_id 
_atom_site.label_comp_id 
_atom_site.label_asym_id 
_atom_site.label_entity_id 
_atom_site.label_seq_id 
_atom_site.pdbx_PDB_ins_code 
_atom_site.Cartn_x 
_atom_site.Cartn_y 
_atom_site.Cartn_z 
_atom_site.occupancy 
_atom_site.B_iso_or_equiv 
_atom_site.pdbx_formal_charge 
_atom_site.auth_seq_id 
_atom_site.auth_comp_id 
_atom_site.auth_asym_id 
_atom_site.auth_atom_id 
_atom_site.pdbx_PDB_model_num 
ATOM   1    N  N   . GLY A 1 1   ? -21.091 5.833   -2.624  1.00 20.91 ? 1    GLY A N   1 
ATOM   2    C  CA  . GLY A 1 1   ? -20.639 4.692   -3.462  1.00 18.70 ? 1    GLY A CA  1 
ATOM   3    C  C   . GLY A 1 1   ? -19.271 4.970   -4.028  1.00 16.93 ? 1    GLY A C   1 
ATOM   4    O  O   . GLY A 1 1   ? -18.621 5.960   -3.708  1.00 17.40 ? 1    GLY A O   1 
ATOM   5    N  N   . CYS A 1 2   ? -18.871 4.081   -4.917  1.00 14.71 ? 2    CYS A N   1 
ATOM   6    C  CA  . CYS A 1 2   ? -17.533 4.065   -5.518  1.00 13.65 ? 2    CYS A CA  1 
ATOM   7    C  C   . CYS A 1 2   ? -17.664 4.026   -7.026  1.00 13.99 ? 2    CYS A C   1 
ATOM   8    O  O   . CYS A 1 2   ? -18.713 3.611   -7.529  1.00 14.16 ? 2    CYS A O   1 
ATOM   9    C  CB  . CYS A 1 2   ? -16.747 2.830   -5.079  1.00 12.91 ? 2    CYS A CB  1 
ATOM   10   S  SG  . CYS A 1 2   ? -16.409 2.766   -3.321  1.00 12.13 ? 2    CYS A SG  1 
ATOM   11   N  N   . PRO A 1 3   ? -16.628 4.409   -7.763  1.00 13.76 ? 3    PRO A N   1 
ATOM   12   C  CA  . PRO A 1 3   ? -16.709 4.220   -9.224  1.00 13.80 ? 3    PRO A CA  1 
ATOM   13   C  C   . PRO A 1 3   ? -16.833 2.739   -9.568  1.00 13.10 ? 3    PRO A C   1 
ATOM   14   O  O   . PRO A 1 3   ? -16.445 1.816   -8.793  1.00 10.84 ? 3    PRO A O   1 
ATOM   15   C  CB  . PRO A 1 3   ? -15.365 4.773   -9.736  1.00 14.68 ? 3    PRO A CB  1 
ATOM   16   C  CG  . PRO A 1 3   ? -14.782 5.537   -8.586  1.00 15.58 ? 3    PRO A CG  1 
ATOM   17   C  CD  . PRO A 1 3   ? -15.316 4.947   -7.337  1.00 14.08 ? 3    PRO A CD  1 
ATOM   18   N  N   . ASP A 1 4   ? -17.348 2.431   -10.767 1.00 11.42 ? 4    ASP A N   1 
ATOM   19   C  CA  . ASP A 1 4   ? -17.468 1.066   -11.191 1.00 12.27 ? 4    ASP A CA  1 
ATOM   20   C  C   . ASP A 1 4   ? -16.096 0.375   -11.147 1.00 10.92 ? 4    ASP A C   1 
ATOM   21   O  O   . ASP A 1 4   ? -15.104 1.043   -11.490 1.00 12.76 ? 4    ASP A O   1 
ATOM   22   C  CB  . ASP A 1 4   ? -17.990 1.002   -12.644 1.00 11.68 ? 4    ASP A CB  1 
ATOM   23   C  CG  . ASP A 1 4   ? -19.454 1.359   -12.797 1.00 14.33 ? 4    ASP A CG  1 
ATOM   24   O  OD1 . ASP A 1 4   ? -20.218 1.504   -11.813 1.00 15.61 ? 4    ASP A OD1 1 
ATOM   25   O  OD2 . ASP A 1 4   ? -19.863 1.472   -13.986 1.00 11.86 ? 4    ASP A OD2 1 
ATOM   26   N  N   . GLY A 1 5   ? -16.089 -0.893  -10.737 1.00 10.95 ? 5    GLY A N   1 
ATOM   27   C  CA  . GLY A 1 5   ? -14.869 -1.668  -10.680 1.00 12.25 ? 5    GLY A CA  1 
ATOM   28   C  C   . GLY A 1 5   ? -14.047 -1.475  -9.417  1.00 12.50 ? 5    GLY A C   1 
ATOM   29   O  O   . GLY A 1 5   ? -13.100 -2.239  -9.208  1.00 14.13 ? 5    GLY A O   1 
ATOM   30   N  N   . TRP A 1 6   ? -14.335 -0.469  -8.600  1.00 10.37 ? 6    TRP A N   1 
ATOM   31   C  CA  . TRP A 1 6   ? -13.644 -0.313  -7.316  1.00 10.36 ? 6    TRP A CA  1 
ATOM   32   C  C   . TRP A 1 6   ? -14.341 -1.135  -6.256  1.00 10.53 ? 6    TRP A C   1 
ATOM   33   O  O   . TRP A 1 6   ? -15.552 -1.391  -6.380  1.00 12.46 ? 6    TRP A O   1 
ATOM   34   C  CB  . TRP A 1 6   ? -13.612 1.122   -6.924  1.00 9.47  ? 6    TRP A CB  1 
ATOM   35   C  CG  . TRP A 1 6   ? -12.752 2.016   -7.818  1.00 8.80  ? 6    TRP A CG  1 
ATOM   36   C  CD1 . TRP A 1 6   ? -12.908 2.267   -9.176  1.00 10.62 ? 6    TRP A CD1 1 
ATOM   37   C  CD2 . TRP A 1 6   ? -11.617 2.809   -7.415  1.00 7.67  ? 6    TRP A CD2 1 
ATOM   38   N  NE1 . TRP A 1 6   ? -11.939 3.141   -9.604  1.00 10.92 ? 6    TRP A NE1 1 
ATOM   39   C  CE2 . TRP A 1 6   ? -11.149 3.504   -8.542  1.00 9.23  ? 6    TRP A CE2 1 
ATOM   40   C  CE3 . TRP A 1 6   ? -10.964 3.006   -6.197  1.00 8.60  ? 6    TRP A CE3 1 
ATOM   41   C  CZ2 . TRP A 1 6   ? -10.030 4.359   -8.490  1.00 10.30 ? 6    TRP A CZ2 1 
ATOM   42   C  CZ3 . TRP A 1 6   ? -9.873  3.837   -6.155  1.00 9.54  ? 6    TRP A CZ3 1 
ATOM   43   C  CH2 . TRP A 1 6   ? -9.417  4.502   -7.290  1.00 10.13 ? 6    TRP A CH2 1 
ATOM   44   N  N   . THR A 1 7   ? -13.625 -1.517  -5.208  1.00 9.24  ? 7    THR A N   1 
ATOM   45   C  CA  . THR A 1 7   ? -14.136 -2.341  -4.085  1.00 10.93 ? 7    THR A CA  1 
ATOM   46   C  C   . THR A 1 7   ? -14.474 -1.403  -2.950  1.00 10.43 ? 7    THR A C   1 
ATOM   47   O  O   . THR A 1 7   ? -13.618 -0.711  -2.461  1.00 9.75  ? 7    THR A O   1 
ATOM   48   C  CB  . THR A 1 7   ? -13.073 -3.331  -3.670  1.00 11.23 ? 7    THR A CB  1 
ATOM   49   O  OG1 . THR A 1 7   ? -12.867 -4.292  -4.737  1.00 12.73 ? 7    THR A OG1 1 
ATOM   50   C  CG2 . THR A 1 7   ? -13.426 -4.028  -2.349  1.00 13.74 ? 7    THR A CG2 1 
ATOM   51   N  N   . GLN A 1 8   ? -15.745 -1.358  -2.535  1.00 9.48  ? 8    GLN A N   1 
ATOM   52   C  CA  . GLN A 1 8   ? -16.077 -0.559  -1.383  1.00 10.81 ? 8    GLN A CA  1 
ATOM   53   C  C   . GLN A 1 8   ? -15.745 -1.238  -0.090  1.00 9.49  ? 8    GLN A C   1 
ATOM   54   O  O   . GLN A 1 8   ? -15.933 -2.430  0.056   1.00 10.22 ? 8    GLN A O   1 
ATOM   55   C  CB  . GLN A 1 8   ? -17.537 -0.048  -1.424  1.00 12.34 ? 8    GLN A CB  1 
ATOM   56   C  CG  . GLN A 1 8   ? -17.793 1.079   -0.360  1.00 14.64 ? 8    GLN A CG  1 
ATOM   57   C  CD  . GLN A 1 8   ? -19.120 1.829   -0.530  1.00 15.54 ? 8    GLN A CD  1 
ATOM   58   O  OE1 . GLN A 1 8   ? -19.851 1.621   -1.523  1.00 20.53 ? 8    GLN A OE1 1 
ATOM   59   N  NE2 . GLN A 1 8   ? -19.456 2.679   0.454   1.00 19.05 ? 8    GLN A NE2 1 
ATOM   60   N  N   . PHE A 1 9   ? -15.263 -0.448  0.865   1.00 7.51  ? 9    PHE A N   1 
ATOM   61   C  CA  . PHE A 1 9   ? -15.182 -0.880  2.252   1.00 8.14  ? 9    PHE A CA  1 
ATOM   62   C  C   . PHE A 1 9   ? -15.534 0.311   3.134   1.00 8.01  ? 9    PHE A C   1 
ATOM   63   O  O   . PHE A 1 9   ? -14.781 1.300   3.199   1.00 8.71  ? 9    PHE A O   1 
ATOM   64   C  CB  . PHE A 1 9   ? -13.817 -1.400  2.638   1.00 8.33  ? 9    PHE A CB  1 
ATOM   65   C  CG  . PHE A 1 9   ? -13.748 -1.789  4.077   1.00 9.21  ? 9    PHE A CG  1 
ATOM   66   C  CD1 . PHE A 1 9   ? -14.536 -2.834  4.579   1.00 9.87  ? 9    PHE A CD1 1 
ATOM   67   C  CD2 . PHE A 1 9   ? -12.974 -1.081  4.970   1.00 10.24 ? 9    PHE A CD2 1 
ATOM   68   C  CE1 . PHE A 1 9   ? -14.518 -3.162  5.931   1.00 8.66  ? 9    PHE A CE1 1 
ATOM   69   C  CE2 . PHE A 1 9   ? -12.968 -1.411  6.312   1.00 11.72 ? 9    PHE A CE2 1 
ATOM   70   C  CZ  . PHE A 1 9   ? -13.736 -2.453  6.796   1.00 10.64 ? 9    PHE A CZ  1 
ATOM   71   N  N   . LEU A 1 10  ? -16.681 0.256   3.785   1.00 8.63  ? 10   LEU A N   1 
ATOM   72   C  CA  . LEU A 1 10  ? -17.149 1.354   4.593   1.00 8.74  ? 10   LEU A CA  1 
ATOM   73   C  C   . LEU A 1 10  ? -17.155 2.612   3.757   1.00 8.66  ? 10   LEU A C   1 
ATOM   74   O  O   . LEU A 1 10  ? -17.826 2.615   2.736   1.00 9.20  ? 10   LEU A O   1 
ATOM   75   C  CB  . LEU A 1 10  ? -16.396 1.454   5.931   1.00 9.13  ? 10   LEU A CB  1 
ATOM   76   C  CG  . LEU A 1 10  ? -16.289 0.177   6.705   1.00 8.76  ? 10   LEU A CG  1 
ATOM   77   C  CD1 . LEU A 1 10  ? -15.537 0.415   7.994   1.00 10.28 ? 10   LEU A CD1 1 
ATOM   78   C  CD2 . LEU A 1 10  ? -17.700 -0.436  7.000   1.00 10.97 ? 10   LEU A CD2 1 
ATOM   79   N  N   . ASP A 1 11  ? -16.501 3.698   4.192   1.00 9.18  ? 11   ASP A N   1 
ATOM   80   C  CA  . ASP A 1 11  ? -16.412 4.922   3.409   1.00 9.61  ? 11   ASP A CA  1 
ATOM   81   C  C   . ASP A 1 11  ? -15.194 5.041   2.494   1.00 8.98  ? 11   ASP A C   1 
ATOM   82   O  O   . ASP A 1 11  ? -14.899 6.157   2.000   1.00 10.34 ? 11   ASP A O   1 
ATOM   83   C  CB  . ASP A 1 11  ? -16.504 6.161   4.351   1.00 11.79 ? 11   ASP A CB  1 
ATOM   84   C  CG  . ASP A 1 11  ? -17.847 6.216   5.101   1.00 14.07 ? 11   ASP A CG  1 
ATOM   85   O  OD1 . ASP A 1 11  ? -18.863 5.968   4.431   1.00 18.14 ? 11   ASP A OD1 1 
ATOM   86   O  OD2 . ASP A 1 11  ? -17.818 6.405   6.309   1.00 24.71 ? 11   ASP A OD2 1 
ATOM   87   N  N   . LEU A 1 12  ? -14.555 3.908   2.173   1.00 9.04  ? 12   LEU A N   1 
ATOM   88   C  CA  . LEU A 1 12  ? -13.410 3.897   1.273   1.00 8.25  ? 12   LEU A CA  1 
ATOM   89   C  C   . LEU A 1 12  ? -13.696 3.067   0.040   1.00 8.16  ? 12   LEU A C   1 
ATOM   90   O  O   . LEU A 1 12  ? -14.574 2.211   0.037   1.00 8.61  ? 12   LEU A O   1 
ATOM   91   C  CB  . LEU A 1 12  ? -12.184 3.322   1.988   1.00 8.78  ? 12   LEU A CB  1 
ATOM   92   C  CG  . LEU A 1 12  ? -11.595 4.124   3.146   1.00 10.47 ? 12   LEU A CG  1 
ATOM   93   C  CD1 . LEU A 1 12  ? -10.482 3.332   3.827   1.00 12.27 ? 12   LEU A CD1 1 
ATOM   94   C  CD2 . LEU A 1 12  ? -11.111 5.494   2.668   1.00 12.31 ? 12   LEU A CD2 1 
ATOM   95   N  N   . CYS A 1 13  ? -12.995 3.395   -1.013  1.00 7.46  ? 13   CYS A N   1 
ATOM   96   C  CA  . CYS A 1 13  ? -13.038 2.663   -2.248  1.00 7.38  ? 13   CYS A CA  1 
ATOM   97   C  C   . CYS A 1 13  ? -11.611 2.230   -2.590  1.00 7.05  ? 13   CYS A C   1 
ATOM   98   O  O   . CYS A 1 13  ? -10.729 3.085   -2.588  1.00 7.81  ? 13   CYS A O   1 
ATOM   99   C  CB  . CYS A 1 13  ? -13.522 3.600   -3.391  1.00 8.13  ? 13   CYS A CB  1 
ATOM   100  S  SG  . CYS A 1 13  ? -15.130 4.345   -3.070  1.00 10.11 ? 13   CYS A SG  1 
ATOM   101  N  N   . TYR A 1 14  ? -11.420 0.972   -2.928  1.00 6.48  ? 14   TYR A N   1 
ATOM   102  C  CA  . TYR A 1 14  ? -10.104 0.453   -3.245  1.00 6.57  ? 14   TYR A CA  1 
ATOM   103  C  C   . TYR A 1 14  ? -10.028 -0.089  -4.656  1.00 6.63  ? 14   TYR A C   1 
ATOM   104  O  O   . TYR A 1 14  ? -11.036 -0.592  -5.206  1.00 7.39  ? 14   TYR A O   1 
ATOM   105  C  CB  . TYR A 1 14  ? -9.784  -0.698  -2.324  1.00 6.84  ? 14   TYR A CB  1 
ATOM   106  C  CG  . TYR A 1 14  ? -9.724  -0.386  -0.868  1.00 6.20  ? 14   TYR A CG  1 
ATOM   107  C  CD1 . TYR A 1 14  ? -8.842  0.583   -0.407  1.00 7.95  ? 14   TYR A CD1 1 
ATOM   108  C  CD2 . TYR A 1 14  ? -10.410 -1.166  0.074   1.00 7.32  ? 14   TYR A CD2 1 
ATOM   109  C  CE1 . TYR A 1 14  ? -8.684  0.810   0.979   1.00 6.92  ? 14   TYR A CE1 1 
ATOM   110  C  CE2 . TYR A 1 14  ? -10.270 -0.953  1.455   1.00 7.33  ? 14   TYR A CE2 1 
ATOM   111  C  CZ  . TYR A 1 14  ? -9.383  0.023   1.872   1.00 7.21  ? 14   TYR A CZ  1 
ATOM   112  O  OH  . TYR A 1 14  ? -9.220  0.158   3.249   1.00 7.91  ? 14   TYR A OH  1 
ATOM   113  N  N   . ILE A 1 15  ? -8.853  -0.056  -5.265  1.00 6.70  ? 15   ILE A N   1 
ATOM   114  C  CA  . ILE A 1 15  ? -8.674  -0.742  -6.534  1.00 7.84  ? 15   ILE A CA  1 
ATOM   115  C  C   . ILE A 1 15  ? -7.214  -1.297  -6.616  1.00 6.63  ? 15   ILE A C   1 
ATOM   116  O  O   . ILE A 1 15  ? -6.277  -0.606  -6.197  1.00 7.14  ? 15   ILE A O   1 
ATOM   117  C  CB  . ILE A 1 15  ? -9.042  0.134   -7.741  1.00 9.59  ? 15   ILE A CB  1 
ATOM   118  C  CG1 . ILE A 1 15  ? -9.217  -0.767  -8.979  1.00 10.87 ? 15   ILE A CG1 1 
ATOM   119  C  CG2 . ILE A 1 15  ? -8.026  1.269   -7.909  1.00 11.42 ? 15   ILE A CG2 1 
ATOM   120  C  CD1 . ILE A 1 15  ? -9.935  -0.028  -10.217 1.00 12.55 ? 15   ILE A CD1 1 
ATOM   121  N  N   . TYR A 1 16  ? -7.075  -2.498  -7.125  1.00 6.66  ? 16   TYR A N   1 
ATOM   122  C  CA  . TYR A 1 16  ? -5.782  -3.137  -7.406  1.00 6.68  ? 16   TYR A CA  1 
ATOM   123  C  C   . TYR A 1 16  ? -5.409  -2.793  -8.840  1.00 7.76  ? 16   TYR A C   1 
ATOM   124  O  O   . TYR A 1 16  ? -6.256  -2.872  -9.740  1.00 7.65  ? 16   TYR A O   1 
ATOM   125  C  CB  . TYR A 1 16  ? -5.883  -4.639  -7.227  1.00 7.01  ? 16   TYR A CB  1 
ATOM   126  C  CG  . TYR A 1 16  ? -4.637  -5.379  -7.597  1.00 6.35  ? 16   TYR A CG  1 
ATOM   127  C  CD1 . TYR A 1 16  ? -3.610  -5.580  -6.691  1.00 7.45  ? 16   TYR A CD1 1 
ATOM   128  C  CD2 . TYR A 1 16  ? -4.447  -5.813  -8.867  1.00 7.32  ? 16   TYR A CD2 1 
ATOM   129  C  CE1 . TYR A 1 16  ? -2.444  -6.220  -7.052  1.00 7.33  ? 16   TYR A CE1 1 
ATOM   130  C  CE2 . TYR A 1 16  ? -3.317  -6.506  -9.225  1.00 7.15  ? 16   TYR A CE2 1 
ATOM   131  C  CZ  . TYR A 1 16  ? -2.316  -6.697  -8.331  1.00 6.39  ? 16   TYR A CZ  1 
ATOM   132  O  OH  . TYR A 1 16  ? -1.184  -7.375  -8.728  1.00 7.51  ? 16   TYR A OH  1 
ATOM   133  N  N   . GLN A 1 17  ? -4.191  -2.324  -9.036  1.00 7.04  ? 17   GLN A N   1 
ATOM   134  C  CA  . GLN A 1 17  ? -3.622  -2.054  -10.378 1.00 7.84  ? 17   GLN A CA  1 
ATOM   135  C  C   . GLN A 1 17  ? -2.469  -2.979  -10.596 1.00 7.47  ? 17   GLN A C   1 
ATOM   136  O  O   . GLN A 1 17  ? -1.494  -2.955  -9.874  1.00 7.92  ? 17   GLN A O   1 
ATOM   137  C  CB  . GLN A 1 17  ? -3.184  -0.608  -10.488 1.00 8.79  ? 17   GLN A CB  1 
ATOM   138  C  CG  . GLN A 1 17  ? -4.394  0.372   -10.523 1.00 11.26 ? 17   GLN A CG  1 
ATOM   139  C  CD  . GLN A 1 17  ? -5.231  0.145   -11.782 1.00 15.71 ? 17   GLN A CD  1 
ATOM   140  O  OE1 . GLN A 1 17  ? -4.796  0.554   -12.837 1.00 16.07 ? 17   GLN A OE1 1 
ATOM   141  N  NE2 . GLN A 1 17  ? -6.348  -0.586  -11.712 1.00 15.33 ? 17   GLN A NE2 1 
ATOM   142  N  N   . SER A 1 18  ? -2.525  -3.809  -11.629 1.00 8.49  ? 18   SER A N   1 
ATOM   143  C  CA  . SER A 1 18  ? -1.506  -4.821  -11.876 1.00 8.65  ? 18   SER A CA  1 
ATOM   144  C  C   . SER A 1 18  ? -0.220  -4.286  -12.494 1.00 8.07  ? 18   SER A C   1 
ATOM   145  O  O   . SER A 1 18  ? 0.824   -4.913  -12.313 1.00 8.35  ? 18   SER A O   1 
ATOM   146  C  CB  . SER A 1 18  ? -2.109  -5.980  -12.702 1.00 10.11 ? 18   SER A CB  1 
ATOM   147  O  OG  . SER A 1 18  ? -2.262  -5.581  -14.054 1.00 11.97 ? 18   SER A OG  1 
ATOM   148  N  N   . ALA A 1 19  ? -0.294  -3.172  -13.202 1.00 8.09  ? 19   ALA A N   1 
ATOM   149  C  CA  . ALA A 1 19  ? 0.868   -2.642  -13.888 1.00 8.40  ? 19   ALA A CA  1 
ATOM   150  C  C   . ALA A 1 19  ? 2.001   -2.385  -12.895 1.00 8.81  ? 19   ALA A C   1 
ATOM   151  O  O   . ALA A 1 19  ? 1.748   -1.895  -11.782 1.00 11.23 ? 19   ALA A O   1 
ATOM   152  C  CB  . ALA A 1 19  ? 0.566   -1.360  -14.642 1.00 9.75  ? 19   ALA A CB  1 
ATOM   153  N  N   . LYS A 1 20  ? 3.215   -2.714  -13.258 1.00 7.47  ? 20   LYS A N   1 
ATOM   154  C  CA  . LYS A 1 20  ? 4.347   -2.582  -12.361 1.00 8.92  ? 20   LYS A CA  1 
ATOM   155  C  C   . LYS A 1 20  ? 4.898   -1.197  -12.381 1.00 9.13  ? 20   LYS A C   1 
ATOM   156  O  O   . LYS A 1 20  ? 5.055   -0.596  -13.477 1.00 11.45 ? 20   LYS A O   1 
ATOM   157  C  CB  . LYS A 1 20  ? 5.423   -3.587  -12.782 1.00 9.46  ? 20   LYS A CB  1 
ATOM   158  C  CG  . LYS A 1 20  ? 5.011   -5.005  -12.781 1.00 9.80  ? 20   LYS A CG  1 
ATOM   159  C  CD  . LYS A 1 20  ? 4.532   -5.423  -11.378 1.00 8.69  ? 20   LYS A CD  1 
ATOM   160  C  CE  . LYS A 1 20  ? 4.238   -6.897  -11.295 1.00 10.92 ? 20   LYS A CE  1 
ATOM   161  N  NZ  . LYS A 1 20  ? 3.665   -7.339  -9.919  1.00 9.18  ? 20   LYS A NZ  1 
ATOM   162  N  N   . ALA A 1 21  ? 5.191   -0.628  -11.222 1.00 7.92  ? 21   ALA A N   1 
ATOM   163  C  CA  . ALA A 1 21  ? 5.582   0.767   -11.114 1.00 8.54  ? 21   ALA A CA  1 
ATOM   164  C  C   . ALA A 1 21  ? 6.427   0.957   -9.875  1.00 8.60  ? 21   ALA A C   1 
ATOM   165  O  O   . ALA A 1 21  ? 6.288   0.179   -8.883  1.00 7.62  ? 21   ALA A O   1 
ATOM   166  C  CB  . ALA A 1 21  ? 4.383   1.685   -11.053 1.00 10.64 ? 21   ALA A CB  1 
ATOM   167  N  N   . SER A 1 22  ? 7.272   1.965   -9.829  1.00 7.04  ? 22   SER A N   1 
ATOM   168  C  CA  . SER A 1 22  ? 7.898   2.376   -8.598  1.00 6.84  ? 22   SER A CA  1 
ATOM   169  C  C   . SER A 1 22  ? 6.855   2.893   -7.647  1.00 7.38  ? 22   SER A C   1 
ATOM   170  O  O   . SER A 1 22  ? 5.729   3.227   -8.031  1.00 7.67  ? 22   SER A O   1 
ATOM   171  C  CB  . SER A 1 22  ? 8.920   3.480   -8.923  1.00 8.92  ? 22   SER A CB  1 
ATOM   172  O  OG  . SER A 1 22  ? 8.234   4.640   -9.355  1.00 9.98  ? 22   SER A OG  1 
ATOM   173  N  N   . TRP A 1 23  ? 7.227   3.002   -6.368  1.00 6.82  ? 23   TRP A N   1 
ATOM   174  C  CA  . TRP A 1 23  ? 6.305   3.576   -5.377  1.00 7.12  ? 23   TRP A CA  1 
ATOM   175  C  C   . TRP A 1 23  ? 5.815   4.939   -5.792  1.00 7.55  ? 23   TRP A C   1 
ATOM   176  O  O   . TRP A 1 23  ? 4.626   5.247   -5.709  1.00 7.86  ? 23   TRP A O   1 
ATOM   177  C  CB  . TRP A 1 23  ? 6.972   3.605   -3.987  1.00 6.82  ? 23   TRP A CB  1 
ATOM   178  C  CG  . TRP A 1 23  ? 6.123   4.008   -2.859  1.00 6.25  ? 23   TRP A CG  1 
ATOM   179  C  CD1 . TRP A 1 23  ? 5.417   3.175   -2.037  1.00 6.65  ? 23   TRP A CD1 1 
ATOM   180  C  CD2 . TRP A 1 23  ? 5.890   5.340   -2.378  1.00 5.71  ? 23   TRP A CD2 1 
ATOM   181  N  NE1 . TRP A 1 23  ? 4.789   3.913   -1.071  1.00 7.12  ? 23   TRP A NE1 1 
ATOM   182  C  CE2 . TRP A 1 23  ? 5.033   5.246   -1.247  1.00 7.22  ? 23   TRP A CE2 1 
ATOM   183  C  CE3 . TRP A 1 23  ? 6.337   6.587   -2.792  1.00 10.32 ? 23   TRP A CE3 1 
ATOM   184  C  CZ2 . TRP A 1 23  ? 4.618   6.349   -0.528  1.00 8.62  ? 23   TRP A CZ2 1 
ATOM   185  C  CZ3 . TRP A 1 23  ? 5.861   7.696   -2.124  1.00 8.60  ? 23   TRP A CZ3 1 
ATOM   186  C  CH2 . TRP A 1 23  ? 5.028   7.570   -0.986  1.00 10.17 ? 23   TRP A CH2 1 
ATOM   187  N  N   . ALA A 1 24  ? 6.760   5.779   -6.240  1.00 8.32  ? 24   ALA A N   1 
ATOM   188  C  CA  . ALA A 1 24  ? 6.389   7.127   -6.603  1.00 8.26  ? 24   ALA A CA  1 
ATOM   189  C  C   . ALA A 1 24  ? 5.487   7.246   -7.811  1.00 8.52  ? 24   ALA A C   1 
ATOM   190  O  O   . ALA A 1 24  ? 4.562   8.048   -7.836  1.00 9.11  ? 24   ALA A O   1 
ATOM   191  C  CB  . ALA A 1 24  ? 7.683   8.039   -6.803  1.00 10.63 ? 24   ALA A CB  1 
ATOM   192  N  N   A SER A 1 25  ? 5.759   6.413   -8.789  0.60 9.01  ? 25   SER A N   1 
ATOM   193  N  N   B SER A 1 25  ? 5.760   6.405   -8.794  0.40 9.00  ? 25   SER A N   1 
ATOM   194  C  CA  A SER A 1 25  ? 4.909   6.385   -9.973  0.60 9.16  ? 25   SER A CA  1 
ATOM   195  C  CA  B SER A 1 25  ? 4.930   6.359   -9.996  0.40 9.19  ? 25   SER A CA  1 
ATOM   196  C  C   A SER A 1 25  ? 3.510   5.890   -9.590  0.60 8.81  ? 25   SER A C   1 
ATOM   197  C  C   B SER A 1 25  ? 3.536   5.792   -9.698  0.40 8.72  ? 25   SER A C   1 
ATOM   198  O  O   A SER A 1 25  ? 2.500   6.482   -9.972  0.60 9.01  ? 25   SER A O   1 
ATOM   199  O  O   B SER A 1 25  ? 2.559   6.198   -10.294 0.40 8.38  ? 25   SER A O   1 
ATOM   200  C  CB  A SER A 1 25  ? 5.526   5.482   -10.997 0.60 9.98  ? 25   SER A CB  1 
ATOM   201  C  CB  B SER A 1 25  ? 5.582   5.516   -11.064 0.40 10.02 ? 25   SER A CB  1 
ATOM   202  O  OG  A SER A 1 25  ? 4.711   5.251   -12.144 0.60 11.05 ? 25   SER A OG  1 
ATOM   203  O  OG  B SER A 1 25  ? 6.706   6.159   -11.655 0.40 11.34 ? 25   SER A OG  1 
ATOM   204  N  N   . ALA A 1 26  ? 3.470   4.818   -8.795  1.00 8.03  ? 26   ALA A N   1 
ATOM   205  C  CA  . ALA A 1 26  ? 2.194   4.309   -8.297  1.00 7.22  ? 26   ALA A CA  1 
ATOM   206  C  C   . ALA A 1 26  ? 1.430   5.370   -7.536  1.00 8.03  ? 26   ALA A C   1 
ATOM   207  O  O   . ALA A 1 26  ? 0.206   5.530   -7.756  1.00 8.24  ? 26   ALA A O   1 
ATOM   208  C  CB  . ALA A 1 26  ? 2.456   3.067   -7.437  1.00 8.07  ? 26   ALA A CB  1 
ATOM   209  N  N   . GLN A 1 27  ? 2.062   6.128   -6.668  1.00 8.02  ? 27   GLN A N   1 
ATOM   210  C  CA  . GLN A 1 27  ? 1.408   7.194   -5.955  1.00 8.94  ? 27   GLN A CA  1 
ATOM   211  C  C   . GLN A 1 27  ? 0.842   8.193   -6.931  1.00 9.26  ? 27   GLN A C   1 
ATOM   212  O  O   . GLN A 1 27  ? -0.282  8.625   -6.770  1.00 9.29  ? 27   GLN A O   1 
ATOM   213  C  CB  . GLN A 1 27  ? 2.398   7.890   -5.019  1.00 8.95  ? 27   GLN A CB  1 
ATOM   214  C  CG  . GLN A 1 27  ? 1.786   8.846   -4.084  1.00 11.52 ? 27   GLN A CG  1 
ATOM   215  C  CD  . GLN A 1 27  ? 0.864   8.168   -3.016  1.00 14.13 ? 27   GLN A CD  1 
ATOM   216  O  OE1 . GLN A 1 27  ? -0.321  8.042   -3.272  1.00 15.27 ? 27   GLN A OE1 1 
ATOM   217  N  NE2 . GLN A 1 27  ? 1.413   7.743   -1.837  1.00 17.25 ? 27   GLN A NE2 1 
ATOM   218  N  N   A SER A 1 28  ? 1.622   8.647   -7.889  0.50 9.61  ? 28   SER A N   1 
ATOM   219  N  N   B SER A 1 28  ? 1.607   8.508   -7.975  0.50 10.39 ? 28   SER A N   1 
ATOM   220  C  CA  A SER A 1 28  ? 1.128   9.680   -8.790  0.50 9.31  ? 28   SER A CA  1 
ATOM   221  C  CA  B SER A 1 28  ? 1.166   9.476   -8.983  0.50 10.85 ? 28   SER A CA  1 
ATOM   222  C  C   A SER A 1 28  ? -0.133  9.178   -9.516  0.50 9.55  ? 28   SER A C   1 
ATOM   223  C  C   B SER A 1 28  ? -0.039  8.930   -9.733  0.50 11.09 ? 28   SER A C   1 
ATOM   224  O  O   A SER A 1 28  ? -1.087  9.941   -9.715  0.50 8.85  ? 28   SER A O   1 
ATOM   225  O  O   B SER A 1 28  ? -0.957  9.674   -10.076 0.50 11.29 ? 28   SER A O   1 
ATOM   226  C  CB  A SER A 1 28  ? 2.229   10.074  -9.769  0.50 10.50 ? 28   SER A CB  1 
ATOM   227  C  CB  B SER A 1 28  ? 2.266   9.771   -10.003 0.50 11.62 ? 28   SER A CB  1 
ATOM   228  O  OG  A SER A 1 28  ? 3.331   10.639  -9.083  0.50 11.39 ? 28   SER A OG  1 
ATOM   229  O  OG  B SER A 1 28  ? 1.765   10.753  -10.911 0.50 13.66 ? 28   SER A OG  1 
ATOM   230  N  N   A SER A 1 29  ? -0.131  7.895   -9.888  0.50 8.98  ? 29   SER A N   1 
ATOM   231  N  N   B SER A 1 29  ? 0.004   7.639   -10.032 0.50 9.99  ? 29   SER A N   1 
ATOM   232  C  CA  A SER A 1 29  ? -1.282  7.295   -10.561 0.50 8.74  ? 29   SER A CA  1 
ATOM   233  C  CA  B SER A 1 29  ? -1.128  6.994   -10.660 0.50 10.23 ? 29   SER A CA  1 
ATOM   234  C  C   A SER A 1 29  ? -2.473  7.313   -9.638  0.50 8.96  ? 29   SER A C   1 
ATOM   235  C  C   B SER A 1 29  ? -2.392  7.045   -9.773  0.50 10.16 ? 29   SER A C   1 
ATOM   236  O  O   A SER A 1 29  ? -3.600  7.775   -9.935  0.50 7.42  ? 29   SER A O   1 
ATOM   237  O  O   B SER A 1 29  ? -3.479  7.283   -10.306 0.50 11.22 ? 29   SER A O   1 
ATOM   238  C  CB  A SER A 1 29  ? -0.982  5.863   -10.953 0.50 9.63  ? 29   SER A CB  1 
ATOM   239  C  CB  B SER A 1 29  ? -0.766  5.564   -11.066 0.50 11.15 ? 29   SER A CB  1 
ATOM   240  O  OG  A SER A 1 29  ? -2.138  5.223   -11.446 0.50 9.53  ? 29   SER A OG  1 
ATOM   241  O  OG  B SER A 1 29  ? 0.172   5.553   -12.133 0.50 13.42 ? 29   SER A OG  1 
ATOM   242  N  N   . CYS A 1 30  ? -2.295  6.783   -8.453  1.00 10.59 ? 30   CYS A N   1 
ATOM   243  C  CA  . CYS A 1 30  ? -3.430  6.875   -7.556  1.00 9.90  ? 30   CYS A CA  1 
ATOM   244  C  C   . CYS A 1 30  ? -3.953  8.300   -7.354  1.00 11.13 ? 30   CYS A C   1 
ATOM   245  O  O   . CYS A 1 30  ? -5.155  8.518   -7.208  1.00 10.60 ? 30   CYS A O   1 
ATOM   246  C  CB  . CYS A 1 30  ? -3.096  6.307   -6.189  1.00 9.26  ? 30   CYS A CB  1 
ATOM   247  S  SG  . CYS A 1 30  ? -2.650  4.561   -6.097  1.00 8.12  ? 30   CYS A SG  1 
ATOM   248  N  N   . GLN A 1 31  ? -3.057  9.267   -7.350  1.00 11.49 ? 31   GLN A N   1 
ATOM   249  C  CA  . GLN A 1 31  ? -3.468  10.650  -7.181  1.00 13.30 ? 31   GLN A CA  1 
ATOM   250  C  C   . GLN A 1 31  ? -4.243  11.118  -8.407  1.00 14.46 ? 31   GLN A C   1 
ATOM   251  O  O   . GLN A 1 31  ? -5.284  11.804  -8.261  1.00 13.63 ? 31   GLN A O   1 
ATOM   252  C  CB  . GLN A 1 31  ? -2.229  11.522  -6.885  1.00 14.02 ? 31   GLN A CB  1 
ATOM   253  C  CG  . GLN A 1 31  ? -1.678  11.300  -5.492  1.00 15.03 ? 31   GLN A CG  1 
ATOM   254  C  CD  . GLN A 1 31  ? -0.305  11.943  -5.290  1.00 15.01 ? 31   GLN A CD  1 
ATOM   255  O  OE1 . GLN A 1 31  ? 0.392   12.205  -6.241  1.00 20.86 ? 31   GLN A OE1 1 
ATOM   256  N  NE2 . GLN A 1 31  ? 0.081   12.134  -4.041  1.00 20.74 ? 31   GLN A NE2 1 
ATOM   257  N  N   . ALA A 1 32  ? -3.815  10.679  -9.572  1.00 12.82 ? 32   ALA A N   1 
ATOM   258  C  CA  . ALA A 1 32  ? -4.541  10.994  -10.814 1.00 14.35 ? 32   ALA A CA  1 
ATOM   259  C  C   . ALA A 1 32  ? -5.968  10.407  -10.726 1.00 13.63 ? 32   ALA A C   1 
ATOM   260  O  O   . ALA A 1 32  ? -6.947  11.037  -11.194 1.00 13.52 ? 32   ALA A O   1 
ATOM   261  C  CB  . ALA A 1 32  ? -3.803  10.402  -11.959 1.00 14.55 ? 32   ALA A CB  1 
ATOM   262  N  N   . LEU A 1 33  ? -6.105  9.202   -10.156 1.00 11.89 ? 33   LEU A N   1 
ATOM   263  C  CA  . LEU A 1 33  ? -7.400  8.540   -9.967  1.00 11.78 ? 33   LEU A CA  1 
ATOM   264  C  C   . LEU A 1 33  ? -8.220  9.155   -8.803  1.00 11.71 ? 33   LEU A C   1 
ATOM   265  O  O   . LEU A 1 33  ? -9.216  8.540   -8.391  1.00 13.78 ? 33   LEU A O   1 
ATOM   266  C  CB  . LEU A 1 33  ? -7.177  7.048   -9.681  1.00 11.89 ? 33   LEU A CB  1 
ATOM   267  C  CG  . LEU A 1 33  ? -6.589  6.228   -10.797 1.00 9.63  ? 33   LEU A CG  1 
ATOM   268  C  CD1 . LEU A 1 33  ? -6.123  4.820   -10.353 1.00 12.63 ? 33   LEU A CD1 1 
ATOM   269  C  CD2 . LEU A 1 33  ? -7.606  6.043   -12.012 1.00 12.06 ? 33   LEU A CD2 1 
ATOM   270  N  N   . GLY A 1 34  ? -7.829  10.300  -8.237  1.00 11.46 ? 34   GLY A N   1 
ATOM   271  C  CA  . GLY A 1 34  ? -8.565  10.975  -7.208  1.00 12.44 ? 34   GLY A CA  1 
ATOM   272  C  C   . GLY A 1 34  ? -8.344  10.462  -5.804  1.00 11.62 ? 34   GLY A C   1 
ATOM   273  O  O   . GLY A 1 34  ? -9.161  10.711  -4.917  1.00 12.88 ? 34   GLY A O   1 
ATOM   274  N  N   . GLY A 1 35  ? -7.234  9.686   -5.630  1.00 11.26 ? 35   GLY A N   1 
ATOM   275  C  CA  . GLY A 1 35  ? -6.981  9.084   -4.338  1.00 12.15 ? 35   GLY A CA  1 
ATOM   276  C  C   . GLY A 1 35  ? -5.517  9.069   -3.993  1.00 11.51 ? 35   GLY A C   1 
ATOM   277  O  O   . GLY A 1 35  ? -4.758  9.962   -4.313  1.00 11.60 ? 35   GLY A O   1 
ATOM   278  N  N   . ILE A 1 36  ? -5.136  7.994   -3.304  1.00 9.07  ? 36   ILE A N   1 
ATOM   279  C  CA  . ILE A 1 36  ? -3.770  7.845   -2.720  1.00 8.91  ? 36   ILE A CA  1 
ATOM   280  C  C   . ILE A 1 36  ? -3.390  6.358   -2.773  1.00 8.56  ? 36   ILE A C   1 
ATOM   281  O  O   . ILE A 1 36  ? -4.281  5.505   -2.878  1.00 8.45  ? 36   ILE A O   1 
ATOM   282  C  CB  . ILE A 1 36  ? -3.671  8.370   -1.300  1.00 9.39  ? 36   ILE A CB  1 
ATOM   283  C  CG1 . ILE A 1 36  ? -4.664  7.653   -0.373  1.00 10.68 ? 36   ILE A CG1 1 
ATOM   284  C  CG2 . ILE A 1 36  ? -3.860  9.946   -1.268  1.00 12.16 ? 36   ILE A CG2 1 
ATOM   285  C  CD1 . ILE A 1 36  ? -4.567  8.043   1.137   1.00 10.94 ? 36   ILE A CD1 1 
ATOM   286  N  N   . LEU A 1 37  ? -2.120  6.001   -2.652  1.00 7.50  ? 37   LEU A N   1 
ATOM   287  C  CA  . LEU A 1 37  ? -1.792  4.595   -2.353  1.00 7.18  ? 37   LEU A CA  1 
ATOM   288  C  C   . LEU A 1 37  ? -2.512  4.193   -1.061  1.00 7.19  ? 37   LEU A C   1 
ATOM   289  O  O   . LEU A 1 37  ? -2.608  4.991   -0.114  1.00 7.03  ? 37   LEU A O   1 
ATOM   290  C  CB  . LEU A 1 37  ? -0.293  4.450   -2.175  1.00 7.66  ? 37   LEU A CB  1 
ATOM   291  C  CG  . LEU A 1 37  ? 0.521   4.245   -3.448  1.00 8.00  ? 37   LEU A CG  1 
ATOM   292  C  CD1 . LEU A 1 37  ? 2.034   4.381   -3.152  1.00 8.48  ? 37   LEU A CD1 1 
ATOM   293  C  CD2 . LEU A 1 37  ? 0.176   2.937   -4.159  1.00 8.95  ? 37   LEU A CD2 1 
ATOM   294  N  N   . ALA A 1 38  ? -3.048  2.974   -1.022  1.00 6.54  ? 38   ALA A N   1 
ATOM   295  C  CA  . ALA A 1 38  ? -3.831  2.526   0.103   1.00 6.15  ? 38   ALA A CA  1 
ATOM   296  C  C   . ALA A 1 38  ? -3.036  2.567   1.392   1.00 6.37  ? 38   ALA A C   1 
ATOM   297  O  O   . ALA A 1 38  ? -1.851  2.206   1.422   1.00 6.63  ? 38   ALA A O   1 
ATOM   298  C  CB  . ALA A 1 38  ? -4.372  1.185   -0.163  1.00 7.29  ? 38   ALA A CB  1 
ATOM   299  N  N   . GLU A 1 39  ? -3.730  2.982   2.442   1.00 6.52  ? 39   GLU A N   1 
ATOM   300  C  CA  . GLU A 1 39  ? -3.120  3.128   3.760   1.00 6.98  ? 39   GLU A CA  1 
ATOM   301  C  C   . GLU A 1 39  ? -3.910  2.324   4.792   1.00 7.73  ? 39   GLU A C   1 
ATOM   302  O  O   . GLU A 1 39  ? -4.802  2.899   5.471   1.00 8.20  ? 39   GLU A O   1 
ATOM   303  C  CB  . GLU A 1 39  ? -3.043  4.612   4.146   1.00 8.17  ? 39   GLU A CB  1 
ATOM   304  C  CG  . GLU A 1 39  ? -2.175  5.412   3.186   1.00 7.61  ? 39   GLU A CG  1 
ATOM   305  C  CD  . GLU A 1 39  ? -1.994  6.879   3.527   1.00 9.14  ? 39   GLU A CD  1 
ATOM   306  O  OE1 . GLU A 1 39  ? -2.764  7.402   4.343   1.00 10.77 ? 39   GLU A OE1 1 
ATOM   307  O  OE2 . GLU A 1 39  ? -1.077  7.510   2.938   1.00 9.79  ? 39   GLU A OE2 1 
ATOM   308  N  N   . PRO A 1 40  ? -3.691  1.035   4.884   1.00 7.77  ? 40   PRO A N   1 
ATOM   309  C  CA  . PRO A 1 40  ? -4.458  0.204   5.818   1.00 8.06  ? 40   PRO A CA  1 
ATOM   310  C  C   . PRO A 1 40  ? -4.100  0.468   7.256   1.00 8.21  ? 40   PRO A C   1 
ATOM   311  O  O   . PRO A 1 40  ? -3.145  -0.042  7.780   1.00 8.66  ? 40   PRO A O   1 
ATOM   312  C  CB  . PRO A 1 40  ? -4.139  -1.206  5.383   1.00 9.07  ? 40   PRO A CB  1 
ATOM   313  C  CG  . PRO A 1 40  ? -2.761  -1.120  4.728   1.00 8.35  ? 40   PRO A CG  1 
ATOM   314  C  CD  . PRO A 1 40  ? -2.768  0.233   4.063   1.00 7.76  ? 40   PRO A CD  1 
ATOM   315  N  N   A ASP A 1 41  ? -4.920  1.270   7.895   0.50 8.97  ? 41   ASP A N   1 
ATOM   316  N  N   B ASP A 1 41  ? -4.808  1.398   7.864   0.50 9.18  ? 41   ASP A N   1 
ATOM   317  C  CA  A ASP A 1 41  ? -4.649  1.800   9.229   0.50 9.05  ? 41   ASP A CA  1 
ATOM   318  C  CA  B ASP A 1 41  ? -4.531  1.750   9.257   0.50 9.41  ? 41   ASP A CA  1 
ATOM   319  C  C   A ASP A 1 41  ? -5.453  1.060   10.280  0.50 9.69  ? 41   ASP A C   1 
ATOM   320  C  C   B ASP A 1 41  ? -5.553  1.168   10.241  0.50 9.77  ? 41   ASP A C   1 
ATOM   321  O  O   A ASP A 1 41  ? -5.348  1.356   11.489  0.50 11.07 ? 41   ASP A O   1 
ATOM   322  O  O   B ASP A 1 41  ? -5.673  1.685   11.369  0.50 10.56 ? 41   ASP A O   1 
ATOM   323  C  CB  A ASP A 1 41  ? -5.011  3.276   9.250   0.50 10.11 ? 41   ASP A CB  1 
ATOM   324  C  CB  B ASP A 1 41  ? -4.329  3.268   9.401   0.50 10.93 ? 41   ASP A CB  1 
ATOM   325  C  CG  A ASP A 1 41  ? -4.513  3.970   10.460  0.50 12.29 ? 41   ASP A CG  1 
ATOM   326  C  CG  B ASP A 1 41  ? -5.619  4.052   9.427   0.50 13.33 ? 41   ASP A CG  1 
ATOM   327  O  OD1 A ASP A 1 41  ? -3.462  3.557   10.969  0.50 13.87 ? 41   ASP A OD1 1 
ATOM   328  O  OD1 B ASP A 1 41  ? -6.687  3.542   9.020   0.50 14.91 ? 41   ASP A OD1 1 
ATOM   329  O  OD2 A ASP A 1 41  ? -5.211  4.907   10.894  0.50 16.28 ? 41   ASP A OD2 1 
ATOM   330  O  OD2 B ASP A 1 41  ? -5.537  5.199   9.932   0.50 19.12 ? 41   ASP A OD2 1 
ATOM   331  N  N   . THR A 1 42  ? -6.258  0.102   9.872   1.00 9.08  ? 42   THR A N   1 
ATOM   332  C  CA  . THR A 1 42  ? -7.060  -0.704  10.775  1.00 9.50  ? 42   THR A CA  1 
ATOM   333  C  C   . THR A 1 42  ? -6.910  -2.152  10.372  1.00 8.87  ? 42   THR A C   1 
ATOM   334  O  O   . THR A 1 42  ? -6.586  -2.440  9.159   1.00 8.58  ? 42   THR A O   1 
ATOM   335  C  CB  . THR A 1 42  ? -8.575  -0.369  10.793  1.00 10.28 ? 42   THR A CB  1 
ATOM   336  O  OG1 . THR A 1 42  ? -9.147  -0.797  9.535   1.00 11.01 ? 42   THR A OG1 1 
ATOM   337  C  CG2 . THR A 1 42  ? -8.784  1.127   10.955  1.00 12.55 ? 42   THR A CG2 1 
ATOM   338  N  N   . ALA A 1 43  ? -7.171  -3.102  11.244  1.00 8.85  ? 43   ALA A N   1 
ATOM   339  C  CA  . ALA A 1 43  ? -7.119  -4.498  10.901  1.00 9.46  ? 43   ALA A CA  1 
ATOM   340  C  C   . ALA A 1 43  ? -8.094  -4.847  9.776   1.00 8.51  ? 43   ALA A C   1 
ATOM   341  O  O   . ALA A 1 43  ? -7.777  -5.633  8.902   1.00 9.14  ? 43   ALA A O   1 
ATOM   342  C  CB  . ALA A 1 43  ? -7.446  -5.371  12.160  1.00 11.17 ? 43   ALA A CB  1 
ATOM   343  N  N   . CYS A 1 44  ? -9.333  -4.325  9.859   1.00 7.92  ? 44   CYS A N   1 
ATOM   344  C  CA  . CYS A 1 44  ? -10.320 -4.688  8.844   1.00 7.70  ? 44   CYS A CA  1 
ATOM   345  C  C   . CYS A 1 44  ? -9.909  -4.157  7.466   1.00 7.25  ? 44   CYS A C   1 
ATOM   346  O  O   . CYS A 1 44  ? -10.123 -4.841  6.477   1.00 6.85  ? 44   CYS A O   1 
ATOM   347  C  CB  . CYS A 1 44  ? -11.676 -4.118  9.207   1.00 8.18  ? 44   CYS A CB  1 
ATOM   348  S  SG  . CYS A 1 44  ? -12.454 -4.712  10.713  1.00 10.86 ? 44   CYS A SG  1 
ATOM   349  N  N   . GLU A 1 45  ? -9.346  -2.973  7.401   1.00 5.85  ? 45   GLU A N   1 
ATOM   350  C  CA  . GLU A 1 45  ? -8.842  -2.478  6.118   1.00 6.19  ? 45   GLU A CA  1 
ATOM   351  C  C   . GLU A 1 45  ? -7.785  -3.413  5.550   1.00 6.88  ? 45   GLU A C   1 
ATOM   352  O  O   . GLU A 1 45  ? -7.788  -3.734  4.356   1.00 7.62  ? 45   GLU A O   1 
ATOM   353  C  CB  . GLU A 1 45  ? -8.265  -1.083  6.250   1.00 6.12  ? 45   GLU A CB  1 
ATOM   354  C  CG  . GLU A 1 45  ? -9.348  -0.017  6.514   1.00 7.05  ? 45   GLU A CG  1 
ATOM   355  C  CD  . GLU A 1 45  ? -8.821  1.335   6.780   1.00 7.58  ? 45   GLU A CD  1 
ATOM   356  O  OE1 . GLU A 1 45  ? -7.617  1.623   6.697   1.00 8.42  ? 45   GLU A OE1 1 
ATOM   357  O  OE2 . GLU A 1 45  ? -9.647  2.266   7.115   1.00 10.29 ? 45   GLU A OE2 1 
ATOM   358  N  N   . ASN A 1 46  ? -6.857  -3.838  6.389   1.00 6.22  ? 46   ASN A N   1 
ATOM   359  C  CA  . ASN A 1 46  ? -5.819  -4.751  5.949   1.00 6.48  ? 46   ASN A CA  1 
ATOM   360  C  C   . ASN A 1 46  ? -6.422  -6.033  5.450   1.00 6.17  ? 46   ASN A C   1 
ATOM   361  O  O   . ASN A 1 46  ? -5.973  -6.597  4.432   1.00 7.43  ? 46   ASN A O   1 
ATOM   362  C  CB  . ASN A 1 46  ? -4.846  -5.044  7.134   1.00 7.78  ? 46   ASN A CB  1 
ATOM   363  C  CG  . ASN A 1 46  ? -3.544  -5.647  6.716   1.00 12.92 ? 46   ASN A CG  1 
ATOM   364  O  OD1 . ASN A 1 46  ? -3.253  -6.808  7.072   1.00 23.52 ? 46   ASN A OD1 1 
ATOM   365  N  ND2 . ASN A 1 46  ? -2.755  -4.839  5.985   1.00 11.23 ? 46   ASN A ND2 1 
ATOM   366  N  N   . GLU A 1 47  ? -7.440  -6.592  6.125   1.00 7.23  ? 47   GLU A N   1 
ATOM   367  C  CA  . GLU A 1 47  ? -8.064  -7.855  5.647   1.00 8.12  ? 47   GLU A CA  1 
ATOM   368  C  C   . GLU A 1 47  ? -8.637  -7.699  4.261   1.00 6.40  ? 47   GLU A C   1 
ATOM   369  O  O   . GLU A 1 47  ? -8.521  -8.592  3.420   1.00 7.64  ? 47   GLU A O   1 
ATOM   370  C  CB  . GLU A 1 47  ? -9.160  -8.301  6.605   1.00 9.18  ? 47   GLU A CB  1 
ATOM   371  C  CG  . GLU A 1 47  ? -8.622  -8.713  7.954   1.00 14.86 ? 47   GLU A CG  1 
ATOM   372  C  CD  . GLU A 1 47  ? -9.693  -9.032  8.992   1.00 17.33 ? 47   GLU A CD  1 
ATOM   373  O  OE1 . GLU A 1 47  ? -10.790 -9.468  8.609   1.00 22.18 ? 47   GLU A OE1 1 
ATOM   374  O  OE2 . GLU A 1 47  ? -9.374  -8.836  10.222  1.00 26.04 ? 47   GLU A OE2 1 
ATOM   375  N  N   . VAL A 1 48  ? -9.311  -6.576  4.025   1.00 6.47  ? 48   VAL A N   1 
ATOM   376  C  CA  . VAL A 1 48  ? -9.889  -6.321  2.708   1.00 6.15  ? 48   VAL A CA  1 
ATOM   377  C  C   . VAL A 1 48  ? -8.793  -6.264  1.643   1.00 6.61  ? 48   VAL A C   1 
ATOM   378  O  O   . VAL A 1 48  ? -8.922  -6.839  0.576   1.00 6.88  ? 48   VAL A O   1 
ATOM   379  C  CB  . VAL A 1 48  ? -10.740 -5.052  2.712   1.00 6.88  ? 48   VAL A CB  1 
ATOM   380  C  CG1 . VAL A 1 48  ? -11.151 -4.582  1.316   1.00 8.38  ? 48   VAL A CG1 1 
ATOM   381  C  CG2 . VAL A 1 48  ? -11.978 -5.203  3.642   1.00 6.46  ? 48   VAL A CG2 1 
ATOM   382  N  N   . LEU A 1 49  ? -7.723  -5.520  1.919   1.00 5.00  ? 49   LEU A N   1 
ATOM   383  C  CA  . LEU A 1 49  ? -6.649  -5.377  0.921   1.00 6.16  ? 49   LEU A CA  1 
ATOM   384  C  C   . LEU A 1 49  ? -5.933  -6.690  0.676   1.00 5.69  ? 49   LEU A C   1 
ATOM   385  O  O   . LEU A 1 49  ? -5.596  -7.010  -0.483  1.00 6.40  ? 49   LEU A O   1 
ATOM   386  C  CB  . LEU A 1 49  ? -5.671  -4.284  1.402   1.00 5.87  ? 49   LEU A CB  1 
ATOM   387  C  CG  . LEU A 1 49  ? -6.274  -2.905  1.422   1.00 6.73  ? 49   LEU A CG  1 
ATOM   388  C  CD1 . LEU A 1 49  ? -5.201  -1.908  1.871   1.00 9.52  ? 49   LEU A CD1 1 
ATOM   389  C  CD2 . LEU A 1 49  ? -6.829  -2.482  0.081   1.00 9.44  ? 49   LEU A CD2 1 
ATOM   390  N  N   . ILE A 1 50  ? -5.721  -7.473  1.709   1.00 7.13  ? 50   ILE A N   1 
ATOM   391  C  CA  . ILE A 1 50  ? -5.095  -8.788  1.512   1.00 6.97  ? 50   ILE A CA  1 
ATOM   392  C  C   . ILE A 1 50  ? -5.952  -9.708  0.651   1.00 6.66  ? 50   ILE A C   1 
ATOM   393  O  O   . ILE A 1 50  ? -5.464  -10.459 -0.190  1.00 6.92  ? 50   ILE A O   1 
ATOM   394  C  CB  . ILE A 1 50  ? -4.790  -9.435  2.923   1.00 9.35  ? 50   ILE A CB  1 
ATOM   395  C  CG1 . ILE A 1 50  ? -3.587  -8.719  3.576   1.00 12.11 ? 50   ILE A CG1 1 
ATOM   396  C  CG2 . ILE A 1 50  ? -4.748  -10.990 2.879   1.00 13.28 ? 50   ILE A CG2 1 
ATOM   397  C  CD1 . ILE A 1 50  ? -3.524  -9.027  5.092   1.00 13.93 ? 50   ILE A CD1 1 
ATOM   398  N  N   . HIS A 1 51  ? -7.245  -9.646  0.869   1.00 6.00  ? 51   HIS A N   1 
ATOM   399  C  CA  . HIS A 1 51  ? -8.156  -10.409 0.054   1.00 6.76  ? 51   HIS A CA  1 
ATOM   400  C  C   . HIS A 1 51  ? -8.095  -9.941  -1.387  1.00 6.60  ? 51   HIS A C   1 
ATOM   401  O  O   . HIS A 1 51  ? -8.113  -10.796 -2.326  1.00 6.68  ? 51   HIS A O   1 
ATOM   402  C  CB  . HIS A 1 51  ? -9.574  -10.343 0.648   1.00 7.73  ? 51   HIS A CB  1 
ATOM   403  C  CG  . HIS A 1 51  ? -10.542 -11.267 -0.015  1.00 10.40 ? 51   HIS A CG  1 
ATOM   404  N  ND1 . HIS A 1 51  ? -11.289 -10.902 -1.099  1.00 13.11 ? 51   HIS A ND1 1 
ATOM   405  C  CD2 . HIS A 1 51  ? -10.864 -12.549 0.253   1.00 12.19 ? 51   HIS A CD2 1 
ATOM   406  C  CE1 . HIS A 1 51  ? -12.063 -11.924 -1.462  1.00 12.92 ? 51   HIS A CE1 1 
ATOM   407  N  NE2 . HIS A 1 51  ? -11.827 -12.927 -0.656  1.00 12.46 ? 51   HIS A NE2 1 
ATOM   408  N  N   . MET A 1 52  ? -8.002  -8.630  -1.615  1.00 6.23  ? 52   MET A N   1 
ATOM   409  C  CA  . MET A 1 52  ? -7.812  -8.148  -2.995  1.00 6.55  ? 52   MET A CA  1 
ATOM   410  C  C   . MET A 1 52  ? -6.527  -8.683  -3.592  1.00 7.07  ? 52   MET A C   1 
ATOM   411  O  O   . MET A 1 52  ? -6.503  -9.009  -4.783  1.00 7.51  ? 52   MET A O   1 
ATOM   412  C  CB  . MET A 1 52  ? -7.836  -6.622  -3.025  1.00 6.67  ? 52   MET A CB  1 
ATOM   413  C  CG  . MET A 1 52  ? -9.202  -6.061  -2.704  1.00 7.95  ? 52   MET A CG  1 
ATOM   414  S  SD  . MET A 1 52  ? -9.250  -4.250  -2.633  1.00 8.59  ? 52   MET A SD  1 
ATOM   415  C  CE  . MET A 1 52  ? -9.116  -3.896  -4.391  1.00 10.68 ? 52   MET A CE  1 
ATOM   416  N  N   . CYS A 1 53  ? -5.450  -8.726  -2.830  1.00 6.24  ? 53   CYS A N   1 
ATOM   417  C  CA  . CYS A 1 53  ? -4.216  -9.297  -3.341  1.00 5.90  ? 53   CYS A CA  1 
ATOM   418  C  C   . CYS A 1 53  ? -4.418  -10.732 -3.805  1.00 7.11  ? 53   CYS A C   1 
ATOM   419  O  O   . CYS A 1 53  ? -3.935  -11.136 -4.880  1.00 7.64  ? 53   CYS A O   1 
ATOM   420  C  CB  . CYS A 1 53  ? -3.124  -9.280  -2.295  1.00 6.58  ? 53   CYS A CB  1 
ATOM   421  S  SG  . CYS A 1 53  ? -2.481  -7.650  -1.851  1.00 8.27  ? 53   CYS A SG  1 
ATOM   422  N  N   . LYS A 1 54  ? -5.093  -11.535 -2.987  1.00 6.80  ? 54   LYS A N   1 
ATOM   423  C  CA  . LYS A 1 54  ? -5.355  -12.942 -3.325  1.00 8.20  ? 54   LYS A CA  1 
ATOM   424  C  C   . LYS A 1 54  ? -6.164  -13.038 -4.612  1.00 8.62  ? 54   LYS A C   1 
ATOM   425  O  O   . LYS A 1 54  ? -5.888  -13.891 -5.475  1.00 9.72  ? 54   LYS A O   1 
ATOM   426  C  CB  . LYS A 1 54  ? -6.116  -13.672 -2.219  1.00 8.99  ? 54   LYS A CB  1 
ATOM   427  C  CG  . LYS A 1 54  ? -5.420  -13.754 -0.906  1.00 12.05 ? 54   LYS A CG  1 
ATOM   428  C  CD  . LYS A 1 54  ? -6.234  -14.634 0.065   1.00 15.80 ? 54   LYS A CD  1 
ATOM   429  C  CE  . LYS A 1 54  ? -5.814  -14.533 1.495   1.00 21.97 ? 54   LYS A CE  1 
ATOM   430  N  NZ  . LYS A 1 54  ? -4.921  -15.659 1.926   1.00 30.53 ? 54   LYS A NZ  1 
ATOM   431  N  N   A GLU A 1 55  ? -7.181  -12.181 -4.729  0.50 8.47  ? 55   GLU A N   1 
ATOM   432  N  N   B GLU A 1 55  ? -7.168  -12.194 -4.754  0.50 7.85  ? 55   GLU A N   1 
ATOM   433  C  CA  A GLU A 1 55  ? -8.099  -12.091 -5.908  0.50 9.40  ? 55   GLU A CA  1 
ATOM   434  C  CA  B GLU A 1 55  ? -8.064  -12.247 -5.930  0.50 8.28  ? 55   GLU A CA  1 
ATOM   435  C  C   A GLU A 1 55  ? -7.328  -11.870 -7.210  0.50 9.08  ? 55   GLU A C   1 
ATOM   436  C  C   B GLU A 1 55  ? -7.417  -11.694 -7.203  0.50 8.61  ? 55   GLU A C   1 
ATOM   437  O  O   A GLU A 1 55  ? -7.755  -12.315 -8.308  0.50 9.83  ? 55   GLU A O   1 
ATOM   438  O  O   B GLU A 1 55  ? -8.017  -11.756 -8.281  0.50 9.40  ? 55   GLU A O   1 
ATOM   439  C  CB  A GLU A 1 55  ? -9.114  -10.937 -5.762  0.50 9.72  ? 55   GLU A CB  1 
ATOM   440  C  CB  B GLU A 1 55  ? -9.388  -11.545 -5.661  0.50 8.69  ? 55   GLU A CB  1 
ATOM   441  C  CG  A GLU A 1 55  ? -10.227 -11.203 -4.780  0.50 13.21 ? 55   GLU A CG  1 
ATOM   442  C  CG  B GLU A 1 55  ? -10.180 -12.124 -4.504  0.50 11.99 ? 55   GLU A CG  1 
ATOM   443  C  CD  A GLU A 1 55  ? -11.279 -10.063 -4.738  0.50 14.06 ? 55   GLU A CD  1 
ATOM   444  C  CD  B GLU A 1 55  ? -10.414 -13.627 -4.659  0.50 16.43 ? 55   GLU A CD  1 
ATOM   445  O  OE1 A GLU A 1 55  ? -10.983 -8.830  -4.944  0.50 15.71 ? 55   GLU A OE1 1 
ATOM   446  O  OE1 B GLU A 1 55  ? -10.995 -14.035 -5.677  0.50 22.97 ? 55   GLU A OE1 1 
ATOM   447  O  OE2 A GLU A 1 55  ? -12.452 -10.408 -4.473  0.50 21.23 ? 55   GLU A OE2 1 
ATOM   448  O  OE2 B GLU A 1 55  ? -10.024 -14.407 -3.762  0.50 23.71 ? 55   GLU A OE2 1 
ATOM   449  N  N   . ASN A 1 56  ? -6.196  -11.168 -7.100  1.00 8.15  ? 56   ASN A N   1 
ATOM   450  C  CA  . ASN A 1 56  ? -5.441  -10.700 -8.242  1.00 7.92  ? 56   ASN A CA  1 
ATOM   451  C  C   . ASN A 1 56  ? -4.144  -11.442 -8.410  1.00 7.94  ? 56   ASN A C   1 
ATOM   452  O  O   . ASN A 1 56  ? -3.272  -10.995 -9.139  1.00 9.13  ? 56   ASN A O   1 
ATOM   453  C  CB  . ASN A 1 56  ? -5.248  -9.197  -8.183  1.00 8.00  ? 56   ASN A CB  1 
ATOM   454  C  CG  . ASN A 1 56  ? -6.528  -8.466  -8.448  1.00 10.29 ? 56   ASN A CG  1 
ATOM   455  O  OD1 . ASN A 1 56  ? -6.906  -8.283  -9.605  1.00 10.82 ? 56   ASN A OD1 1 
ATOM   456  N  ND2 . ASN A 1 56  ? -7.239  -8.086  -7.402  1.00 9.73  ? 56   ASN A ND2 1 
ATOM   457  N  N   . GLY A 1 57  ? -4.011  -12.576 -7.746  1.00 8.29  ? 57   GLY A N   1 
ATOM   458  C  CA  . GLY A 1 57  ? -2.811  -13.355 -7.960  1.00 8.14  ? 57   GLY A CA  1 
ATOM   459  C  C   . GLY A 1 57  ? -1.544  -12.699 -7.456  1.00 8.79  ? 57   GLY A C   1 
ATOM   460  O  O   . GLY A 1 57  ? -0.451  -12.963 -8.004  1.00 11.03 ? 57   GLY A O   1 
ATOM   461  N  N   . ASP A 1 58  ? -1.638  -11.917 -6.365  1.00 7.44  ? 58   ASP A N   1 
ATOM   462  C  CA  . ASP A 1 58  ? -0.479  -11.204 -5.857  1.00 6.41  ? 58   ASP A CA  1 
ATOM   463  C  C   . ASP A 1 58  ? -0.358  -11.416 -4.363  1.00 6.47  ? 58   ASP A C   1 
ATOM   464  O  O   . ASP A 1 58  ? -0.111  -10.470 -3.567  1.00 6.45  ? 58   ASP A O   1 
ATOM   465  C  CB  . ASP A 1 58  ? -0.619  -9.727  -6.203  1.00 6.36  ? 58   ASP A CB  1 
ATOM   466  C  CG  . ASP A 1 58  ? 0.670   -9.052  -6.510  1.00 6.94  ? 58   ASP A CG  1 
ATOM   467  O  OD1 . ASP A 1 58  ? 1.757   -9.640  -6.336  1.00 7.33  ? 58   ASP A OD1 1 
ATOM   468  O  OD2 . ASP A 1 58  ? 0.650   -7.884  -6.946  1.00 7.65  ? 58   ASP A OD2 1 
ATOM   469  N  N   . ALA A 1 59  ? -0.433  -12.685 -3.975  1.00 5.83  ? 59   ALA A N   1 
ATOM   470  C  CA  . ALA A 1 59  ? -0.343  -13.121 -2.574  1.00 6.94  ? 59   ALA A CA  1 
ATOM   471  C  C   . ALA A 1 59  ? 1.011   -13.732 -2.221  1.00 8.35  ? 59   ALA A C   1 
ATOM   472  O  O   . ALA A 1 59  ? 1.195   -14.254 -1.123  1.00 9.31  ? 59   ALA A O   1 
ATOM   473  C  CB  . ALA A 1 59  ? -1.443  -14.137 -2.246  1.00 7.71  ? 59   ALA A CB  1 
ATOM   474  N  N   . GLY A 1 60  ? 1.950   -13.588 -3.099  1.00 6.83  ? 60   GLY A N   1 
ATOM   475  C  CA  . GLY A 1 60  ? 3.305   -14.101 -2.866  1.00 7.58  ? 60   GLY A CA  1 
ATOM   476  C  C   . GLY A 1 60  ? 4.323   -13.016 -2.594  1.00 7.24  ? 60   GLY A C   1 
ATOM   477  O  O   . GLY A 1 60  ? 3.994   -12.034 -1.951  1.00 6.36  ? 60   GLY A O   1 
ATOM   478  N  N   . SER A 1 61  ? 5.556   -13.252 -3.035  1.00 7.70  ? 61   SER A N   1 
ATOM   479  C  CA  . SER A 1 61  ? 6.585   -12.262 -2.872  1.00 7.54  ? 61   SER A CA  1 
ATOM   480  C  C   . SER A 1 61  ? 6.300   -11.039 -3.768  1.00 7.81  ? 61   SER A C   1 
ATOM   481  O  O   . SER A 1 61  ? 5.642   -11.131 -4.804  1.00 8.23  ? 61   SER A O   1 
ATOM   482  C  CB  . SER A 1 61  ? 7.978   -12.849 -3.193  1.00 8.80  ? 61   SER A CB  1 
ATOM   483  O  OG  . SER A 1 61  ? 8.002   -13.329 -4.510  1.00 11.62 ? 61   SER A OG  1 
ATOM   484  N  N   . PHE A 1 62  ? 6.822   -9.901  -3.339  1.00 7.25  ? 62   PHE A N   1 
ATOM   485  C  CA  . PHE A 1 62  ? 6.793   -8.681  -4.170  1.00 6.85  ? 62   PHE A CA  1 
ATOM   486  C  C   . PHE A 1 62  ? 5.378   -8.313  -4.556  1.00 7.57  ? 62   PHE A C   1 
ATOM   487  O  O   . PHE A 1 62  ? 5.092   -7.988  -5.711  1.00 7.33  ? 62   PHE A O   1 
ATOM   488  C  CB  . PHE A 1 62  ? 7.766   -8.827  -5.368  1.00 8.23  ? 62   PHE A CB  1 
ATOM   489  C  CG  . PHE A 1 62  ? 9.179   -9.154  -4.939  1.00 8.06  ? 62   PHE A CG  1 
ATOM   490  C  CD1 . PHE A 1 62  ? 9.848   -8.227  -4.201  1.00 9.79  ? 62   PHE A CD1 1 
ATOM   491  C  CD2 . PHE A 1 62  ? 9.760   -10.395 -5.155  1.00 10.96 ? 62   PHE A CD2 1 
ATOM   492  C  CE1 . PHE A 1 62  ? 11.148  -8.506  -3.705  1.00 11.17 ? 62   PHE A CE1 1 
ATOM   493  C  CE2 . PHE A 1 62  ? 11.027  -10.635 -4.666  1.00 10.46 ? 62   PHE A CE2 1 
ATOM   494  C  CZ  . PHE A 1 62  ? 11.699  -9.683  -3.984  1.00 11.36 ? 62   PHE A CZ  1 
ATOM   495  N  N   . GLY A 1 63  ? 4.504   -8.365  -3.572  1.00 6.38  ? 63   GLY A N   1 
ATOM   496  C  CA  . GLY A 1 63  ? 3.141   -7.879  -3.651  1.00 5.63  ? 63   GLY A CA  1 
ATOM   497  C  C   . GLY A 1 63  ? 3.035   -6.360  -3.695  1.00 5.52  ? 63   GLY A C   1 
ATOM   498  O  O   . GLY A 1 63  ? 4.064   -5.650  -3.715  1.00 5.42  ? 63   GLY A O   1 
ATOM   499  N  N   . PRO A 1 64  ? 1.831   -5.839  -3.764  1.00 5.18  ? 64   PRO A N   1 
ATOM   500  C  CA  . PRO A 1 64  ? 1.668   -4.464  -4.176  1.00 5.16  ? 64   PRO A CA  1 
ATOM   501  C  C   . PRO A 1 64  ? 2.028   -3.366  -3.159  1.00 4.95  ? 64   PRO A C   1 
ATOM   502  O  O   . PRO A 1 64  ? 1.944   -3.568  -1.940  1.00 5.76  ? 64   PRO A O   1 
ATOM   503  C  CB  . PRO A 1 64  ? 0.161   -4.355  -4.501  1.00 5.82  ? 64   PRO A CB  1 
ATOM   504  C  CG  . PRO A 1 64  ? -0.466  -5.477  -3.704  1.00 6.51  ? 64   PRO A CG  1 
ATOM   505  C  CD  . PRO A 1 64  ? 0.572   -6.583  -3.682  1.00 5.36  ? 64   PRO A CD  1 
ATOM   506  N  N   . TRP A 1 65  ? 2.411   -2.216  -3.683  1.00 5.48  ? 65   TRP A N   1 
ATOM   507  C  CA  . TRP A 1 65  ? 2.654   -1.039  -2.903  1.00 5.60  ? 65   TRP A CA  1 
ATOM   508  C  C   . TRP A 1 65  ? 1.479   -0.566  -2.086  1.00 5.44  ? 65   TRP A C   1 
ATOM   509  O  O   . TRP A 1 65  ? 0.322   -0.616  -2.534  1.00 6.17  ? 65   TRP A O   1 
ATOM   510  C  CB  . TRP A 1 65  ? 3.083   0.131   -3.815  1.00 6.07  ? 65   TRP A CB  1 
ATOM   511  C  CG  . TRP A 1 65  ? 4.393   -0.024  -4.484  1.00 6.02  ? 65   TRP A CG  1 
ATOM   512  C  CD1 . TRP A 1 65  ? 4.645   0.032   -5.836  1.00 6.25  ? 65   TRP A CD1 1 
ATOM   513  C  CD2 . TRP A 1 65  ? 5.689   -0.172  -3.853  1.00 6.53  ? 65   TRP A CD2 1 
ATOM   514  N  NE1 . TRP A 1 65  ? 6.018   -0.076  -6.055  1.00 7.60  ? 65   TRP A NE1 1 
ATOM   515  C  CE2 . TRP A 1 65  ? 6.681   -0.202  -4.862  1.00 7.14  ? 65   TRP A CE2 1 
ATOM   516  C  CE3 . TRP A 1 65  ? 6.099   -0.282  -2.546  1.00 6.37  ? 65   TRP A CE3 1 
ATOM   517  C  CZ2 . TRP A 1 65  ? 8.048   -0.358  -4.574  1.00 7.82  ? 65   TRP A CZ2 1 
ATOM   518  C  CZ3 . TRP A 1 65  ? 7.448   -0.439  -2.275  1.00 7.35  ? 65   TRP A CZ3 1 
ATOM   519  C  CH2 . TRP A 1 65  ? 8.391   -0.462  -3.268  1.00 7.26  ? 65   TRP A CH2 1 
ATOM   520  N  N   . LEU A 1 66  ? 1.809   -0.025  -0.904  1.00 5.63  ? 66   LEU A N   1 
ATOM   521  C  CA  . LEU A 1 66  ? 0.957   0.695   0.032   1.00 5.76  ? 66   LEU A CA  1 
ATOM   522  C  C   . LEU A 1 66  ? 1.538   2.066   0.302   1.00 5.60  ? 66   LEU A C   1 
ATOM   523  O  O   . LEU A 1 66  ? 2.700   2.301   -0.027  1.00 6.49  ? 66   LEU A O   1 
ATOM   524  C  CB  . LEU A 1 66  ? 0.839   -0.088  1.332   1.00 6.34  ? 66   LEU A CB  1 
ATOM   525  C  CG  . LEU A 1 66  ? 0.232   -1.481  1.202   1.00 5.26  ? 66   LEU A CG  1 
ATOM   526  C  CD1 . LEU A 1 66  ? 0.465   -2.199  2.545   1.00 7.07  ? 66   LEU A CD1 1 
ATOM   527  C  CD2 . LEU A 1 66  ? -1.263  -1.425  0.856   1.00 7.01  ? 66   LEU A CD2 1 
ATOM   528  N  N   . GLY A 1 67  ? 0.757   2.936   0.903   1.00 5.98  ? 67   GLY A N   1 
ATOM   529  C  CA  . GLY A 1 67  ? 1.152   4.332   1.040   1.00 7.38  ? 67   GLY A CA  1 
ATOM   530  C  C   . GLY A 1 67  ? 2.045   4.663   2.204   1.00 7.59  ? 67   GLY A C   1 
ATOM   531  O  O   . GLY A 1 67  ? 2.145   5.838   2.575   1.00 9.51  ? 67   GLY A O   1 
ATOM   532  N  N   . GLY A 1 68  ? 2.756   3.714   2.781   1.00 7.82  ? 68   GLY A N   1 
ATOM   533  C  CA  . GLY A 1 68  ? 3.684   4.029   3.842   1.00 7.94  ? 68   GLY A CA  1 
ATOM   534  C  C   . GLY A 1 68  ? 5.070   4.220   3.312   1.00 7.55  ? 68   GLY A C   1 
ATOM   535  O  O   . GLY A 1 68  ? 5.471   3.627   2.324   1.00 7.09  ? 68   GLY A O   1 
ATOM   536  N  N   A GLN A 1 69  ? 5.796   5.128   3.967   0.50 8.28  ? 69   GLN A N   1 
ATOM   537  N  N   B GLN A 1 69  ? 5.851   4.982   4.065   0.50 8.89  ? 69   GLN A N   1 
ATOM   538  C  CA  A GLN A 1 69  ? 7.178   5.392   3.591   0.50 8.13  ? 69   GLN A CA  1 
ATOM   539  C  CA  B GLN A 1 69  ? 7.174   5.370   3.604   0.50 9.48  ? 69   GLN A CA  1 
ATOM   540  C  C   A GLN A 1 69  ? 8.004   5.752   4.838   0.50 7.77  ? 69   GLN A C   1 
ATOM   541  C  C   B GLN A 1 69  ? 8.003   5.818   4.788   0.50 8.31  ? 69   GLN A C   1 
ATOM   542  O  O   A GLN A 1 69  ? 7.479   6.195   5.872   0.50 8.75  ? 69   GLN A O   1 
ATOM   543  O  O   B GLN A 1 69  ? 7.470   6.497   5.676   0.50 8.29  ? 69   GLN A O   1 
ATOM   544  C  CB  A GLN A 1 69  ? 7.224   6.503   2.534   0.50 8.73  ? 69   GLN A CB  1 
ATOM   545  C  CB  B GLN A 1 69  ? 7.044   6.546   2.647   0.50 10.00 ? 69   GLN A CB  1 
ATOM   546  C  CG  A GLN A 1 69  ? 8.577   6.707   1.869   0.50 8.39  ? 69   GLN A CG  1 
ATOM   547  C  CG  B GLN A 1 69  ? 6.383   7.774   3.288   0.50 11.12 ? 69   GLN A CG  1 
ATOM   548  C  CD  A GLN A 1 69  ? 8.549   7.763   0.787   0.50 8.64  ? 69   GLN A CD  1 
ATOM   549  C  CD  B GLN A 1 69  ? 6.407   9.026   2.392   0.50 13.99 ? 69   GLN A CD  1 
ATOM   550  O  OE1 A GLN A 1 69  ? 8.011   8.824   0.981   0.50 9.72  ? 69   GLN A OE1 1 
ATOM   551  O  OE1 B GLN A 1 69  ? 5.743   9.982   2.668   0.50 11.78 ? 69   GLN A OE1 1 
ATOM   552  N  NE2 A GLN A 1 69  ? 9.131   7.481   -0.342  0.50 7.67  ? 69   GLN A NE2 1 
ATOM   553  N  NE2 B GLN A 1 69  ? 7.202   9.002   1.340   0.50 15.40 ? 69   GLN A NE2 1 
ATOM   554  N  N   . LYS A 1 70  ? 9.292   5.485   4.724   1.00 8.34  ? 70   LYS A N   1 
ATOM   555  C  CA  . LYS A 1 70  ? 10.265  5.840   5.786   1.00 9.26  ? 70   LYS A CA  1 
ATOM   556  C  C   . LYS A 1 70  ? 10.861  7.179   5.406   1.00 9.74  ? 70   LYS A C   1 
ATOM   557  O  O   . LYS A 1 70  ? 11.487  7.318   4.370   1.00 11.09 ? 70   LYS A O   1 
ATOM   558  C  CB  . LYS A 1 70  ? 11.334  4.804   5.844   1.00 9.92  ? 70   LYS A CB  1 
ATOM   559  C  CG  . LYS A 1 70  ? 12.274  4.997   7.075   1.00 14.86 ? 70   LYS A CG  1 
ATOM   560  C  CD  . LYS A 1 70  ? 13.594  4.266   6.852   1.00 20.39 ? 70   LYS A CD  1 
ATOM   561  C  CE  . LYS A 1 70  ? 13.454  2.839   6.595   1.00 20.60 ? 70   LYS A CE  1 
ATOM   562  N  NZ  . LYS A 1 70  ? 14.787  2.148   6.226   1.00 19.37 ? 70   LYS A NZ  1 
ATOM   563  N  N   . VAL A 1 71  ? 10.613  8.155   6.233   1.00 10.57 ? 71   VAL A N   1 
ATOM   564  C  CA  . VAL A 1 71  ? 11.122  9.537   6.003   1.00 12.37 ? 71   VAL A CA  1 
ATOM   565  C  C   . VAL A 1 71  ? 11.854  9.999   7.226   1.00 13.77 ? 71   VAL A C   1 
ATOM   566  O  O   . VAL A 1 71  ? 11.322  9.952   8.326   1.00 14.43 ? 71   VAL A O   1 
ATOM   567  C  CB  . VAL A 1 71  ? 9.953   10.461  5.741   1.00 13.90 ? 71   VAL A CB  1 
ATOM   568  C  CG1 . VAL A 1 71  ? 10.423  11.958  5.645   1.00 17.59 ? 71   VAL A CG1 1 
ATOM   569  C  CG2 . VAL A 1 71  ? 9.180   10.040  4.496   1.00 14.05 ? 71   VAL A CG2 1 
ATOM   570  N  N   . GLY A 1 72  ? 13.129  10.329  7.028   1.00 16.14 ? 72   GLY A N   1 
ATOM   571  C  CA  . GLY A 1 72  ? 13.977  10.744  8.160   1.00 18.31 ? 72   GLY A CA  1 
ATOM   572  C  C   . GLY A 1 72  ? 14.083  9.640   9.184   1.00 19.51 ? 72   GLY A C   1 
ATOM   573  O  O   . GLY A 1 72  ? 14.083  9.891   10.380  1.00 22.04 ? 72   GLY A O   1 
ATOM   574  N  N   . GLY A 1 73  ? 14.172  8.406   8.694   1.00 17.72 ? 73   GLY A N   1 
ATOM   575  C  CA  . GLY A 1 73  ? 14.276  7.246   9.561   1.00 17.62 ? 73   GLY A CA  1 
ATOM   576  C  C   . GLY A 1 73  ? 13.035  6.709   10.242  1.00 17.44 ? 73   GLY A C   1 
ATOM   577  O  O   . GLY A 1 73  ? 13.142  5.646   10.910  1.00 19.01 ? 73   GLY A O   1 
ATOM   578  N  N   . ALA A 1 74  ? 11.884  7.398   10.109  1.00 14.60 ? 74   ALA A N   1 
ATOM   579  C  CA  . ALA A 1 74  ? 10.673  6.960   10.768  1.00 14.04 ? 74   ALA A CA  1 
ATOM   580  C  C   . ALA A 1 74  ? 9.592   6.700   9.734   1.00 11.86 ? 74   ALA A C   1 
ATOM   581  O  O   . ALA A 1 74  ? 9.434   7.464   8.761   1.00 12.14 ? 74   ALA A O   1 
ATOM   582  C  CB  . ALA A 1 74  ? 10.158  7.994   11.783  1.00 15.66 ? 74   ALA A CB  1 
ATOM   583  N  N   . TRP A 1 75  ? 8.772   5.701   10.023  1.00 10.64 ? 75   TRP A N   1 
ATOM   584  C  CA  . TRP A 1 75  ? 7.691   5.308   9.099   1.00 8.72  ? 75   TRP A CA  1 
ATOM   585  C  C   . TRP A 1 75  ? 6.486   6.192   9.274   1.00 9.62  ? 75   TRP A C   1 
ATOM   586  O  O   . TRP A 1 75  ? 6.087   6.574   10.401  1.00 10.90 ? 75   TRP A O   1 
ATOM   587  C  CB  . TRP A 1 75  ? 7.317   3.834   9.291   1.00 9.19  ? 75   TRP A CB  1 
ATOM   588  C  CG  . TRP A 1 75  ? 8.373   2.929   8.823   1.00 8.65  ? 75   TRP A CG  1 
ATOM   589  C  CD1 . TRP A 1 75  ? 9.423   2.437   9.521   1.00 9.37  ? 75   TRP A CD1 1 
ATOM   590  C  CD2 . TRP A 1 75  ? 8.544   2.449   7.475   1.00 7.33  ? 75   TRP A CD2 1 
ATOM   591  N  NE1 . TRP A 1 75  ? 10.232  1.708   8.700   1.00 8.54  ? 75   TRP A NE1 1 
ATOM   592  C  CE2 . TRP A 1 75  ? 9.708   1.710   7.430   1.00 8.53  ? 75   TRP A CE2 1 
ATOM   593  C  CE3 . TRP A 1 75  ? 7.792   2.603   6.287   1.00 7.59  ? 75   TRP A CE3 1 
ATOM   594  C  CZ2 . TRP A 1 75  ? 10.127  1.093   6.289   1.00 8.47  ? 75   TRP A CZ2 1 
ATOM   595  C  CZ3 . TRP A 1 75  ? 8.224   1.989   5.166   1.00 7.50  ? 75   TRP A CZ3 1 
ATOM   596  C  CH2 . TRP A 1 75  ? 9.382   1.309   5.133   1.00 7.68  ? 75   TRP A CH2 1 
ATOM   597  N  N   . GLN A 1 76  ? 5.877   6.558   8.154   1.00 9.36  ? 76   GLN A N   1 
ATOM   598  C  CA  . GLN A 1 76  ? 4.701   7.407   8.159   1.00 9.40  ? 76   GLN A CA  1 
ATOM   599  C  C   . GLN A 1 76  ? 3.777   7.061   6.997   1.00 8.81  ? 76   GLN A C   1 
ATOM   600  O  O   . GLN A 1 76  ? 4.205   6.474   6.029   1.00 9.64  ? 76   GLN A O   1 
ATOM   601  C  CB  . GLN A 1 76  ? 5.069   8.891   8.061   1.00 10.72 ? 76   GLN A CB  1 
ATOM   602  C  CG  . GLN A 1 76  ? 5.811   9.234   6.814   1.00 13.87 ? 76   GLN A CG  1 
ATOM   603  C  CD  . GLN A 1 76  ? 6.069   10.684  6.624   1.00 19.55 ? 76   GLN A CD  1 
ATOM   604  O  OE1 . GLN A 1 76  ? 6.626   11.327  7.506   1.00 20.83 ? 76   GLN A OE1 1 
ATOM   605  N  NE2 . GLN A 1 76  ? 5.689   11.198  5.464   1.00 20.57 ? 76   GLN A NE2 1 
ATOM   606  N  N   . TRP A 1 77  ? 2.526   7.409   7.177   1.00 8.73  ? 77   TRP A N   1 
ATOM   607  C  CA  . TRP A 1 77  ? 1.569   7.338   6.091   1.00 8.59  ? 77   TRP A CA  1 
ATOM   608  C  C   . TRP A 1 77  ? 1.792   8.598   5.231   1.00 9.41  ? 77   TRP A C   1 
ATOM   609  O  O   . TRP A 1 77  ? 1.840   9.739   5.742   1.00 10.87 ? 77   TRP A O   1 
ATOM   610  C  CB  . TRP A 1 77  ? 0.141   7.351   6.622   1.00 7.95  ? 77   TRP A CB  1 
ATOM   611  C  CG  . TRP A 1 77  ? -0.211  6.097   7.319   1.00 8.93  ? 77   TRP A CG  1 
ATOM   612  C  CD1 . TRP A 1 77  ? -0.621  5.948   8.626   1.00 10.35 ? 77   TRP A CD1 1 
ATOM   613  C  CD2 . TRP A 1 77  ? -0.174  4.776   6.770   1.00 8.06  ? 77   TRP A CD2 1 
ATOM   614  N  NE1 . TRP A 1 77  ? -0.832  4.629   8.892   1.00 9.70  ? 77   TRP A NE1 1 
ATOM   615  C  CE2 . TRP A 1 77  ? -0.563  3.881   7.794   1.00 9.54  ? 77   TRP A CE2 1 
ATOM   616  C  CE3 . TRP A 1 77  ? 0.154   4.253   5.545   1.00 8.67  ? 77   TRP A CE3 1 
ATOM   617  C  CZ2 . TRP A 1 77  ? -0.646  2.515   7.625   1.00 10.00 ? 77   TRP A CZ2 1 
ATOM   618  C  CZ3 . TRP A 1 77  ? 0.084   2.853   5.370   1.00 8.85  ? 77   TRP A CZ3 1 
ATOM   619  C  CH2 . TRP A 1 77  ? -0.294  2.015   6.436   1.00 8.78  ? 77   TRP A CH2 1 
ATOM   620  N  N   A SER A 1 78  ? 1.984   8.395   3.921   0.30 9.34  ? 78   SER A N   1 
ATOM   621  N  N   B SER A 1 78  ? 1.967   8.411   3.940   0.70 10.13 ? 78   SER A N   1 
ATOM   622  C  CA  A SER A 1 78  ? 2.255   9.494   2.961   0.30 9.27  ? 78   SER A CA  1 
ATOM   623  C  CA  B SER A 1 78  ? 2.346   9.527   3.106   0.70 10.71 ? 78   SER A CA  1 
ATOM   624  C  C   A SER A 1 78  ? 1.212   10.587  3.021   0.30 10.08 ? 78   SER A C   1 
ATOM   625  C  C   B SER A 1 78  ? 1.233   10.558  2.912   0.70 11.36 ? 78   SER A C   1 
ATOM   626  O  O   A SER A 1 78  ? 1.536   11.777  3.032   0.30 10.74 ? 78   SER A O   1 
ATOM   627  O  O   B SER A 1 78  ? 1.562   11.717  2.609   0.70 13.02 ? 78   SER A O   1 
ATOM   628  C  CB  A SER A 1 78  ? 2.310   8.966   1.515   0.30 8.78  ? 78   SER A CB  1 
ATOM   629  C  CB  B SER A 1 78  ? 2.870   8.992   1.793   0.70 11.60 ? 78   SER A CB  1 
ATOM   630  O  OG  A SER A 1 78  ? 2.587   10.008  0.552   0.30 9.29  ? 78   SER A OG  1 
ATOM   631  O  OG  B SER A 1 78  ? 1.856   8.306   1.141   0.70 13.37 ? 78   SER A OG  1 
ATOM   632  N  N   . SER A 1 79  ? -0.047  10.197  3.045   1.00 10.37 ? 79   SER A N   1 
ATOM   633  C  CA  . SER A 1 79  ? -1.120  11.175  2.818   1.00 11.88 ? 79   SER A CA  1 
ATOM   634  C  C   . SER A 1 79  ? -1.126  12.246  3.869   1.00 13.31 ? 79   SER A C   1 
ATOM   635  O  O   . SER A 1 79  ? -1.393  13.387  3.538   1.00 14.68 ? 79   SER A O   1 
ATOM   636  C  CB  . SER A 1 79  ? -2.490  10.473  2.824   1.00 13.23 ? 79   SER A CB  1 
ATOM   637  O  OG  . SER A 1 79  ? -2.826  10.000  4.091   1.00 14.90 ? 79   SER A OG  1 
ATOM   638  N  N   . SER A 1 80  ? -0.844  11.886  5.111   1.00 13.34 ? 80   SER A N   1 
ATOM   639  C  CA  . SER A 1 80  ? -0.964  12.765  6.278   1.00 14.06 ? 80   SER A CA  1 
ATOM   640  C  C   . SER A 1 80  ? 0.371   13.099  6.889   1.00 13.69 ? 80   SER A C   1 
ATOM   641  O  O   . SER A 1 80  ? 0.448   14.031  7.724   1.00 16.35 ? 80   SER A O   1 
ATOM   642  C  CB  . SER A 1 80  ? -1.772  12.000  7.333   1.00 14.29 ? 80   SER A CB  1 
ATOM   643  O  OG  . SER A 1 80  ? -1.084  10.810  7.679   1.00 15.11 ? 80   SER A OG  1 
ATOM   644  N  N   . GLY A 1 81  ? 1.401   12.314  6.612   1.00 13.01 ? 81   GLY A N   1 
ATOM   645  C  CA  . GLY A 1 81  ? 2.641   12.414  7.326   1.00 12.90 ? 81   GLY A CA  1 
ATOM   646  C  C   . GLY A 1 81  ? 2.540   11.880  8.750   1.00 13.42 ? 81   GLY A C   1 
ATOM   647  O  O   . GLY A 1 81  ? 3.484   12.041  9.519   1.00 16.84 ? 81   GLY A O   1 
ATOM   648  N  N   . ALA A 1 82  ? 1.436   11.222  9.101   1.00 13.35 ? 82   ALA A N   1 
ATOM   649  C  CA  . ALA A 1 82  ? 1.176   10.669  10.453  1.00 14.56 ? 82   ALA A CA  1 
ATOM   650  C  C   . ALA A 1 82  ? 2.001   9.402   10.668  1.00 12.52 ? 82   ALA A C   1 
ATOM   651  O  O   . ALA A 1 82  ? 2.136   8.579   9.776   1.00 12.51 ? 82   ALA A O   1 
ATOM   652  C  CB  . ALA A 1 82  ? -0.239  10.336  10.583  1.00 15.29 ? 82   ALA A CB  1 
ATOM   653  N  N   . ALA A 1 83  ? 2.562   9.227   11.867  1.00 12.89 ? 83   ALA A N   1 
ATOM   654  C  CA  . ALA A 1 83  ? 3.186   7.968   12.231  1.00 11.97 ? 83   ALA A CA  1 
ATOM   655  C  C   . ALA A 1 83  ? 2.134   6.848   12.258  1.00 11.59 ? 83   ALA A C   1 
ATOM   656  O  O   . ALA A 1 83  ? 0.941   7.049   12.406  1.00 11.89 ? 83   ALA A O   1 
ATOM   657  C  CB  . ALA A 1 83  ? 3.924   8.076   13.637  1.00 14.84 ? 83   ALA A CB  1 
ATOM   658  N  N   . PHE A 1 84  ? 2.613   5.619   12.109  1.00 11.66 ? 84   PHE A N   1 
ATOM   659  C  CA  . PHE A 1 84  ? 1.797   4.453   12.246  1.00 11.19 ? 84   PHE A CA  1 
ATOM   660  C  C   . PHE A 1 84  ? 1.310   4.322   13.718  1.00 10.95 ? 84   PHE A C   1 
ATOM   661  O  O   . PHE A 1 84  ? 1.960   4.785   14.682  1.00 13.52 ? 84   PHE A O   1 
ATOM   662  C  CB  . PHE A 1 84  ? 2.582   3.170   11.897  1.00 11.85 ? 84   PHE A CB  1 
ATOM   663  C  CG  . PHE A 1 84  ? 3.061   3.048   10.462  1.00 10.71 ? 84   PHE A CG  1 
ATOM   664  C  CD1 . PHE A 1 84  ? 2.590   3.826   9.407   1.00 11.17 ? 84   PHE A CD1 1 
ATOM   665  C  CD2 . PHE A 1 84  ? 3.928   2.040   10.135  1.00 12.09 ? 84   PHE A CD2 1 
ATOM   666  C  CE1 . PHE A 1 84  ? 3.030   3.637   8.118   1.00 10.74 ? 84   PHE A CE1 1 
ATOM   667  C  CE2 . PHE A 1 84  ? 4.358   1.852   8.808   1.00 9.49  ? 84   PHE A CE2 1 
ATOM   668  C  CZ  . PHE A 1 84  ? 3.913   2.660   7.817   1.00 10.41 ? 84   PHE A CZ  1 
ATOM   669  N  N   A ASP A 1 85  ? 0.146   3.731   13.884  0.50 11.30 ? 85   ASP A N   1 
ATOM   670  N  N   B ASP A 1 85  ? 0.217   3.628   13.891  0.50 11.33 ? 85   ASP A N   1 
ATOM   671  C  CA  A ASP A 1 85  ? -0.402  3.285   15.180  0.50 11.71 ? 85   ASP A CA  1 
ATOM   672  C  CA  B ASP A 1 85  ? -0.172  3.117   15.205  0.50 11.96 ? 85   ASP A CA  1 
ATOM   673  C  C   A ASP A 1 85  ? -0.532  1.754   15.036  0.50 11.48 ? 85   ASP A C   1 
ATOM   674  C  C   B ASP A 1 85  ? -0.538  1.637   15.076  0.50 11.55 ? 85   ASP A C   1 
ATOM   675  O  O   A ASP A 1 85  ? 0.259   0.995   15.610  0.50 11.37 ? 85   ASP A O   1 
ATOM   676  O  O   B ASP A 1 85  ? 0.103   0.774   15.683  0.50 10.98 ? 85   ASP A O   1 
ATOM   677  C  CB  A ASP A 1 85  ? -1.769  3.927   15.466  0.50 12.24 ? 85   ASP A CB  1 
ATOM   678  C  CB  B ASP A 1 85  ? -1.249  3.979   15.879  0.50 12.71 ? 85   ASP A CB  1 
ATOM   679  C  CG  A ASP A 1 85  ? -1.710  5.434   15.650  0.50 15.06 ? 85   ASP A CG  1 
ATOM   680  C  CG  B ASP A 1 85  ? -2.371  4.421   14.947  0.50 14.44 ? 85   ASP A CG  1 
ATOM   681  O  OD1 A ASP A 1 85  ? -0.990  5.914   16.548  0.50 21.36 ? 85   ASP A OD1 1 
ATOM   682  O  OD1 B ASP A 1 85  ? -2.491  3.902   13.820  0.50 15.24 ? 85   ASP A OD1 1 
ATOM   683  O  OD2 A ASP A 1 85  ? -2.418  6.164   14.908  0.50 18.11 ? 85   ASP A OD2 1 
ATOM   684  O  OD2 B ASP A 1 85  ? -3.170  5.296   15.379  0.50 17.41 ? 85   ASP A OD2 1 
ATOM   685  N  N   . TYR A 1 86  ? -1.519  1.320   14.242  1.00 11.63 ? 86   TYR A N   1 
ATOM   686  C  CA  . TYR A 1 86  ? -1.704  -0.071  13.800  1.00 10.14 ? 86   TYR A CA  1 
ATOM   687  C  C   . TYR A 1 86  ? -0.487  -0.498  12.936  1.00 9.73  ? 86   TYR A C   1 
ATOM   688  O  O   . TYR A 1 86  ? -0.038  0.276   12.053  1.00 11.60 ? 86   TYR A O   1 
ATOM   689  C  CB  . TYR A 1 86  ? -2.963  -0.179  12.931  1.00 11.50 ? 86   TYR A CB  1 
ATOM   690  C  CG  . TYR A 1 86  ? -3.151  -1.519  12.279  1.00 10.44 ? 86   TYR A CG  1 
ATOM   691  C  CD1 . TYR A 1 86  ? -3.480  -2.647  13.013  1.00 9.92  ? 86   TYR A CD1 1 
ATOM   692  C  CD2 . TYR A 1 86  ? -2.994  -1.674  10.917  1.00 10.83 ? 86   TYR A CD2 1 
ATOM   693  C  CE1 . TYR A 1 86  ? -3.621  -3.905  12.398  1.00 11.29 ? 86   TYR A CE1 1 
ATOM   694  C  CE2 . TYR A 1 86  ? -3.150  -2.905  10.324  1.00 11.41 ? 86   TYR A CE2 1 
ATOM   695  C  CZ  . TYR A 1 86  ? -3.460  -3.988  11.038  1.00 11.99 ? 86   TYR A CZ  1 
ATOM   696  O  OH  . TYR A 1 86  ? -3.596  -5.144  10.258  1.00 15.06 ? 86   TYR A OH  1 
ATOM   697  N  N   . LEU A 1 87  ? 0.032   -1.688  13.205  1.00 9.05  ? 87   LEU A N   1 
ATOM   698  C  CA  . LEU A 1 87  ? 1.170   -2.247  12.475  1.00 11.45 ? 87   LEU A CA  1 
ATOM   699  C  C   . LEU A 1 87  ? 0.891   -3.647  12.103  1.00 10.31 ? 87   LEU A C   1 
ATOM   700  O  O   . LEU A 1 87  ? 0.223   -4.407  12.831  1.00 13.28 ? 87   LEU A O   1 
ATOM   701  C  CB  . LEU A 1 87  ? 2.373   -2.358  13.395  1.00 12.15 ? 87   LEU A CB  1 
ATOM   702  C  CG  . LEU A 1 87  ? 2.951   -1.111  13.969  1.00 12.89 ? 87   LEU A CG  1 
ATOM   703  C  CD1 . LEU A 1 87  ? 4.047   -1.413  14.984  1.00 15.97 ? 87   LEU A CD1 1 
ATOM   704  C  CD2 . LEU A 1 87  ? 3.498   -0.215  12.887  1.00 15.16 ? 87   LEU A CD2 1 
ATOM   705  N  N   . ARG A 1 88  ? 1.375   -4.042  10.945  1.00 8.37  ? 88   ARG A N   1 
ATOM   706  C  CA  . ARG A 1 88  ? 1.183   -5.415  10.450  1.00 9.51  ? 88   ARG A CA  1 
ATOM   707  C  C   . ARG A 1 88  ? 2.472   -5.931  9.751   1.00 8.30  ? 88   ARG A C   1 
ATOM   708  O  O   . ARG A 1 88  ? 2.417   -6.635  8.777   1.00 8.12  ? 88   ARG A O   1 
ATOM   709  C  CB  . ARG A 1 88  ? -0.016  -5.464  9.485   1.00 11.01 ? 88   ARG A CB  1 
ATOM   710  C  CG  . ARG A 1 88  ? -0.592  -6.791  9.094   1.00 19.30 ? 88   ARG A CG  1 
ATOM   711  C  CD  . ARG A 1 88  ? -1.017  -7.588  10.233  1.00 25.83 ? 88   ARG A CD  1 
ATOM   712  N  NE  . ARG A 1 88  ? 0.078   -8.374  10.776  1.00 30.34 ? 88   ARG A NE  1 
ATOM   713  C  CZ  . ARG A 1 88  ? 0.694   -9.388  10.154  1.00 33.16 ? 88   ARG A CZ  1 
ATOM   714  N  NH1 . ARG A 1 88  ? 0.366   -9.760  8.920   1.00 32.05 ? 88   ARG A NH1 1 
ATOM   715  N  NH2 . ARG A 1 88  ? 1.674   -10.017 10.768  1.00 31.96 ? 88   ARG A NH2 1 
ATOM   716  N  N   . TRP A 1 89  ? 3.622   -5.591  10.297  1.00 7.36  ? 89   TRP A N   1 
ATOM   717  C  CA  . TRP A 1 89  ? 4.879   -6.084  9.791   1.00 7.72  ? 89   TRP A CA  1 
ATOM   718  C  C   . TRP A 1 89  ? 4.952   -7.577  9.799   1.00 7.07  ? 89   TRP A C   1 
ATOM   719  O  O   . TRP A 1 89  ? 4.582   -8.245  10.766  1.00 8.58  ? 89   TRP A O   1 
ATOM   720  C  CB  . TRP A 1 89  ? 6.091   -5.547  10.579  1.00 6.24  ? 89   TRP A CB  1 
ATOM   721  C  CG  . TRP A 1 89  ? 6.304   -4.074  10.515  1.00 6.83  ? 89   TRP A CG  1 
ATOM   722  C  CD1 . TRP A 1 89  ? 6.263   -3.197  11.585  1.00 8.37  ? 89   TRP A CD1 1 
ATOM   723  C  CD2 . TRP A 1 89  ? 6.647   -3.278  9.383   1.00 6.52  ? 89   TRP A CD2 1 
ATOM   724  N  NE1 . TRP A 1 89  ? 6.543   -1.932  11.167  1.00 9.07  ? 89   TRP A NE1 1 
ATOM   725  C  CE2 . TRP A 1 89  ? 6.823   -1.948  9.830   1.00 9.14  ? 89   TRP A CE2 1 
ATOM   726  C  CE3 . TRP A 1 89  ? 6.887   -3.565  8.057   1.00 7.30  ? 89   TRP A CE3 1 
ATOM   727  C  CZ2 . TRP A 1 89  ? 7.157   -0.911  8.979   1.00 7.49  ? 89   TRP A CZ2 1 
ATOM   728  C  CZ3 . TRP A 1 89  ? 7.208   -2.533  7.214   1.00 7.29  ? 89   TRP A CZ3 1 
ATOM   729  C  CH2 . TRP A 1 89  ? 7.365   -1.237  7.685   1.00 8.04  ? 89   TRP A CH2 1 
ATOM   730  N  N   . GLY A 1 90  ? 5.457   -8.178  8.727   1.00 7.68  ? 90   GLY A N   1 
ATOM   731  C  CA  . GLY A 1 90  ? 5.778   -9.595  8.720   1.00 7.48  ? 90   GLY A CA  1 
ATOM   732  C  C   . GLY A 1 90  ? 6.920   -9.890  9.668   1.00 7.03  ? 90   GLY A C   1 
ATOM   733  O  O   . GLY A 1 90  ? 7.641   -9.016  10.120  1.00 6.91  ? 90   GLY A O   1 
HETATM 734  N  N   . HYP A 1 91  ? 7.143   -11.190 9.939   1.00 7.77  ? 91   HYP A N   1 
HETATM 735  C  CA  . HYP A 1 91  ? 8.207   -11.577 10.828  1.00 7.98  ? 91   HYP A CA  1 
HETATM 736  C  C   . HYP A 1 91  ? 9.534   -11.015 10.389  1.00 8.49  ? 91   HYP A C   1 
HETATM 737  O  O   . HYP A 1 91  ? 9.907   -11.146 9.205   1.00 9.92  ? 91   HYP A O   1 
HETATM 738  C  CB  . HYP A 1 91  ? 8.144   -13.111 10.749  1.00 9.53  ? 91   HYP A CB  1 
HETATM 739  C  CG  . HYP A 1 91  ? 6.688   -13.435 10.517  1.00 10.02 ? 91   HYP A CG  1 
HETATM 740  C  CD  . HYP A 1 91  ? 6.275   -12.303 9.562   1.00 8.72  ? 91   HYP A CD  1 
HETATM 741  O  OD1 . HYP A 1 91  ? 5.968   -13.252 11.704  1.00 13.27 ? 91   HYP A OD1 1 
ATOM   742  N  N   . ASN A 1 92  ? 10.261  -10.423 11.307  1.00 8.50  ? 92   ASN A N   1 
ATOM   743  C  CA  . ASN A 1 92  ? 11.571  -9.871  11.093  1.00 8.61  ? 92   ASN A CA  1 
ATOM   744  C  C   . ASN A 1 92  ? 11.616  -8.559  10.308  1.00 9.30  ? 92   ASN A C   1 
ATOM   745  O  O   . ASN A 1 92  ? 12.669  -7.951  10.180  1.00 10.22 ? 92   ASN A O   1 
ATOM   746  C  CB  . ASN A 1 92  ? 12.537  -10.953 10.603  1.00 10.96 ? 92   ASN A CB  1 
ATOM   747  C  CG  . ASN A 1 92  ? 12.426  -12.216 11.452  1.00 16.50 ? 92   ASN A CG  1 
ATOM   748  O  OD1 . ASN A 1 92  ? 12.456  -12.103 12.689  1.00 19.76 ? 92   ASN A OD1 1 
ATOM   749  N  ND2 . ASN A 1 92  ? 12.167  -13.380 10.828  1.00 18.99 ? 92   ASN A ND2 1 
ATOM   750  N  N   . GLU A 1 93  ? 10.460  -8.050  9.923   1.00 7.19  ? 93   GLU A N   1 
ATOM   751  C  CA  . GLU A 1 93  ? 10.368  -6.783  9.167   1.00 7.42  ? 93   GLU A CA  1 
ATOM   752  C  C   . GLU A 1 93  ? 10.002  -5.629  10.119  1.00 6.34  ? 93   GLU A C   1 
ATOM   753  O  O   . GLU A 1 93  ? 9.361   -5.871  11.130  1.00 6.97  ? 93   GLU A O   1 
ATOM   754  C  CB  . GLU A 1 93  ? 9.303   -6.872  8.096   1.00 7.20  ? 93   GLU A CB  1 
ATOM   755  C  CG  . GLU A 1 93  ? 9.482   -8.045  7.135   1.00 7.34  ? 93   GLU A CG  1 
ATOM   756  C  CD  . GLU A 1 93  ? 10.739  -7.998  6.288   1.00 9.67  ? 93   GLU A CD  1 
ATOM   757  O  OE1 . GLU A 1 93  ? 11.465  -6.969  6.250   1.00 8.42  ? 93   GLU A OE1 1 
ATOM   758  O  OE2 . GLU A 1 93  ? 11.043  -9.057  5.668   1.00 9.11  ? 93   GLU A OE2 1 
ATOM   759  N  N   . PRO A 1 94  ? 10.389  -4.390  9.839   1.00 6.67  ? 94   PRO A N   1 
ATOM   760  C  CA  . PRO A 1 94  ? 11.189  -3.990  8.696   1.00 7.34  ? 94   PRO A CA  1 
ATOM   761  C  C   . PRO A 1 94  ? 12.683  -4.285  8.889   1.00 7.50  ? 94   PRO A C   1 
ATOM   762  O  O   . PRO A 1 94  ? 13.242  -3.846  9.914   1.00 10.11 ? 94   PRO A O   1 
ATOM   763  C  CB  . PRO A 1 94  ? 10.885  -2.482  8.583   1.00 8.53  ? 94   PRO A CB  1 
ATOM   764  C  CG  . PRO A 1 94  ? 10.644  -2.061  10.028  1.00 9.70  ? 94   PRO A CG  1 
ATOM   765  C  CD  . PRO A 1 94  ? 10.039  -3.253  10.717  1.00 7.31  ? 94   PRO A CD  1 
ATOM   766  N  N   . ASN A 1 95  ? 13.297  -5.044  7.996   1.00 7.02  ? 95   ASN A N   1 
ATOM   767  C  CA  . ASN A 1 95  ? 14.686  -5.471  8.162   1.00 7.75  ? 95   ASN A CA  1 
ATOM   768  C  C   . ASN A 1 95  ? 15.687  -4.621  7.445   1.00 8.13  ? 95   ASN A C   1 
ATOM   769  O  O   . ASN A 1 95  ? 16.886  -4.837  7.599   1.00 9.32  ? 95   ASN A O   1 
ATOM   770  C  CB  . ASN A 1 95  ? 14.842  -6.937  7.756   1.00 8.00  ? 95   ASN A CB  1 
ATOM   771  C  CG  . ASN A 1 95  ? 14.623  -7.165  6.310   1.00 9.38  ? 95   ASN A CG  1 
ATOM   772  O  OD1 . ASN A 1 95  ? 14.231  -6.275  5.559   1.00 8.78  ? 95   ASN A OD1 1 
ATOM   773  N  ND2 . ASN A 1 95  ? 14.912  -8.384  5.875   1.00 9.61  ? 95   ASN A ND2 1 
ATOM   774  N  N   . ASN A 1 96  ? 15.236  -3.637  6.681   1.00 7.76  ? 96   ASN A N   1 
ATOM   775  C  CA  . ASN A 1 96  ? 16.127  -2.734  5.961   1.00 8.72  ? 96   ASN A CA  1 
ATOM   776  C  C   . ASN A 1 96  ? 17.199  -3.467  5.205   1.00 9.09  ? 96   ASN A C   1 
ATOM   777  O  O   . ASN A 1 96  ? 18.399  -3.123  5.291   1.00 10.25 ? 96   ASN A O   1 
ATOM   778  C  CB  . ASN A 1 96  ? 16.702  -1.640  6.885   1.00 8.44  ? 96   ASN A CB  1 
ATOM   779  C  CG  . ASN A 1 96  ? 17.114  -0.394  6.133   1.00 10.82 ? 96   ASN A CG  1 
ATOM   780  O  OD1 . ASN A 1 96  ? 16.795  -0.239  4.967   1.00 10.08 ? 96   ASN A OD1 1 
ATOM   781  N  ND2 . ASN A 1 96  ? 17.915  0.469   6.778   1.00 14.17 ? 96   ASN A ND2 1 
ATOM   782  N  N   . SER A 1 97  ? 16.830  -4.463  4.445   1.00 9.46  ? 97   SER A N   1 
ATOM   783  C  CA  . SER A 1 97  ? 17.774  -5.304  3.734   1.00 10.99 ? 97   SER A CA  1 
ATOM   784  C  C   . SER A 1 97  ? 18.441  -4.449  2.664   1.00 12.98 ? 97   SER A C   1 
ATOM   785  O  O   . SER A 1 97  ? 17.790  -3.924  1.775   1.00 13.09 ? 97   SER A O   1 
ATOM   786  C  CB  . SER A 1 97  ? 17.032  -6.509  3.147   1.00 12.66 ? 97   SER A CB  1 
ATOM   787  O  OG  . SER A 1 97  ? 17.955  -7.314  2.399   1.00 15.71 ? 97   SER A OG  1 
ATOM   788  N  N   . GLY A 1 98  ? 19.745  -4.296  2.787   1.00 12.03 ? 98   GLY A N   1 
ATOM   789  C  CA  . GLY A 1 98  ? 20.506  -3.444  1.886   1.00 13.24 ? 98   GLY A CA  1 
ATOM   790  C  C   . GLY A 1 98  ? 20.651  -2.032  2.339   1.00 12.87 ? 98   GLY A C   1 
ATOM   791  O  O   . GLY A 1 98  ? 21.359  -1.231  1.675   1.00 15.46 ? 98   GLY A O   1 
ATOM   792  N  N   . GLY A 1 99  ? 19.964  -1.664  3.402   1.00 12.13 ? 99   GLY A N   1 
ATOM   793  C  CA  . GLY A 1 99  ? 20.082  -0.363  4.006   1.00 11.88 ? 99   GLY A CA  1 
ATOM   794  C  C   . GLY A 1 99  ? 19.216  0.700   3.352   1.00 10.70 ? 99   GLY A C   1 
ATOM   795  O  O   . GLY A 1 99  ? 19.174  1.826   3.816   1.00 12.58 ? 99   GLY A O   1 
ATOM   796  N  N   . ASN A 1 100 ? 18.441  0.318   2.309   1.00 10.16 ? 100  ASN A N   1 
ATOM   797  C  CA  . ASN A 1 100 ? 17.692  1.283   1.520   1.00 9.29  ? 100  ASN A CA  1 
ATOM   798  C  C   . ASN A 1 100 ? 16.229  0.907   1.294   1.00 9.76  ? 100  ASN A C   1 
ATOM   799  O  O   . ASN A 1 100 ? 15.604  1.288   0.298   1.00 11.40 ? 100  ASN A O   1 
ATOM   800  C  CB  . ASN A 1 100 ? 18.395  1.509   0.162   1.00 10.37 ? 100  ASN A CB  1 
ATOM   801  C  CG  . ASN A 1 100 ? 18.412  0.304   -0.675  1.00 14.20 ? 100  ASN A CG  1 
ATOM   802  O  OD1 . ASN A 1 100 ? 18.074  -0.777  -0.213  1.00 16.39 ? 100  ASN A OD1 1 
ATOM   803  N  ND2 . ASN A 1 100 ? 18.768  0.446   -1.918  1.00 15.50 ? 100  ASN A ND2 1 
ATOM   804  N  N   . GLU A 1 101 ? 15.649  0.176   2.220   1.00 8.40  ? 101  GLU A N   1 
ATOM   805  C  CA  . GLU A 1 101 ? 14.229  -0.259  2.045   1.00 7.80  ? 101  GLU A CA  1 
ATOM   806  C  C   . GLU A 1 101 ? 13.322  0.773   2.704   1.00 8.03  ? 101  GLU A C   1 
ATOM   807  O  O   . GLU A 1 101 ? 13.045  0.706   3.922   1.00 8.38  ? 101  GLU A O   1 
ATOM   808  C  CB  . GLU A 1 101 ? 14.044  -1.646  2.607   1.00 7.32  ? 101  GLU A CB  1 
ATOM   809  C  CG  . GLU A 1 101 ? 14.916  -2.644  1.895   1.00 7.62  ? 101  GLU A CG  1 
ATOM   810  C  CD  . GLU A 1 101 ? 14.403  -4.082  2.011   1.00 7.34  ? 101  GLU A CD  1 
ATOM   811  O  OE1 . GLU A 1 101 ? 14.166  -4.508  3.189   1.00 7.92  ? 101  GLU A OE1 1 
ATOM   812  O  OE2 . GLU A 1 101 ? 14.200  -4.805  1.012   1.00 8.70  ? 101  GLU A OE2 1 
ATOM   813  N  N   . ASP A 1 102 ? 12.814  1.748   1.924   1.00 7.74  ? 102  ASP A N   1 
ATOM   814  C  CA  . ASP A 1 102 ? 12.135  2.866   2.491   1.00 7.57  ? 102  ASP A CA  1 
ATOM   815  C  C   . ASP A 1 102 ? 10.650  3.015   2.134   1.00 6.64  ? 102  ASP A C   1 
ATOM   816  O  O   . ASP A 1 102 ? 10.050  3.994   2.504   1.00 6.82  ? 102  ASP A O   1 
ATOM   817  C  CB  . ASP A 1 102 ? 12.866  4.196   2.143   1.00 7.84  ? 102  ASP A CB  1 
ATOM   818  C  CG  . ASP A 1 102 ? 14.261  4.252   2.679   1.00 9.65  ? 102  ASP A CG  1 
ATOM   819  O  OD1 . ASP A 1 102 ? 14.670  3.492   3.516   1.00 10.30 ? 102  ASP A OD1 1 
ATOM   820  O  OD2 . ASP A 1 102 ? 15.012  5.113   2.169   1.00 12.19 ? 102  ASP A OD2 1 
ATOM   821  N  N   . CYS A 1 103 ? 10.081  2.008   1.475   1.00 5.93  ? 103  CYS A N   1 
ATOM   822  C  CA  . CYS A 1 103 ? 8.668   2.047   1.060   1.00 5.47  ? 103  CYS A CA  1 
ATOM   823  C  C   . CYS A 1 103 ? 7.971   0.763   1.519   1.00 6.00  ? 103  CYS A C   1 
ATOM   824  O  O   . CYS A 1 103 ? 8.580   -0.285  1.655   1.00 6.25  ? 103  CYS A O   1 
ATOM   825  C  CB  . CYS A 1 103 ? 8.569   2.215   -0.462  1.00 6.69  ? 103  CYS A CB  1 
ATOM   826  S  SG  . CYS A 1 103 ? 8.927   3.936   -1.019  1.00 7.83  ? 103  CYS A SG  1 
ATOM   827  N  N   . LEU A 1 104 ? 6.653   0.897   1.738   1.00 6.16  ? 104  LEU A N   1 
ATOM   828  C  CA  . LEU A 1 104 ? 5.851   -0.204  2.290   1.00 6.36  ? 104  LEU A CA  1 
ATOM   829  C  C   . LEU A 1 104 ? 5.101   -0.950  1.186   1.00 5.51  ? 104  LEU A C   1 
ATOM   830  O  O   . LEU A 1 104 ? 4.488   -0.311  0.330   1.00 5.87  ? 104  LEU A O   1 
ATOM   831  C  CB  . LEU A 1 104 ? 4.824   0.422   3.228   1.00 7.12  ? 104  LEU A CB  1 
ATOM   832  C  CG  . LEU A 1 104 ? 3.921   -0.569  3.987   1.00 6.99  ? 104  LEU A CG  1 
ATOM   833  C  CD1 . LEU A 1 104 ? 4.691   -1.348  4.991   1.00 11.50 ? 104  LEU A CD1 1 
ATOM   834  C  CD2 . LEU A 1 104 ? 2.746   0.140   4.671   1.00 7.09  ? 104  LEU A CD2 1 
ATOM   835  N  N   . HIS A 1 105 ? 5.095   -2.258  1.238   1.00 5.85  ? 105  HIS A N   1 
ATOM   836  C  CA  . HIS A 1 105 ? 4.298   -3.074  0.319   1.00 5.77  ? 105  HIS A CA  1 
ATOM   837  C  C   . HIS A 1 105 ? 3.872   -4.345  1.018   1.00 5.70  ? 105  HIS A C   1 
ATOM   838  O  O   . HIS A 1 105 ? 4.334   -4.648  2.142   1.00 5.69  ? 105  HIS A O   1 
ATOM   839  C  CB  . HIS A 1 105 ? 5.051   -3.345  -0.969  1.00 5.69  ? 105  HIS A CB  1 
ATOM   840  C  CG  . HIS A 1 105 ? 6.041   -4.452  -0.840  1.00 6.11  ? 105  HIS A CG  1 
ATOM   841  N  ND1 . HIS A 1 105 ? 6.035   -5.551  -1.655  1.00 6.10  ? 105  HIS A ND1 1 
ATOM   842  C  CD2 . HIS A 1 105 ? 7.042   -4.676  0.053   1.00 5.91  ? 105  HIS A CD2 1 
ATOM   843  C  CE1 . HIS A 1 105 ? 6.950   -6.410  -1.245  1.00 6.52  ? 105  HIS A CE1 1 
ATOM   844  N  NE2 . HIS A 1 105 ? 7.599   -5.892  -0.208  1.00 6.09  ? 105  HIS A NE2 1 
ATOM   845  N  N   . TYR A 1 106 ? 3.047   -5.149  0.355   1.00 5.47  ? 106  TYR A N   1 
ATOM   846  C  CA  . TYR A 1 106 ? 2.764   -6.516  0.836   1.00 5.36  ? 106  TYR A CA  1 
ATOM   847  C  C   . TYR A 1 106 ? 3.774   -7.515  0.306   1.00 6.11  ? 106  TYR A C   1 
ATOM   848  O  O   . TYR A 1 106 ? 4.006   -7.579  -0.888  1.00 5.86  ? 106  TYR A O   1 
ATOM   849  C  CB  . TYR A 1 106 ? 1.346   -6.964  0.405   1.00 6.16  ? 106  TYR A CB  1 
ATOM   850  C  CG  . TYR A 1 106 ? 0.232   -6.363  1.200   1.00 5.35  ? 106  TYR A CG  1 
ATOM   851  C  CD1 . TYR A 1 106 ? 0.090   -6.589  2.552   1.00 5.29  ? 106  TYR A CD1 1 
ATOM   852  C  CD2 . TYR A 1 106 ? -0.772  -5.569  0.619   1.00 5.17  ? 106  TYR A CD2 1 
ATOM   853  C  CE1 . TYR A 1 106 ? -0.947  -6.045  3.281   1.00 5.84  ? 106  TYR A CE1 1 
ATOM   854  C  CE2 . TYR A 1 106 ? -1.816  -5.044  1.365   1.00 6.75  ? 106  TYR A CE2 1 
ATOM   855  C  CZ  . TYR A 1 106 ? -1.890  -5.232  2.700   1.00 5.23  ? 106  TYR A CZ  1 
ATOM   856  O  OH  . TYR A 1 106 ? -2.913  -4.677  3.412   1.00 7.25  ? 106  TYR A OH  1 
ATOM   857  N  N   . ASN A 1 107 ? 4.343   -8.322  1.192   1.00 6.41  ? 107  ASN A N   1 
ATOM   858  C  CA  . ASN A 1 107 ? 5.238   -9.404  0.849   1.00 6.58  ? 107  ASN A CA  1 
ATOM   859  C  C   . ASN A 1 107 ? 4.643   -10.609 1.568   1.00 7.25  ? 107  ASN A C   1 
ATOM   860  O  O   . ASN A 1 107 ? 4.524   -10.608 2.790   1.00 7.19  ? 107  ASN A O   1 
ATOM   861  C  CB  . ASN A 1 107 ? 6.685   -9.091  1.292   1.00 6.65  ? 107  ASN A CB  1 
ATOM   862  C  CG  . ASN A 1 107 ? 7.736   -9.910  0.575   1.00 8.61  ? 107  ASN A CG  1 
ATOM   863  O  OD1 . ASN A 1 107 ? 7.654   -10.088 -0.637  1.00 8.77  ? 107  ASN A OD1 1 
ATOM   864  N  ND2 . ASN A 1 107 ? 8.759   -10.376 1.310   1.00 9.40  ? 107  ASN A ND2 1 
ATOM   865  N  N   . TRP A 1 108 ? 4.153   -11.582 0.803   1.00 7.08  ? 108  TRP A N   1 
ATOM   866  C  CA  . TRP A 1 108 ? 3.474   -12.715 1.364   1.00 7.53  ? 108  TRP A CA  1 
ATOM   867  C  C   . TRP A 1 108 ? 2.313   -12.282 2.247   1.00 8.10  ? 108  TRP A C   1 
ATOM   868  O  O   . TRP A 1 108 ? 2.047   -12.874 3.312   1.00 8.47  ? 108  TRP A O   1 
ATOM   869  C  CB  . TRP A 1 108 ? 4.474   -13.632 2.116   1.00 8.56  ? 108  TRP A CB  1 
ATOM   870  C  CG  . TRP A 1 108 ? 5.655   -14.113 1.267   1.00 8.36  ? 108  TRP A CG  1 
ATOM   871  C  CD1 . TRP A 1 108 ? 6.933   -13.610 1.289   1.00 10.01 ? 108  TRP A CD1 1 
ATOM   872  C  CD2 . TRP A 1 108 ? 5.635   -15.105 0.270   1.00 10.15 ? 108  TRP A CD2 1 
ATOM   873  N  NE1 . TRP A 1 108 ? 7.706   -14.254 0.341   1.00 11.56 ? 108  TRP A NE1 1 
ATOM   874  C  CE2 . TRP A 1 108 ? 6.926   -15.184 -0.294  1.00 9.59  ? 108  TRP A CE2 1 
ATOM   875  C  CE3 . TRP A 1 108 ? 4.656   -15.932 -0.220  1.00 11.31 ? 108  TRP A CE3 1 
ATOM   876  C  CZ2 . TRP A 1 108 ? 7.242   -16.078 -1.327  1.00 11.08 ? 108  TRP A CZ2 1 
ATOM   877  C  CZ3 . TRP A 1 108 ? 4.996   -16.843 -1.244  1.00 11.87 ? 108  TRP A CZ3 1 
ATOM   878  C  CH2 . TRP A 1 108 ? 6.248   -16.875 -1.796  1.00 11.91 ? 108  TRP A CH2 1 
ATOM   879  N  N   . LEU A 1 109 ? 1.585   -11.257 1.801   1.00 6.80  ? 109  LEU A N   1 
ATOM   880  C  CA  . LEU A 1 109 ? 0.393   -10.773 2.516   1.00 6.84  ? 109  LEU A CA  1 
ATOM   881  C  C   . LEU A 1 109 ? 0.631   -10.156 3.888   1.00 7.76  ? 109  LEU A C   1 
ATOM   882  O  O   . LEU A 1 109 ? -0.312  -9.983  4.661   1.00 9.09  ? 109  LEU A O   1 
ATOM   883  C  CB  . LEU A 1 109 ? -0.719  -11.848 2.584   1.00 7.99  ? 109  LEU A CB  1 
ATOM   884  C  CG  . LEU A 1 109 ? -1.187  -12.412 1.234   1.00 9.09  ? 109  LEU A CG  1 
ATOM   885  C  CD1 . LEU A 1 109 ? -2.283  -13.483 1.509   1.00 10.31 ? 109  LEU A CD1 1 
ATOM   886  C  CD2 . LEU A 1 109 ? -1.652  -11.313 0.331   1.00 9.38  ? 109  LEU A CD2 1 
ATOM   887  N  N   A SER A 1 110 ? 1.874   -9.759  4.145   0.50 7.89  ? 110  SER A N   1 
ATOM   888  N  N   B SER A 1 110 ? 1.858   -9.764  4.197   0.50 8.44  ? 110  SER A N   1 
ATOM   889  C  CA  A SER A 1 110 ? 2.247   -9.047  5.377   0.50 8.08  ? 110  SER A CA  1 
ATOM   890  C  CA  B SER A 1 110 ? 2.094   -8.944  5.395   0.50 8.92  ? 110  SER A CA  1 
ATOM   891  C  C   A SER A 1 110 ? 3.034   -7.806  4.992   0.50 6.73  ? 110  SER A C   1 
ATOM   892  C  C   B SER A 1 110 ? 2.948   -7.772  4.980   0.50 7.20  ? 110  SER A C   1 
ATOM   893  O  O   A SER A 1 110 ? 3.619   -7.756  3.892   0.50 6.69  ? 110  SER A O   1 
ATOM   894  O  O   B SER A 1 110 ? 3.496   -7.743  3.877   0.50 7.28  ? 110  SER A O   1 
ATOM   895  C  CB  A SER A 1 110 ? 3.084   -9.942  6.281   0.50 8.60  ? 110  SER A CB  1 
ATOM   896  C  CB  B SER A 1 110 ? 2.815   -9.702  6.484   0.50 9.99  ? 110  SER A CB  1 
ATOM   897  O  OG  A SER A 1 110 ? 2.202   -10.833 6.954   0.50 10.47 ? 110  SER A OG  1 
ATOM   898  O  OG  B SER A 1 110 ? 4.053   -10.147 6.005   0.50 13.03 ? 110  SER A OG  1 
ATOM   899  N  N   . TRP A 1 111 ? 3.066   -6.789  5.849   1.00 6.46  ? 111  TRP A N   1 
ATOM   900  C  CA  . TRP A 1 111 ? 3.845   -5.597  5.503   1.00 5.28  ? 111  TRP A CA  1 
ATOM   901  C  C   . TRP A 1 111 ? 5.334   -5.928  5.429   1.00 5.44  ? 111  TRP A C   1 
ATOM   902  O  O   . TRP A 1 111 ? 5.866   -6.630  6.286   1.00 6.62  ? 111  TRP A O   1 
ATOM   903  C  CB  . TRP A 1 111 ? 3.614   -4.494  6.513   1.00 6.59  ? 111  TRP A CB  1 
ATOM   904  C  CG  . TRP A 1 111 ? 2.227   -3.939  6.622   1.00 6.63  ? 111  TRP A CG  1 
ATOM   905  C  CD1 . TRP A 1 111 ? 1.079   -4.351  5.981   1.00 9.30  ? 111  TRP A CD1 1 
ATOM   906  C  CD2 . TRP A 1 111 ? 1.872   -2.868  7.470   1.00 6.22  ? 111  TRP A CD2 1 
ATOM   907  N  NE1 . TRP A 1 111 ? 0.023   -3.544  6.403   1.00 8.34  ? 111  TRP A NE1 1 
ATOM   908  C  CE2 . TRP A 1 111 ? 0.491   -2.619  7.302   1.00 8.42  ? 111  TRP A CE2 1 
ATOM   909  C  CE3 . TRP A 1 111 ? 2.598   -2.043  8.309   1.00 8.18  ? 111  TRP A CE3 1 
ATOM   910  C  CZ2 . TRP A 1 111 ? -0.178  -1.651  8.034   1.00 9.08  ? 111  TRP A CZ2 1 
ATOM   911  C  CZ3 . TRP A 1 111 ? 1.919   -1.064  9.007   1.00 8.07  ? 111  TRP A CZ3 1 
ATOM   912  C  CH2 . TRP A 1 111 ? 0.550   -0.892  8.836   1.00 8.72  ? 111  TRP A CH2 1 
ATOM   913  N  N   . ASN A 1 112 ? 6.002   -5.263  4.475   1.00 5.33  ? 112  ASN A N   1 
ATOM   914  C  CA  . ASN A 1 112 ? 7.431   -5.350  4.312   1.00 6.04  ? 112  ASN A CA  1 
ATOM   915  C  C   . ASN A 1 112 ? 7.952   -4.019  3.839   1.00 6.18  ? 112  ASN A C   1 
ATOM   916  O  O   . ASN A 1 112 ? 7.268   -3.288  3.140   1.00 6.60  ? 112  ASN A O   1 
ATOM   917  C  CB  . ASN A 1 112 ? 7.748   -6.436  3.280   1.00 5.78  ? 112  ASN A CB  1 
ATOM   918  C  CG  . ASN A 1 112 ? 9.211   -6.518  2.971   1.00 6.90  ? 112  ASN A CG  1 
ATOM   919  O  OD1 . ASN A 1 112 ? 10.040  -6.528  3.910   1.00 8.17  ? 112  ASN A OD1 1 
ATOM   920  N  ND2 . ASN A 1 112 ? 9.585   -6.548  1.688   1.00 6.77  ? 112  ASN A ND2 1 
ATOM   921  N  N   . ASP A 1 113 ? 9.198   -3.763  4.246   1.00 6.09  ? 113  ASP A N   1 
ATOM   922  C  CA  . ASP A 1 113 ? 9.951   -2.647  3.689   1.00 6.11  ? 113  ASP A CA  1 
ATOM   923  C  C   . ASP A 1 113 ? 10.733  -3.096  2.465   1.00 6.01  ? 113  ASP A C   1 
ATOM   924  O  O   . ASP A 1 113 ? 11.369  -4.132  2.459   1.00 6.71  ? 113  ASP A O   1 
ATOM   925  C  CB  . ASP A 1 113 ? 10.869  -2.000  4.734   1.00 6.54  ? 113  ASP A CB  1 
ATOM   926  C  CG  . ASP A 1 113 ? 11.861  -2.964  5.400   1.00 7.38  ? 113  ASP A CG  1 
ATOM   927  O  OD1 . ASP A 1 113 ? 11.640  -4.165  5.431   1.00 6.03  ? 113  ASP A OD1 1 
ATOM   928  O  OD2 . ASP A 1 113 ? 12.875  -2.419  5.926   1.00 7.33  ? 113  ASP A OD2 1 
ATOM   929  N  N   . LEU A 1 114 ? 10.638  -2.265  1.405   1.00 5.84  ? 114  LEU A N   1 
ATOM   930  C  CA  . LEU A 1 114 ? 11.267  -2.557  0.121   1.00 6.54  ? 114  LEU A CA  1 
ATOM   931  C  C   . LEU A 1 114 ? 11.830  -1.281  -0.489  1.00 5.78  ? 114  LEU A C   1 
ATOM   932  O  O   . LEU A 1 114 ? 11.316  -0.214  -0.254  1.00 6.04  ? 114  LEU A O   1 
ATOM   933  C  CB  . LEU A 1 114 ? 10.180  -3.175  -0.799  1.00 6.98  ? 114  LEU A CB  1 
ATOM   934  C  CG  . LEU A 1 114 ? 10.580  -3.734  -2.162  1.00 8.44  ? 114  LEU A CG  1 
ATOM   935  C  CD1 . LEU A 1 114 ? 11.486  -4.969  -2.007  1.00 10.39 ? 114  LEU A CD1 1 
ATOM   936  C  CD2 . LEU A 1 114 ? 9.344   -4.078  -2.971  1.00 8.70  ? 114  LEU A CD2 1 
ATOM   937  N  N   . ARG A 1 115 ? 12.900  -1.425  -1.267  1.00 7.23  ? 115  ARG A N   1 
ATOM   938  C  CA  . ARG A 1 115 ? 13.450  -0.257  -1.968  1.00 7.14  ? 115  ARG A CA  1 
ATOM   939  C  C   . ARG A 1 115 ? 12.382  0.384   -2.864  1.00 6.88  ? 115  ARG A C   1 
ATOM   940  O  O   . ARG A 1 115 ? 11.623  -0.311  -3.559  1.00 6.70  ? 115  ARG A O   1 
ATOM   941  C  CB  . ARG A 1 115 ? 14.719  -0.624  -2.728  1.00 8.05  ? 115  ARG A CB  1 
ATOM   942  C  CG  . ARG A 1 115 ? 14.521  -1.561  -3.908  1.00 8.38  ? 115  ARG A CG  1 
ATOM   943  C  CD  . ARG A 1 115 ? 15.849  -1.896  -4.524  1.00 12.38 ? 115  ARG A CD  1 
ATOM   944  N  NE  . ARG A 1 115 ? 15.692  -2.748  -5.685  1.00 15.46 ? 115  ARG A NE  1 
ATOM   945  C  CZ  . ARG A 1 115 ? 15.388  -2.284  -6.904  1.00 16.27 ? 115  ARG A CZ  1 
ATOM   946  N  NH1 . ARG A 1 115 ? 15.256  -0.999  -7.135  1.00 17.15 ? 115  ARG A NH1 1 
ATOM   947  N  NH2 . ARG A 1 115 ? 15.239  -3.149  -7.887  1.00 25.10 ? 115  ARG A NH2 1 
ATOM   948  N  N   . CYS A 1 116 ? 12.330  1.691   -2.844  1.00 6.52  ? 116  CYS A N   1 
ATOM   949  C  CA  . CYS A 1 116 ? 11.227  2.434   -3.391  1.00 7.02  ? 116  CYS A CA  1 
ATOM   950  C  C   . CYS A 1 116 ? 11.091  2.367   -4.913  1.00 7.65  ? 116  CYS A C   1 
ATOM   951  O  O   . CYS A 1 116 ? 10.003  2.692   -5.411  1.00 8.07  ? 116  CYS A O   1 
ATOM   952  C  CB  . CYS A 1 116 ? 11.263  3.881   -2.929  1.00 7.99  ? 116  CYS A CB  1 
ATOM   953  S  SG  . CYS A 1 116 ? 10.996  4.098   -1.160  1.00 8.39  ? 116  CYS A SG  1 
ATOM   954  N  N   . HIS A 1 117 ? 12.126  1.996   -5.653  1.00 7.20  ? 117  HIS A N   1 
ATOM   955  C  CA  . HIS A 1 117 ? 12.028  1.918   -7.095  1.00 8.07  ? 117  HIS A CA  1 
ATOM   956  C  C   . HIS A 1 117 ? 11.986  0.504   -7.586  1.00 9.39  ? 117  HIS A C   1 
ATOM   957  O  O   . HIS A 1 117 ? 12.100  0.234   -8.786  1.00 10.75 ? 117  HIS A O   1 
ATOM   958  C  CB  . HIS A 1 117 ? 13.114  2.779   -7.785  1.00 9.23  ? 117  HIS A CB  1 
ATOM   959  C  CG  . HIS A 1 117 ? 12.878  4.203   -7.578  1.00 9.89  ? 117  HIS A CG  1 
ATOM   960  N  ND1 . HIS A 1 117 ? 13.187  4.863   -6.421  1.00 11.32 ? 117  HIS A ND1 1 
ATOM   961  C  CD2 . HIS A 1 117 ? 12.275  5.114   -8.373  1.00 9.58  ? 117  HIS A CD2 1 
ATOM   962  C  CE1 . HIS A 1 117 ? 12.830  6.121   -6.511  1.00 9.48  ? 117  HIS A CE1 1 
ATOM   963  N  NE2 . HIS A 1 117 ? 12.245  6.294   -7.690  1.00 11.33 ? 117  HIS A NE2 1 
ATOM   964  N  N   . TYR A 1 118 ? 11.748  -0.466  -6.702  1.00 9.10  ? 118  TYR A N   1 
ATOM   965  C  CA  . TYR A 1 118 ? 11.308  -1.784  -7.153  1.00 8.36  ? 118  TYR A CA  1 
ATOM   966  C  C   . TYR A 1 118 ? 10.006  -1.595  -7.937  1.00 8.99  ? 118  TYR A C   1 
ATOM   967  O  O   . TYR A 1 118 ? 9.214   -0.767  -7.601  1.00 9.14  ? 118  TYR A O   1 
ATOM   968  C  CB  . TYR A 1 118 ? 11.084  -2.702  -5.950  1.00 8.88  ? 118  TYR A CB  1 
ATOM   969  C  CG  . TYR A 1 118 ? 10.901  -4.104  -6.361  1.00 10.13 ? 118  TYR A CG  1 
ATOM   970  C  CD1 . TYR A 1 118 ? 11.969  -4.993  -6.369  1.00 13.01 ? 118  TYR A CD1 1 
ATOM   971  C  CD2 . TYR A 1 118 ? 9.654   -4.546  -6.793  1.00 11.12 ? 118  TYR A CD2 1 
ATOM   972  C  CE1 . TYR A 1 118 ? 11.757  -6.347  -6.798  1.00 14.52 ? 118  TYR A CE1 1 
ATOM   973  C  CE2 . TYR A 1 118 ? 9.447   -5.838  -7.256  1.00 13.89 ? 118  TYR A CE2 1 
ATOM   974  C  CZ  . TYR A 1 118 ? 10.480  -6.715  -7.242  1.00 13.31 ? 118  TYR A CZ  1 
ATOM   975  O  OH  . TYR A 1 118 ? 10.287  -8.047  -7.716  1.00 16.05 ? 118  TYR A OH  1 
ATOM   976  N  N   . GLN A 1 119 ? 9.808   -2.383  -9.003  1.00 8.82  ? 119  GLN A N   1 
ATOM   977  C  CA  . GLN A 1 119 ? 8.599   -2.244  -9.800  1.00 9.81  ? 119  GLN A CA  1 
ATOM   978  C  C   . GLN A 1 119 ? 7.599   -3.302  -9.396  1.00 9.49  ? 119  GLN A C   1 
ATOM   979  O  O   . GLN A 1 119 ? 7.725   -4.453  -9.753  1.00 11.22 ? 119  GLN A O   1 
ATOM   980  C  CB  . GLN A 1 119 ? 8.902   -2.423  -11.278 1.00 12.25 ? 119  GLN A CB  1 
ATOM   981  C  CG  . GLN A 1 119 ? 10.038  -1.550  -11.744 1.00 16.31 ? 119  GLN A CG  1 
ATOM   982  C  CD  . GLN A 1 119 ? 9.660   -0.147  -11.847 1.00 20.93 ? 119  GLN A CD  1 
ATOM   983  O  OE1 . GLN A 1 119 ? 8.846   0.196   -12.675 1.00 27.96 ? 119  GLN A OE1 1 
ATOM   984  N  NE2 . GLN A 1 119 ? 10.289  0.715   -11.059 1.00 26.59 ? 119  GLN A NE2 1 
ATOM   985  N  N   . ALA A 1 120 ? 6.592   -2.848  -8.626  1.00 7.24  ? 120  ALA A N   1 
ATOM   986  C  CA  . ALA A 1 120 ? 5.543   -3.720  -8.059  1.00 7.01  ? 120  ALA A CA  1 
ATOM   987  C  C   . ALA A 1 120 ? 4.196   -3.226  -8.552  1.00 5.62  ? 120  ALA A C   1 
ATOM   988  O  O   . ALA A 1 120 ? 4.053   -2.089  -9.019  1.00 6.66  ? 120  ALA A O   1 
ATOM   989  C  CB  . ALA A 1 120 ? 5.547   -3.711  -6.496  1.00 7.17  ? 120  ALA A CB  1 
ATOM   990  N  N   . SER A 1 121 ? 3.176   -4.055  -8.370  1.00 6.08  ? 121  SER A N   1 
ATOM   991  C  CA  . SER A 1 121 ? 1.821   -3.633  -8.603  1.00 5.32  ? 121  SER A CA  1 
ATOM   992  C  C   . SER A 1 121 ? 1.395   -2.722  -7.445  1.00 5.66  ? 121  SER A C   1 
ATOM   993  O  O   . SER A 1 121 ? 2.217   -2.411  -6.583  1.00 6.10  ? 121  SER A O   1 
ATOM   994  C  CB  . SER A 1 121 ? 0.905   -4.849  -8.695  1.00 7.00  ? 121  SER A CB  1 
ATOM   995  O  OG  . SER A 1 121 ? 1.337   -5.705  -9.758  1.00 7.28  ? 121  SER A OG  1 
ATOM   996  N  N   . TYR A 1 122 ? 0.148   -2.241  -7.412  1.00 5.58  ? 122  TYR A N   1 
ATOM   997  C  CA  . TYR A 1 122 ? -0.182  -1.261  -6.382  1.00 5.92  ? 122  TYR A CA  1 
ATOM   998  C  C   . TYR A 1 122 ? -1.647  -1.210  -6.075  1.00 6.10  ? 122  TYR A C   1 
ATOM   999  O  O   . TYR A 1 122 ? -2.459  -1.621  -6.906  1.00 6.79  ? 122  TYR A O   1 
ATOM   1000 C  CB  . TYR A 1 122 ? 0.351   0.128   -6.742  1.00 6.86  ? 122  TYR A CB  1 
ATOM   1001 C  CG  . TYR A 1 122 ? -0.074  0.697   -8.070  1.00 8.51  ? 122  TYR A CG  1 
ATOM   1002 C  CD1 . TYR A 1 122 ? -1.039  1.698   -8.076  1.00 6.63  ? 122  TYR A CD1 1 
ATOM   1003 C  CD2 . TYR A 1 122 ? 0.572   0.358   -9.285  1.00 7.84  ? 122  TYR A CD2 1 
ATOM   1004 C  CE1 . TYR A 1 122 ? -1.441  2.304   -9.264  1.00 9.69  ? 122  TYR A CE1 1 
ATOM   1005 C  CE2 . TYR A 1 122 ? 0.142   0.992   -10.485 1.00 8.68  ? 122  TYR A CE2 1 
ATOM   1006 C  CZ  . TYR A 1 122 ? -0.857  1.912   -10.412 1.00 8.47  ? 122  TYR A CZ  1 
ATOM   1007 O  OH  . TYR A 1 122 ? -1.260  2.575   -11.607 1.00 13.52 ? 122  TYR A OH  1 
ATOM   1008 N  N   . LEU A 1 123 ? -2.000  -0.733  -4.881  1.00 5.55  ? 123  LEU A N   1 
ATOM   1009 C  CA  . LEU A 1 123 ? -3.378  -0.566  -4.429  1.00 5.95  ? 123  LEU A CA  1 
ATOM   1010 C  C   . LEU A 1 123 ? -3.627  0.899   -4.206  1.00 7.12  ? 123  LEU A C   1 
ATOM   1011 O  O   . LEU A 1 123 ? -2.862  1.556   -3.512  1.00 6.20  ? 123  LEU A O   1 
ATOM   1012 C  CB  . LEU A 1 123 ? -3.567  -1.341  -3.112  1.00 6.06  ? 123  LEU A CB  1 
ATOM   1013 C  CG  . LEU A 1 123 ? -3.592  -2.844  -3.249  1.00 5.34  ? 123  LEU A CG  1 
ATOM   1014 C  CD1 . LEU A 1 123 ? -3.121  -3.514  -1.927  1.00 6.91  ? 123  LEU A CD1 1 
ATOM   1015 C  CD2 . LEU A 1 123 ? -5.004  -3.321  -3.638  1.00 6.68  ? 123  LEU A CD2 1 
ATOM   1016 N  N   . CYS A 1 124 ? -4.758  1.406   -4.729  1.00 6.80  ? 124  CYS A N   1 
ATOM   1017 C  CA  . CYS A 1 124 ? -5.195  2.795   -4.503  1.00 8.22  ? 124  CYS A CA  1 
ATOM   1018 C  C   . CYS A 1 124 ? -6.436  2.821   -3.652  1.00 7.99  ? 124  CYS A C   1 
ATOM   1019 O  O   . CYS A 1 124 ? -7.190  1.837   -3.632  1.00 8.01  ? 124  CYS A O   1 
ATOM   1020 C  CB  . CYS A 1 124 ? -5.507  3.531   -5.782  1.00 9.03  ? 124  CYS A CB  1 
ATOM   1021 S  SG  . CYS A 1 124 ? -4.206  3.596   -7.035  1.00 9.18  ? 124  CYS A SG  1 
ATOM   1022 N  N   . GLN A 1 125 ? -6.649  3.948   -2.964  1.00 8.44  ? 125  GLN A N   1 
ATOM   1023 C  CA  . GLN A 1 125 ? -7.792  4.172   -2.174  1.00 8.74  ? 125  GLN A CA  1 
ATOM   1024 C  C   . GLN A 1 125 ? -8.288  5.575   -2.461  1.00 9.60  ? 125  GLN A C   1 
ATOM   1025 O  O   . GLN A 1 125 ? -7.525  6.493   -2.684  1.00 9.35  ? 125  GLN A O   1 
ATOM   1026 C  CB  . GLN A 1 125 ? -7.478  3.932   -0.689  1.00 11.90 ? 125  GLN A CB  1 
ATOM   1027 C  CG  . GLN A 1 125 ? -7.356  5.059   0.211   1.00 14.90 ? 125  GLN A CG  1 
ATOM   1028 C  CD  . GLN A 1 125 ? -7.064  4.683   1.648   1.00 10.36 ? 125  GLN A CD  1 
ATOM   1029 O  OE1 . GLN A 1 125 ? -6.525  3.602   1.941   1.00 8.67  ? 125  GLN A OE1 1 
ATOM   1030 N  NE2 . GLN A 1 125 ? -7.437  5.585   2.567   1.00 10.91 ? 125  GLN A NE2 1 
ATOM   1031 N  N   . ARG A 1 126 ? -9.602  5.736   -2.422  1.00 10.48 ? 126  ARG A N   1 
ATOM   1032 C  CA  . ARG A 1 126 ? -10.208 7.057   -2.502  1.00 10.91 ? 126  ARG A CA  1 
ATOM   1033 C  C   . ARG A 1 126 ? -11.456 7.037   -1.634  1.00 9.89  ? 126  ARG A C   1 
ATOM   1034 O  O   . ARG A 1 126 ? -12.025 5.997   -1.336  1.00 10.19 ? 126  ARG A O   1 
ATOM   1035 C  CB  . ARG A 1 126 ? -10.526 7.486   -3.927  1.00 15.28 ? 126  ARG A CB  1 
ATOM   1036 C  CG  . ARG A 1 126 ? -11.464 6.625   -4.664  1.00 16.04 ? 126  ARG A CG  1 
ATOM   1037 C  CD  . ARG A 1 126 ? -11.593 7.041   -6.188  1.00 14.65 ? 126  ARG A CD  1 
ATOM   1038 N  NE  . ARG A 1 126 ? -12.734 7.917   -6.450  1.00 16.40 ? 126  ARG A NE  1 
ATOM   1039 C  CZ  . ARG A 1 126 ? -12.910 8.601   -7.580  1.00 16.04 ? 126  ARG A CZ  1 
ATOM   1040 N  NH1 . ARG A 1 126 ? -11.972 8.680   -8.515  1.00 17.44 ? 126  ARG A NH1 1 
ATOM   1041 N  NH2 . ARG A 1 126 ? -14.029 9.315   -7.741  1.00 20.66 ? 126  ARG A NH2 1 
ATOM   1042 N  N   . ALA A 1 127 ? -11.901 8.218   -1.259  1.00 10.85 ? 127  ALA A N   1 
ATOM   1043 C  CA  . ALA A 1 127 ? -13.104 8.368   -0.465  1.00 10.34 ? 127  ALA A CA  1 
ATOM   1044 C  C   . ALA A 1 127 ? -14.344 8.036   -1.310  1.00 11.10 ? 127  ALA A C   1 
ATOM   1045 O  O   . ALA A 1 127 ? -14.454 8.394   -2.494  1.00 11.92 ? 127  ALA A O   1 
ATOM   1046 C  CB  . ALA A 1 127 ? -13.228 9.843   -0.007  1.00 12.51 ? 127  ALA A CB  1 
ATOM   1047 N  N   . ALA A 1 128 ? -15.249 7.322   -0.673  1.00 12.26 ? 128  ALA A N   1 
ATOM   1048 C  CA  . ALA A 1 128 ? -16.560 7.060   -1.261  1.00 13.48 ? 128  ALA A CA  1 
ATOM   1049 C  C   . ALA A 1 128 ? -17.264 8.415   -1.420  1.00 16.93 ? 128  ALA A C   1 
ATOM   1050 O  O   . ALA A 1 128 ? -17.030 9.358   -0.670  1.00 17.22 ? 128  ALA A O   1 
ATOM   1051 C  CB  . ALA A 1 128 ? -17.368 6.079   -0.353  1.00 13.19 ? 128  ALA A CB  1 
ATOM   1052 N  N   . GLU A 1 129 ? -18.083 8.512   -2.452  1.00 19.72 ? 129  GLU A N   1 
ATOM   1053 C  CA  . GLU A 1 129 ? -18.844 9.744   -2.723  1.00 22.56 ? 129  GLU A CA  1 
ATOM   1054 C  C   . GLU A 1 129 ? -20.267 9.491   -2.291  1.00 24.82 ? 129  GLU A C   1 
ATOM   1055 O  O   . GLU A 1 129 ? -20.667 8.374   -1.916  1.00 26.30 ? 129  GLU A O   1 
ATOM   1056 C  CB  . GLU A 1 129 ? -18.800 10.094  -4.207  1.00 23.99 ? 129  GLU A CB  1 
HETATM 1057 CA CA  . CA  B 2 .   ? 12.389  -5.930  4.052   1.00 6.42  ? 200  CA  A CA  1 
HETATM 1058 C  C1  . GOL C 3 .   ? 12.683  -8.382  0.073   1.00 12.80 ? 300  GOL A C1  1 
HETATM 1059 O  O1  . GOL C 3 .   ? 13.213  -9.650  -0.211  1.00 16.43 ? 300  GOL A O1  1 
HETATM 1060 C  C2  . GOL C 3 .   ? 13.053  -7.980  1.503   1.00 10.52 ? 300  GOL A C2  1 
HETATM 1061 O  O2  . GOL C 3 .   ? 12.538  -6.673  1.673   1.00 8.27  ? 300  GOL A O2  1 
HETATM 1062 C  C3  . GOL C 3 .   ? 12.479  -8.946  2.545   1.00 8.38  ? 300  GOL A C3  1 
HETATM 1063 O  O3  . GOL C 3 .   ? 12.740  -8.383  3.810   1.00 7.65  ? 300  GOL A O3  1 
HETATM 1064 C  C1  . GOL D 3 .   ? 0.952   -11.670 -10.705 1.00 28.37 ? 400  GOL A C1  1 
HETATM 1065 O  O1  . GOL D 3 .   ? -0.446  -11.621 -10.695 1.00 33.32 ? 400  GOL A O1  1 
HETATM 1066 C  C2  . GOL D 3 .   ? 1.561   -10.448 -10.038 1.00 25.44 ? 400  GOL A C2  1 
HETATM 1067 O  O2  . GOL D 3 .   ? 2.131   -9.605  -11.026 1.00 23.60 ? 400  GOL A O2  1 
HETATM 1068 C  C3  . GOL D 3 .   ? 2.620   -10.918 -9.057  1.00 23.19 ? 400  GOL A C3  1 
HETATM 1069 O  O3  . GOL D 3 .   ? 3.305   -9.832  -8.564  1.00 15.19 ? 400  GOL A O3  1 
HETATM 1070 C  C1  . CIT E 4 .   ? 19.517  3.678   -3.211  1.00 12.30 ? 500  CIT A C1  1 
HETATM 1071 O  O1  . CIT E 4 .   ? 20.278  3.112   -2.400  1.00 12.21 ? 500  CIT A O1  1 
HETATM 1072 O  O2  . CIT E 4 .   ? 19.068  4.818   -3.066  1.00 14.05 ? 500  CIT A O2  1 
HETATM 1073 C  C2  . CIT E 4 .   ? 19.185  2.917   -4.485  1.00 12.45 ? 500  CIT A C2  1 
HETATM 1074 C  C3  . CIT E 4 .   ? 17.753  3.154   -5.042  1.00 16.62 ? 500  CIT A C3  1 
HETATM 1075 O  O7  . CIT E 4 .   ? 17.504  4.547   -5.580  1.00 12.31 ? 500  CIT A O7  1 
HETATM 1076 C  C4  . CIT E 4 .   ? 16.759  2.689   -3.973  1.00 18.28 ? 500  CIT A C4  1 
HETATM 1077 C  C5  . CIT E 4 .   ? 15.332  2.753   -4.577  1.00 12.27 ? 500  CIT A C5  1 
HETATM 1078 O  O3  . CIT E 4 .   ? 14.679  3.799   -4.645  1.00 16.47 ? 500  CIT A O3  1 
HETATM 1079 O  O4  . CIT E 4 .   ? 14.933  1.790   -5.101  1.00 12.22 ? 500  CIT A O4  1 
HETATM 1080 C  C6  . CIT E 4 .   ? 17.593  2.280   -6.309  1.00 18.32 ? 500  CIT A C6  1 
HETATM 1081 O  O5  . CIT E 4 .   ? 17.197  2.796   -7.411  1.00 18.99 ? 500  CIT A O5  1 
HETATM 1082 O  O6  . CIT E 4 .   ? 17.832  1.042   -6.289  1.00 19.71 ? 500  CIT A O6  1 
HETATM 1083 O  O   . HOH F 5 .   ? -17.642 7.409   -6.405  1.00 31.80 ? 2001 HOH A O   1 
HETATM 1084 O  O   . HOH F 5 .   ? -10.878 11.602  2.308   1.00 31.30 ? 2002 HOH A O   1 
HETATM 1085 O  O   . HOH F 5 .   ? -12.597 0.507   -12.273 1.00 16.75 ? 2003 HOH A O   1 
HETATM 1086 O  O   . HOH F 5 .   ? -18.117 4.801   -12.438 1.00 22.71 ? 2004 HOH A O   1 
HETATM 1087 O  O   . HOH F 5 .   ? -20.331 2.030   -9.123  1.00 26.76 ? 2005 HOH A O   1 
HETATM 1088 O  O   . HOH F 5 .   ? -22.046 0.680   -15.309 1.00 12.31 ? 2006 HOH A O   1 
HETATM 1089 O  O   . HOH F 5 .   ? -16.500 -3.199  -13.387 1.00 38.02 ? 2007 HOH A O   1 
HETATM 1090 O  O   . HOH F 5 .   ? -18.599 -1.997  -9.649  1.00 31.29 ? 2008 HOH A O   1 
HETATM 1091 O  O   . HOH F 5 .   ? -11.675 -3.557  -11.217 1.00 30.89 ? 2009 HOH A O   1 
HETATM 1092 O  O   . HOH F 5 .   ? -13.123 6.705   5.722   1.00 21.86 ? 2010 HOH A O   1 
HETATM 1093 O  O   . HOH F 5 .   ? -15.015 10.188  3.801   1.00 34.63 ? 2011 HOH A O   1 
HETATM 1094 O  O   . HOH F 5 .   ? -11.014 9.058   2.825   1.00 18.03 ? 2012 HOH A O   1 
HETATM 1095 O  O   . HOH F 5 .   ? -17.868 -0.017  -7.193  1.00 29.30 ? 2013 HOH A O   1 
HETATM 1096 O  O   . HOH F 5 .   ? -11.924 -3.653  -7.196  1.00 13.98 ? 2014 HOH A O   1 
HETATM 1097 O  O   . HOH F 5 .   ? -17.582 -4.162  -1.361  0.50 28.50 ? 2015 HOH A O   1 
HETATM 1098 O  O   . HOH F 5 .   ? -19.971 1.171   -4.597  1.00 39.36 ? 2016 HOH A O   1 
HETATM 1099 O  O   . HOH F 5 .   ? -21.035 4.944   1.585   1.00 48.42 ? 2017 HOH A O   1 
HETATM 1100 O  O   . HOH F 5 .   ? -17.866 -2.814  -3.786  1.00 34.03 ? 2018 HOH A O   1 
HETATM 1101 O  O   . HOH F 5 .   ? -14.952 -4.718  1.397   1.00 11.76 ? 2019 HOH A O   1 
HETATM 1102 O  O   . HOH F 5 .   ? -20.286 -0.405  0.818   1.00 31.74 ? 2020 HOH A O   1 
HETATM 1103 O  O   . HOH F 5 .   ? 11.741  4.499   -10.877 1.00 31.29 ? 2021 HOH A O   1 
HETATM 1104 O  O   . HOH F 5 .   ? 6.809   10.884  -4.276  1.00 36.86 ? 2022 HOH A O   1 
HETATM 1105 O  O   . HOH F 5 .   ? -18.436 -1.998  3.149   1.00 11.68 ? 2023 HOH A O   1 
HETATM 1106 O  O   . HOH F 5 .   ? -13.531 8.126   3.400   1.00 17.89 ? 2024 HOH A O   1 
HETATM 1107 O  O   . HOH F 5 .   ? -14.158 4.297   6.034   1.00 16.15 ? 2025 HOH A O   1 
HETATM 1108 O  O   . HOH F 5 .   ? -20.429 6.243   7.301   1.00 42.89 ? 2026 HOH A O   1 
HETATM 1109 O  O   . HOH F 5 .   ? -15.877 4.500   8.380   1.00 32.93 ? 2027 HOH A O   1 
HETATM 1110 O  O   . HOH F 5 .   ? -19.779 6.881   2.059   1.00 43.59 ? 2028 HOH A O   1 
HETATM 1111 O  O   . HOH F 5 .   ? -7.112  1.668   3.843   1.00 8.77  ? 2029 HOH A O   1 
HETATM 1112 O  O   . HOH F 5 .   ? -7.188  9.020   4.400   1.00 35.55 ? 2030 HOH A O   1 
HETATM 1113 O  O   . HOH F 5 .   ? -9.412  -4.200  -7.792  1.00 10.59 ? 2031 HOH A O   1 
HETATM 1114 O  O   . HOH F 5 .   ? -8.742  -4.269  -10.417 1.00 23.31 ? 2032 HOH A O   1 
HETATM 1115 O  O   . HOH F 5 .   ? -0.108  -7.989  -11.142 1.00 20.97 ? 2033 HOH A O   1 
HETATM 1116 O  O   . HOH F 5 .   ? -12.554 2.409   9.480   1.00 29.73 ? 2034 HOH A O   1 
HETATM 1117 O  O   . HOH F 5 .   ? -2.400  1.338   -13.730 1.00 21.93 ? 2035 HOH A O   1 
HETATM 1118 O  O   . HOH F 5 .   ? -7.799  -1.804  -14.132 1.00 17.03 ? 2036 HOH A O   1 
HETATM 1119 O  O   . HOH F 5 .   ? -10.513 6.492   6.736   1.00 28.30 ? 2037 HOH A O   1 
HETATM 1120 O  O   . HOH F 5 .   ? -4.953  -2.895  -13.432 1.00 16.48 ? 2038 HOH A O   1 
HETATM 1121 O  O   . HOH F 5 .   ? -4.821  -5.062  -14.898 1.00 17.27 ? 2039 HOH A O   1 
HETATM 1122 O  O   . HOH F 5 .   ? -8.225  -13.244 2.448   1.00 30.33 ? 2040 HOH A O   1 
HETATM 1123 O  O   . HOH F 5 .   ? 4.572   -1.392  -16.077 1.00 25.78 ? 2041 HOH A O   1 
HETATM 1124 O  O   . HOH F 5 .   ? -7.816  -17.700 -3.916  1.00 43.77 ? 2042 HOH A O   1 
HETATM 1125 O  O   . HOH F 5 .   ? 7.810   3.054   -12.544 1.00 18.15 ? 2043 HOH A O   1 
HETATM 1126 O  O   . HOH F 5 .   ? 9.748   6.723   -10.436 1.00 30.33 ? 2044 HOH A O   1 
HETATM 1127 O  O   . HOH F 5 .   ? 4.752   10.406  -6.472  1.00 17.71 ? 2045 HOH A O   1 
HETATM 1128 O  O   . HOH F 5 .   ? 5.702   3.765   -14.142 1.00 33.55 ? 2046 HOH A O   1 
HETATM 1129 O  O   . HOH F 5 .   ? 2.333   7.397   -12.750 1.00 24.48 ? 2047 HOH A O   1 
HETATM 1130 O  O   . HOH F 5 .   ? 11.521  10.870  1.125   1.00 33.43 ? 2048 HOH A O   1 
HETATM 1131 O  O   . HOH F 5 .   ? 7.192   3.014   13.345  1.00 30.89 ? 2049 HOH A O   1 
HETATM 1132 O  O   . HOH F 5 .   ? 11.316  0.615   12.231  1.00 27.83 ? 2050 HOH A O   1 
HETATM 1133 O  O   . HOH F 5 .   ? 7.451   9.795   13.900  1.00 24.90 ? 2051 HOH A O   1 
HETATM 1134 O  O   . HOH F 5 .   ? -0.876  12.457  -10.342 1.00 21.63 ? 2052 HOH A O   1 
HETATM 1135 O  O   . HOH F 5 .   ? -2.075  12.983  -0.828  1.00 41.56 ? 2053 HOH A O   1 
HETATM 1136 O  O   . HOH F 5 .   ? 2.206   4.011   -12.123 1.00 28.97 ? 2054 HOH A O   1 
HETATM 1137 O  O   . HOH F 5 .   ? 1.026   13.795  12.753  1.00 36.31 ? 2055 HOH A O   1 
HETATM 1138 O  O   . HOH F 5 .   ? -2.912  14.164  -9.113  1.00 40.51 ? 2056 HOH A O   1 
HETATM 1139 O  O   . HOH F 5 .   ? 0.556   13.741  -8.701  1.00 39.73 ? 2057 HOH A O   1 
HETATM 1140 O  O   . HOH F 5 .   ? 8.852   -12.556 4.461   1.00 28.46 ? 2058 HOH A O   1 
HETATM 1141 O  O   . HOH F 5 .   ? -6.934  13.688  -11.464 1.00 35.61 ? 2059 HOH A O   1 
HETATM 1142 O  O   . HOH F 5 .   ? 21.970  -3.799  -2.165  1.00 34.06 ? 2060 HOH A O   1 
HETATM 1143 O  O   . HOH F 5 .   ? -11.621 11.568  -5.478  1.00 27.46 ? 2061 HOH A O   1 
HETATM 1144 O  O   . HOH F 5 .   ? 19.186  -3.809  -3.060  1.00 38.41 ? 2062 HOH A O   1 
HETATM 1145 O  O   . HOH F 5 .   ? -5.241  12.613  -4.121  1.00 24.18 ? 2063 HOH A O   1 
HETATM 1146 O  O   . HOH F 5 .   ? 15.028  -5.686  -3.584  1.00 21.43 ? 2064 HOH A O   1 
HETATM 1147 O  O   . HOH F 5 .   ? -4.854  7.126   5.914   1.00 17.89 ? 2065 HOH A O   1 
HETATM 1148 O  O   . HOH F 5 .   ? -6.572  4.987   5.374   1.00 10.64 ? 2066 HOH A O   1 
HETATM 1149 O  O   . HOH F 5 .   ? -0.716  7.090   0.310   1.00 9.19  ? 2067 HOH A O   1 
HETATM 1150 O  O   . HOH F 5 .   ? -8.037  5.912   9.626   1.00 38.30 ? 2068 HOH A O   1 
HETATM 1151 O  O   . HOH F 5 .   ? -0.981  2.771   11.289  1.00 14.49 ? 2069 HOH A O   1 
HETATM 1152 O  O   . HOH F 5 .   ? -5.090  2.736   13.708  1.00 28.88 ? 2070 HOH A O   1 
HETATM 1153 O  O   . HOH F 5 .   ? 8.747   -4.370  -14.414 1.00 33.62 ? 2071 HOH A O   1 
HETATM 1154 O  O   . HOH F 5 .   ? 11.347  -5.970  -11.719 1.00 34.13 ? 2072 HOH A O   1 
HETATM 1155 O  O   . HOH F 5 .   ? -11.874 -0.428  9.482   1.00 16.69 ? 2073 HOH A O   1 
HETATM 1156 O  O   . HOH F 5 .   ? -7.885  9.614   -0.505  1.00 29.34 ? 2074 HOH A O   1 
HETATM 1157 O  O   . HOH F 5 .   ? -12.541 2.488   7.030   1.00 34.49 ? 2075 HOH A O   1 
HETATM 1158 O  O   . HOH F 5 .   ? -8.538  4.643   7.234   1.00 14.25 ? 2076 HOH A O   1 
HETATM 1159 O  O   . HOH F 5 .   ? -8.317  -11.180 4.245   1.00 17.87 ? 2077 HOH A O   1 
HETATM 1160 O  O   . HOH F 5 .   ? -6.579  -8.802  10.766  1.00 32.49 ? 2078 HOH A O   1 
HETATM 1161 O  O   . HOH F 5 .   ? -12.129 -10.419 10.708  1.00 21.95 ? 2079 HOH A O   1 
HETATM 1162 O  O   . HOH F 5 .   ? -11.589 -7.681  -0.545  1.00 15.80 ? 2080 HOH A O   1 
HETATM 1163 O  O   . HOH F 5 .   ? -7.123  -16.129 -6.583  1.00 26.56 ? 2081 HOH A O   1 
HETATM 1164 O  O   . HOH F 5 .   ? -3.652  -15.774 -5.019  1.00 25.42 ? 2082 HOH A O   1 
HETATM 1165 O  O   . HOH F 5 .   ? -8.722  -14.713 -9.188  1.00 38.24 ? 2083 HOH A O   1 
HETATM 1166 O  O   . HOH F 5 .   ? -9.082  -15.713 -2.112  1.00 41.24 ? 2084 HOH A O   1 
HETATM 1167 O  O   . HOH F 5 .   ? -11.356 -8.620  -2.594  1.00 23.55 ? 2085 HOH A O   1 
HETATM 1168 O  O   . HOH F 5 .   ? -8.617  -6.726  -10.809 1.00 29.23 ? 2086 HOH A O   1 
HETATM 1169 O  O   . HOH F 5 .   ? -2.510  -9.301  -11.238 1.00 19.56 ? 2087 HOH A O   1 
HETATM 1170 O  O   . HOH F 5 .   ? -5.082  -7.730  -11.797 1.00 16.32 ? 2088 HOH A O   1 
HETATM 1171 O  O   . HOH F 5 .   ? -9.873  -6.915  -7.007  1.00 15.70 ? 2089 HOH A O   1 
HETATM 1172 O  O   . HOH F 5 .   ? -0.983  -16.309 -8.059  1.00 26.95 ? 2090 HOH A O   1 
HETATM 1173 O  O   . HOH F 5 .   ? 2.181   -14.058 -6.757  1.00 22.03 ? 2091 HOH A O   1 
HETATM 1174 O  O   . HOH F 5 .   ? 3.073   -6.551  -6.991  1.00 7.24  ? 2092 HOH A O   1 
HETATM 1175 O  O   . HOH F 5 .   ? 2.960   -11.854 -5.298  1.00 9.31  ? 2093 HOH A O   1 
HETATM 1176 O  O   . HOH F 5 .   ? 0.488   -16.049 0.663   1.00 14.92 ? 2094 HOH A O   1 
HETATM 1177 O  O   . HOH F 5 .   ? -0.888  -15.076 -5.559  1.00 13.41 ? 2095 HOH A O   1 
HETATM 1178 O  O   . HOH F 5 .   ? 1.732   -10.496 -1.181  1.00 7.13  ? 2096 HOH A O   1 
HETATM 1179 O  O   . HOH F 5 .   ? 5.630   -15.499 -5.022  1.00 20.50 ? 2097 HOH A O   1 
HETATM 1180 O  O   . HOH F 5 .   ? 10.259  -14.758 -4.371  1.00 36.54 ? 2098 HOH A O   1 
HETATM 1181 O  O   . HOH F 5 .   ? 7.100   -12.773 -7.025  1.00 26.22 ? 2099 HOH A O   1 
HETATM 1182 O  O   . HOH F 5 .   ? 6.018   -7.235  -8.271  1.00 10.71 ? 2100 HOH A O   1 
HETATM 1183 O  O   . HOH F 5 .   ? 9.128   9.131   -2.736  1.00 20.68 ? 2101 HOH A O   1 
HETATM 1184 O  O   . HOH F 5 .   ? 12.411  8.737   2.377   1.00 21.21 ? 2102 HOH A O   1 
HETATM 1185 O  O   . HOH F 5 .   ? 16.285  3.073   8.218   1.00 33.28 ? 2103 HOH A O   1 
HETATM 1186 O  O   . HOH F 5 .   ? 16.704  2.931   5.099   1.00 29.66 ? 2104 HOH A O   1 
HETATM 1187 O  O   . HOH F 5 .   ? 13.627  -0.024  6.809   1.00 12.35 ? 2105 HOH A O   1 
HETATM 1188 O  O   . HOH F 5 .   ? 14.898  7.603   6.102   1.00 28.54 ? 2106 HOH A O   1 
HETATM 1189 O  O   . HOH F 5 .   ? 11.853  5.413   14.144  1.00 37.74 ? 2107 HOH A O   1 
HETATM 1190 O  O   . HOH F 5 .   ? 6.788   9.130   11.439  1.00 19.37 ? 2108 HOH A O   1 
HETATM 1191 O  O   . HOH F 5 .   ? 9.042   4.427   12.540  1.00 20.82 ? 2109 HOH A O   1 
HETATM 1192 O  O   . HOH F 5 .   ? 12.735  0.830   9.845   1.00 21.95 ? 2110 HOH A O   1 
HETATM 1193 O  O   . HOH F 5 .   ? 5.521   4.918   12.462  1.00 18.37 ? 2111 HOH A O   1 
HETATM 1194 O  O   . HOH F 5 .   ? 8.335   10.204  9.406   1.00 23.07 ? 2112 HOH A O   1 
HETATM 1195 O  O   . HOH F 5 .   ? 0.645   14.120  1.272   1.00 42.16 ? 2113 HOH A O   1 
HETATM 1196 O  O   . HOH F 5 .   ? 1.390   12.130  -0.336  1.00 32.15 ? 2114 HOH A O   1 
HETATM 1197 O  O   . HOH F 5 .   ? -0.539  10.084  -0.255  1.00 22.28 ? 2115 HOH A O   1 
HETATM 1198 O  O   . HOH F 5 .   ? 3.626   13.240  3.772   1.00 31.29 ? 2116 HOH A O   1 
HETATM 1199 O  O   . HOH F 5 .   ? -5.043  11.062  5.112   1.00 31.25 ? 2117 HOH A O   1 
HETATM 1200 O  O   . HOH F 5 .   ? -2.740  8.931   8.847   1.00 39.47 ? 2118 HOH A O   1 
HETATM 1201 O  O   . HOH F 5 .   ? 5.362   11.425  11.463  1.00 25.38 ? 2119 HOH A O   1 
HETATM 1202 O  O   . HOH F 5 .   ? 1.783   11.351  13.793  1.00 30.90 ? 2120 HOH A O   1 
HETATM 1203 O  O   . HOH F 5 .   ? -0.329  8.588   14.427  1.00 35.11 ? 2121 HOH A O   1 
HETATM 1204 O  O   . HOH F 5 .   ? -1.564  5.873   11.746  1.00 22.59 ? 2122 HOH A O   1 
HETATM 1205 O  O   . HOH F 5 .   ? 1.937   6.925   16.428  1.00 25.37 ? 2123 HOH A O   1 
HETATM 1206 O  O   . HOH F 5 .   ? -4.561  -7.245  11.648  1.00 22.85 ? 2124 HOH A O   1 
HETATM 1207 O  O   . HOH F 5 .   ? -1.268  -6.156  14.179  1.00 36.38 ? 2125 HOH A O   1 
HETATM 1208 O  O   . HOH F 5 .   ? 2.838   -11.778 9.425   1.00 35.60 ? 2126 HOH A O   1 
HETATM 1209 O  O   . HOH F 5 .   ? -1.383  -9.754  7.197   1.00 24.57 ? 2127 HOH A O   1 
HETATM 1210 O  O   . HOH F 5 .   ? 2.582   -7.776  12.562  1.00 27.90 ? 2128 HOH A O   1 
HETATM 1211 O  O   . HOH F 5 .   ? 8.384   -0.031  12.745  1.00 30.92 ? 2129 HOH A O   1 
HETATM 1212 O  O   . HOH F 5 .   ? 5.661   -11.098 13.466  1.00 18.62 ? 2130 HOH A O   1 
HETATM 1213 O  O   . HOH F 5 .   ? 3.900   -14.122 10.449  1.00 33.10 ? 2131 HOH A O   1 
HETATM 1214 O  O   . HOH F 5 .   ? 10.160  -13.193 13.975  1.00 17.56 ? 2132 HOH A O   1 
HETATM 1215 O  O   . HOH F 5 .   ? 12.249  -13.614 7.976   1.00 23.11 ? 2133 HOH A O   1 
HETATM 1216 O  O   . HOH F 5 .   ? 13.796  -10.235 13.782  1.00 24.71 ? 2134 HOH A O   1 
HETATM 1217 O  O   . HOH F 5 .   ? 15.115  -7.303  11.618  1.00 16.91 ? 2135 HOH A O   1 
HETATM 1218 O  O   . HOH F 5 .   ? 8.894   -9.879  4.150   1.00 12.95 ? 2136 HOH A O   1 
HETATM 1219 O  O   . HOH F 5 .   ? 12.733  -11.159 6.567   1.00 25.15 ? 2137 HOH A O   1 
HETATM 1220 O  O   . HOH F 5 .   ? 9.037   -5.033  13.679  1.00 11.64 ? 2138 HOH A O   1 
HETATM 1221 O  O   . HOH F 5 .   ? 14.381  -1.061  9.717   1.00 27.61 ? 2139 HOH A O   1 
HETATM 1222 O  O   . HOH F 5 .   ? 15.647  -10.120 3.345   1.00 28.01 ? 2140 HOH A O   1 
HETATM 1223 O  O   . HOH F 5 .   ? 18.017  -3.610  10.013  1.00 32.48 ? 2141 HOH A O   1 
HETATM 1224 O  O   . HOH F 5 .   ? 18.637  -6.862  6.880   1.00 36.95 ? 2142 HOH A O   1 
HETATM 1225 O  O   . HOH F 5 .   ? 15.336  -10.360 8.092   1.00 42.90 ? 2143 HOH A O   1 
HETATM 1226 O  O   . HOH F 5 .   ? 20.115  -3.022  7.364   1.00 33.03 ? 2144 HOH A O   1 
HETATM 1227 O  O   . HOH F 5 .   ? 18.921  -0.313  9.447   1.00 28.77 ? 2145 HOH A O   1 
HETATM 1228 O  O   . HOH F 5 .   ? 22.278  -1.348  -0.825  1.00 22.04 ? 2146 HOH A O   1 
HETATM 1229 O  O   . HOH F 5 .   ? 21.320  -5.658  4.867   1.00 23.29 ? 2147 HOH A O   1 
HETATM 1230 O  O   . HOH F 5 .   ? 14.176  2.983   -0.968  1.00 15.58 ? 2148 HOH A O   1 
HETATM 1231 O  O   . HOH F 5 .   ? 17.540  -3.284  -0.955  1.00 12.56 ? 2149 HOH A O   1 
HETATM 1232 O  O   . HOH F 5 .   ? 14.854  -3.879  -1.395  1.00 8.90  ? 2150 HOH A O   1 
HETATM 1233 O  O   . HOH F 5 .   ? 18.154  4.735   1.591   0.50 15.73 ? 2151 HOH A O   1 
HETATM 1234 O  O   . HOH F 5 .   ? 0.743   -15.480 3.185   1.00 23.22 ? 2152 HOH A O   1 
HETATM 1235 O  O   . HOH F 5 .   ? 3.311   -13.032 5.794   1.00 22.62 ? 2153 HOH A O   1 
HETATM 1236 O  O   . HOH F 5 .   ? 6.191   -9.225  5.003   1.00 19.46 ? 2154 HOH A O   1 
HETATM 1237 O  O   . HOH F 5 .   ? 9.569   5.386   -6.024  1.00 9.35  ? 2155 HOH A O   1 
HETATM 1238 O  O   . HOH F 5 .   ? 13.769  -1.614  -10.085 1.00 20.71 ? 2156 HOH A O   1 
HETATM 1239 O  O   . HOH F 5 .   ? 11.224  8.580   -9.107  1.00 35.16 ? 2157 HOH A O   1 
HETATM 1240 O  O   . HOH F 5 .   ? 8.047   -8.712  -9.120  1.00 21.76 ? 2158 HOH A O   1 
HETATM 1241 O  O   . HOH F 5 .   ? 12.400  -9.674  -7.915  1.00 33.99 ? 2159 HOH A O   1 
HETATM 1242 O  O   . HOH F 5 .   ? 12.058  -3.995  -10.139 1.00 20.58 ? 2160 HOH A O   1 
HETATM 1243 O  O   . HOH F 5 .   ? 8.764   -6.078  -11.542 1.00 30.12 ? 2161 HOH A O   1 
HETATM 1244 O  O   . HOH F 5 .   ? 1.511   2.240   -13.708 1.00 31.63 ? 2162 HOH A O   1 
HETATM 1245 O  O   . HOH F 5 .   ? -8.751  7.993   1.445   1.00 19.43 ? 2163 HOH A O   1 
HETATM 1246 O  O   . HOH F 5 .   ? -15.218 7.677   -5.004  1.00 19.22 ? 2164 HOH A O   1 
HETATM 1247 O  O   . HOH F 5 .   ? -10.170 10.427  -2.084  1.00 21.66 ? 2165 HOH A O   1 
HETATM 1248 O  O   . HOH F 5 .   ? -13.502 10.614  -4.025  1.00 32.33 ? 2166 HOH A O   1 
HETATM 1249 O  O   . HOH F 5 .   ? -16.204 12.112  -0.928  1.00 34.60 ? 2167 HOH A O   1 
HETATM 1250 O  O   . HOH F 5 .   ? -16.745 9.497   2.059   1.00 31.98 ? 2168 HOH A O   1 
HETATM 1251 O  O   . HOH F 5 .   ? 11.314  -11.532 0.201   1.00 21.98 ? 2169 HOH A O   1 
HETATM 1252 O  O   . HOH F 5 .   ? 5.922   -10.610 -8.186  1.00 28.44 ? 2170 HOH A O   1 
HETATM 1253 O  O   . HOH F 5 .   ? 19.218  -0.833  -4.642  1.00 21.62 ? 2171 HOH A O   1 
HETATM 1254 O  O   . HOH F 5 .   ? 17.108  5.058   -0.881  0.50 12.11 ? 2172 HOH A O   1 
HETATM 1255 O  O   . HOH F 5 .   ? 19.341  4.347   -8.212  1.00 15.19 ? 2173 HOH A O   1 
HETATM 1256 O  O   . HOH F 5 .   ? 16.095  1.163   -9.327  1.00 30.08 ? 2174 HOH A O   1 
# 
